data_6EZ7
# 
_entry.id   6EZ7 
# 
_audit_conform.dict_name       mmcif_pdbx.dic 
_audit_conform.dict_version    5.383 
_audit_conform.dict_location   http://mmcif.pdb.org/dictionaries/ascii/mmcif_pdbx.dic 
# 
loop_
_database_2.database_id 
_database_2.database_code 
_database_2.pdbx_database_accession 
_database_2.pdbx_DOI 
PDB   6EZ7         pdb_00006ez7 10.2210/pdb6ez7/pdb 
WWPDB D_1200007486 ?            ?                   
# 
loop_
_pdbx_audit_revision_history.ordinal 
_pdbx_audit_revision_history.data_content_type 
_pdbx_audit_revision_history.major_revision 
_pdbx_audit_revision_history.minor_revision 
_pdbx_audit_revision_history.revision_date 
1 'Structure model' 1 0 2018-12-12 
2 'Structure model' 1 1 2024-01-17 
# 
_pdbx_audit_revision_details.ordinal             1 
_pdbx_audit_revision_details.revision_ordinal    1 
_pdbx_audit_revision_details.data_content_type   'Structure model' 
_pdbx_audit_revision_details.provider            repository 
_pdbx_audit_revision_details.type                'Initial release' 
_pdbx_audit_revision_details.description         ? 
_pdbx_audit_revision_details.details             ? 
# 
loop_
_pdbx_audit_revision_group.ordinal 
_pdbx_audit_revision_group.revision_ordinal 
_pdbx_audit_revision_group.data_content_type 
_pdbx_audit_revision_group.group 
1 2 'Structure model' 'Data collection'        
2 2 'Structure model' 'Database references'    
3 2 'Structure model' 'Refinement description' 
# 
loop_
_pdbx_audit_revision_category.ordinal 
_pdbx_audit_revision_category.revision_ordinal 
_pdbx_audit_revision_category.data_content_type 
_pdbx_audit_revision_category.category 
1 2 'Structure model' chem_comp_atom                
2 2 'Structure model' chem_comp_bond                
3 2 'Structure model' database_2                    
4 2 'Structure model' pdbx_initial_refinement_model 
# 
loop_
_pdbx_audit_revision_item.ordinal 
_pdbx_audit_revision_item.revision_ordinal 
_pdbx_audit_revision_item.data_content_type 
_pdbx_audit_revision_item.item 
1 2 'Structure model' '_database_2.pdbx_DOI'                
2 2 'Structure model' '_database_2.pdbx_database_accession' 
# 
_pdbx_database_status.status_code                     REL 
_pdbx_database_status.status_code_sf                  REL 
_pdbx_database_status.status_code_mr                  ? 
_pdbx_database_status.entry_id                        6EZ7 
_pdbx_database_status.recvd_initial_deposition_date   2017-11-14 
_pdbx_database_status.SG_entry                        N 
_pdbx_database_status.deposit_site                    PDBE 
_pdbx_database_status.process_site                    PDBE 
_pdbx_database_status.status_code_cs                  ? 
_pdbx_database_status.methods_development_category    ? 
_pdbx_database_status.pdb_format_compatible           Y 
_pdbx_database_status.status_code_nmr_data            ? 
# 
loop_
_audit_author.name 
_audit_author.pdbx_ordinal 
_audit_author.identifier_ORCID 
'Mohamad, N.' 1 0000-0002-0009-1358 
'Bravo, J.'   2 0000-0001-6695-2846 
# 
_citation.abstract                  ? 
_citation.abstract_id_CAS           ? 
_citation.book_id_ISBN              ? 
_citation.book_publisher            ? 
_citation.book_publisher_city       ? 
_citation.book_title                ? 
_citation.coordinate_linkage        ? 
_citation.country                   ? 
_citation.database_id_Medline       ? 
_citation.details                   ? 
_citation.id                        primary 
_citation.journal_abbrev            'To Be Published' 
_citation.journal_id_ASTM           ? 
_citation.journal_id_CSD            0353 
_citation.journal_id_ISSN           ? 
_citation.journal_full              ? 
_citation.journal_issue             ? 
_citation.journal_volume            ? 
_citation.language                  ? 
_citation.page_first                ? 
_citation.page_last                 ? 
_citation.title                     'Pes4 RRM3 Structure' 
_citation.year                      ? 
_citation.database_id_CSD           ? 
_citation.pdbx_database_id_DOI      ? 
_citation.pdbx_database_id_PubMed   ? 
_citation.unpublished_flag          ? 
# 
loop_
_citation_author.citation_id 
_citation_author.name 
_citation_author.ordinal 
_citation_author.identifier_ORCID 
primary 'Mohamad, N.' 1 ? 
primary 'Bravo, J.'   2 ? 
# 
loop_
_entity.id 
_entity.type 
_entity.src_method 
_entity.pdbx_description 
_entity.formula_weight 
_entity.pdbx_number_of_molecules 
_entity.pdbx_ec 
_entity.pdbx_mutation 
_entity.pdbx_fragment 
_entity.details 
1 polymer     man 'Protein PES4'          9763.218 1  ? ? ? ? 
2 non-polymer syn 'DI(HYDROXYETHYL)ETHER' 106.120  2  ? ? ? ? 
3 water       nat water                   18.015   46 ? ? ? ? 
# 
_entity_name_com.entity_id   1 
_entity_name_com.name        'DNA polymerase epsilon suppressor 4' 
# 
_entity_poly.entity_id                      1 
_entity_poly.type                           'polypeptide(L)' 
_entity_poly.nstd_linkage                   no 
_entity_poly.nstd_monomer                   no 
_entity_poly.pdbx_seq_one_letter_code       
;MNSIFIKNLPTITTRDDILNFFSEVGPIKSIYLSNATKVKYLWAFVTYKNSSDSEKAIKRYNNFYFRGKKLLVTRAQDKE
ERA
;
_entity_poly.pdbx_seq_one_letter_code_can   
;MNSIFIKNLPTITTRDDILNFFSEVGPIKSIYLSNATKVKYLWAFVTYKNSSDSEKAIKRYNNFYFRGKKLLVTRAQDKE
ERA
;
_entity_poly.pdbx_strand_id                 A 
_entity_poly.pdbx_target_identifier         ? 
# 
loop_
_pdbx_entity_nonpoly.entity_id 
_pdbx_entity_nonpoly.name 
_pdbx_entity_nonpoly.comp_id 
2 'DI(HYDROXYETHYL)ETHER' PEG 
3 water                   HOH 
# 
loop_
_entity_poly_seq.entity_id 
_entity_poly_seq.num 
_entity_poly_seq.mon_id 
_entity_poly_seq.hetero 
1 1  MET n 
1 2  ASN n 
1 3  SER n 
1 4  ILE n 
1 5  PHE n 
1 6  ILE n 
1 7  LYS n 
1 8  ASN n 
1 9  LEU n 
1 10 PRO n 
1 11 THR n 
1 12 ILE n 
1 13 THR n 
1 14 THR n 
1 15 ARG n 
1 16 ASP n 
1 17 ASP n 
1 18 ILE n 
1 19 LEU n 
1 20 ASN n 
1 21 PHE n 
1 22 PHE n 
1 23 SER n 
1 24 GLU n 
1 25 VAL n 
1 26 GLY n 
1 27 PRO n 
1 28 ILE n 
1 29 LYS n 
1 30 SER n 
1 31 ILE n 
1 32 TYR n 
1 33 LEU n 
1 34 SER n 
1 35 ASN n 
1 36 ALA n 
1 37 THR n 
1 38 LYS n 
1 39 VAL n 
1 40 LYS n 
1 41 TYR n 
1 42 LEU n 
1 43 TRP n 
1 44 ALA n 
1 45 PHE n 
1 46 VAL n 
1 47 THR n 
1 48 TYR n 
1 49 LYS n 
1 50 ASN n 
1 51 SER n 
1 52 SER n 
1 53 ASP n 
1 54 SER n 
1 55 GLU n 
1 56 LYS n 
1 57 ALA n 
1 58 ILE n 
1 59 LYS n 
1 60 ARG n 
1 61 TYR n 
1 62 ASN n 
1 63 ASN n 
1 64 PHE n 
1 65 TYR n 
1 66 PHE n 
1 67 ARG n 
1 68 GLY n 
1 69 LYS n 
1 70 LYS n 
1 71 LEU n 
1 72 LEU n 
1 73 VAL n 
1 74 THR n 
1 75 ARG n 
1 76 ALA n 
1 77 GLN n 
1 78 ASP n 
1 79 LYS n 
1 80 GLU n 
1 81 GLU n 
1 82 ARG n 
1 83 ALA n 
# 
_entity_src_gen.entity_id                          1 
_entity_src_gen.pdbx_src_id                        1 
_entity_src_gen.pdbx_alt_source_flag               sample 
_entity_src_gen.pdbx_seq_type                      'Biological sequence' 
_entity_src_gen.pdbx_beg_seq_num                   1 
_entity_src_gen.pdbx_end_seq_num                   83 
_entity_src_gen.gene_src_common_name               ? 
_entity_src_gen.gene_src_genus                     ? 
_entity_src_gen.pdbx_gene_src_gene                 'PES4, YFR023W' 
_entity_src_gen.gene_src_species                   ? 
_entity_src_gen.gene_src_strain                    ? 
_entity_src_gen.gene_src_tissue                    ? 
_entity_src_gen.gene_src_tissue_fraction           ? 
_entity_src_gen.gene_src_details                   ? 
_entity_src_gen.pdbx_gene_src_fragment             ? 
_entity_src_gen.pdbx_gene_src_scientific_name      'Saccharomyces cerevisiae S288C' 
_entity_src_gen.pdbx_gene_src_ncbi_taxonomy_id     559292 
_entity_src_gen.pdbx_gene_src_variant              ? 
_entity_src_gen.pdbx_gene_src_cell_line            ? 
_entity_src_gen.pdbx_gene_src_atcc                 ? 
_entity_src_gen.pdbx_gene_src_organ                ? 
_entity_src_gen.pdbx_gene_src_organelle            ? 
_entity_src_gen.pdbx_gene_src_cell                 ? 
_entity_src_gen.pdbx_gene_src_cellular_location    ? 
_entity_src_gen.host_org_common_name               ? 
_entity_src_gen.pdbx_host_org_scientific_name      'Escherichia coli BL21(DE3)' 
_entity_src_gen.pdbx_host_org_ncbi_taxonomy_id     469008 
_entity_src_gen.host_org_genus                     ? 
_entity_src_gen.pdbx_host_org_gene                 ? 
_entity_src_gen.pdbx_host_org_organ                ? 
_entity_src_gen.host_org_species                   ? 
_entity_src_gen.pdbx_host_org_tissue               ? 
_entity_src_gen.pdbx_host_org_tissue_fraction      ? 
_entity_src_gen.pdbx_host_org_strain               ? 
_entity_src_gen.pdbx_host_org_variant              ? 
_entity_src_gen.pdbx_host_org_cell_line            ? 
_entity_src_gen.pdbx_host_org_atcc                 ? 
_entity_src_gen.pdbx_host_org_culture_collection   ? 
_entity_src_gen.pdbx_host_org_cell                 ? 
_entity_src_gen.pdbx_host_org_organelle            ? 
_entity_src_gen.pdbx_host_org_cellular_location    ? 
_entity_src_gen.pdbx_host_org_vector_type          ? 
_entity_src_gen.pdbx_host_org_vector               ? 
_entity_src_gen.host_org_details                   ? 
_entity_src_gen.expression_system_id               ? 
_entity_src_gen.plasmid_name                       ? 
_entity_src_gen.plasmid_details                    ? 
_entity_src_gen.pdbx_description                   ? 
# 
loop_
_chem_comp.id 
_chem_comp.type 
_chem_comp.mon_nstd_flag 
_chem_comp.name 
_chem_comp.pdbx_synonyms 
_chem_comp.formula 
_chem_comp.formula_weight 
ALA 'L-peptide linking' y ALANINE                 ? 'C3 H7 N O2'     89.093  
ARG 'L-peptide linking' y ARGININE                ? 'C6 H15 N4 O2 1' 175.209 
ASN 'L-peptide linking' y ASPARAGINE              ? 'C4 H8 N2 O3'    132.118 
ASP 'L-peptide linking' y 'ASPARTIC ACID'         ? 'C4 H7 N O4'     133.103 
GLN 'L-peptide linking' y GLUTAMINE               ? 'C5 H10 N2 O3'   146.144 
GLU 'L-peptide linking' y 'GLUTAMIC ACID'         ? 'C5 H9 N O4'     147.129 
GLY 'peptide linking'   y GLYCINE                 ? 'C2 H5 N O2'     75.067  
HOH non-polymer         . WATER                   ? 'H2 O'           18.015  
ILE 'L-peptide linking' y ISOLEUCINE              ? 'C6 H13 N O2'    131.173 
LEU 'L-peptide linking' y LEUCINE                 ? 'C6 H13 N O2'    131.173 
LYS 'L-peptide linking' y LYSINE                  ? 'C6 H15 N2 O2 1' 147.195 
MET 'L-peptide linking' y METHIONINE              ? 'C5 H11 N O2 S'  149.211 
PEG non-polymer         . 'DI(HYDROXYETHYL)ETHER' ? 'C4 H10 O3'      106.120 
PHE 'L-peptide linking' y PHENYLALANINE           ? 'C9 H11 N O2'    165.189 
PRO 'L-peptide linking' y PROLINE                 ? 'C5 H9 N O2'     115.130 
SER 'L-peptide linking' y SERINE                  ? 'C3 H7 N O3'     105.093 
THR 'L-peptide linking' y THREONINE               ? 'C4 H9 N O3'     119.119 
TRP 'L-peptide linking' y TRYPTOPHAN              ? 'C11 H12 N2 O2'  204.225 
TYR 'L-peptide linking' y TYROSINE                ? 'C9 H11 N O3'    181.189 
VAL 'L-peptide linking' y VALINE                  ? 'C5 H11 N O2'    117.146 
# 
loop_
_pdbx_poly_seq_scheme.asym_id 
_pdbx_poly_seq_scheme.entity_id 
_pdbx_poly_seq_scheme.seq_id 
_pdbx_poly_seq_scheme.mon_id 
_pdbx_poly_seq_scheme.ndb_seq_num 
_pdbx_poly_seq_scheme.pdb_seq_num 
_pdbx_poly_seq_scheme.auth_seq_num 
_pdbx_poly_seq_scheme.pdb_mon_id 
_pdbx_poly_seq_scheme.auth_mon_id 
_pdbx_poly_seq_scheme.pdb_strand_id 
_pdbx_poly_seq_scheme.pdb_ins_code 
_pdbx_poly_seq_scheme.hetero 
A 1 1  MET 1  0   0   MET MET A . n 
A 1 2  ASN 2  303 303 ASN ASN A . n 
A 1 3  SER 3  304 304 SER SER A . n 
A 1 4  ILE 4  305 305 ILE ILE A . n 
A 1 5  PHE 5  306 306 PHE PHE A . n 
A 1 6  ILE 6  307 307 ILE ILE A . n 
A 1 7  LYS 7  308 308 LYS LYS A . n 
A 1 8  ASN 8  309 309 ASN ASN A . n 
A 1 9  LEU 9  310 310 LEU LEU A . n 
A 1 10 PRO 10 311 311 PRO PRO A . n 
A 1 11 THR 11 312 312 THR THR A . n 
A 1 12 ILE 12 313 313 ILE ILE A . n 
A 1 13 THR 13 314 314 THR THR A . n 
A 1 14 THR 14 315 315 THR THR A . n 
A 1 15 ARG 15 316 316 ARG ARG A . n 
A 1 16 ASP 16 317 317 ASP ASP A . n 
A 1 17 ASP 17 318 318 ASP ASP A . n 
A 1 18 ILE 18 319 319 ILE ILE A . n 
A 1 19 LEU 19 320 320 LEU LEU A . n 
A 1 20 ASN 20 321 321 ASN ASN A . n 
A 1 21 PHE 21 322 322 PHE PHE A . n 
A 1 22 PHE 22 323 323 PHE PHE A . n 
A 1 23 SER 23 324 324 SER SER A . n 
A 1 24 GLU 24 325 325 GLU GLU A . n 
A 1 25 VAL 25 326 326 VAL VAL A . n 
A 1 26 GLY 26 327 327 GLY GLY A . n 
A 1 27 PRO 27 328 328 PRO PRO A . n 
A 1 28 ILE 28 329 329 ILE ILE A . n 
A 1 29 LYS 29 330 330 LYS LYS A . n 
A 1 30 SER 30 331 331 SER SER A . n 
A 1 31 ILE 31 332 332 ILE ILE A . n 
A 1 32 TYR 32 333 333 TYR TYR A . n 
A 1 33 LEU 33 334 334 LEU LEU A . n 
A 1 34 SER 34 335 335 SER SER A . n 
A 1 35 ASN 35 336 336 ASN ASN A . n 
A 1 36 ALA 36 337 337 ALA ALA A . n 
A 1 37 THR 37 338 338 THR ALA A . n 
A 1 38 LYS 38 339 ?   ?   ?   A . n 
A 1 39 VAL 39 340 340 VAL ALA A . n 
A 1 40 LYS 40 341 341 LYS ALA A . n 
A 1 41 TYR 41 342 342 TYR ALA A . n 
A 1 42 LEU 42 343 343 LEU LEU A . n 
A 1 43 TRP 43 344 344 TRP TRP A . n 
A 1 44 ALA 44 345 345 ALA ALA A . n 
A 1 45 PHE 45 346 346 PHE PHE A . n 
A 1 46 VAL 46 347 347 VAL VAL A . n 
A 1 47 THR 47 348 348 THR THR A . n 
A 1 48 TYR 48 349 349 TYR TYR A . n 
A 1 49 LYS 49 350 350 LYS LYS A . n 
A 1 50 ASN 50 351 351 ASN ASN A . n 
A 1 51 SER 51 352 352 SER SER A . n 
A 1 52 SER 52 353 353 SER SER A . n 
A 1 53 ASP 53 354 354 ASP ASP A . n 
A 1 54 SER 54 355 355 SER SER A . n 
A 1 55 GLU 55 356 356 GLU GLU A . n 
A 1 56 LYS 56 357 357 LYS LYS A . n 
A 1 57 ALA 57 358 358 ALA ALA A . n 
A 1 58 ILE 58 359 359 ILE ILE A . n 
A 1 59 LYS 59 360 360 LYS LYS A . n 
A 1 60 ARG 60 361 361 ARG ARG A . n 
A 1 61 TYR 61 362 362 TYR TYR A . n 
A 1 62 ASN 62 363 363 ASN ASN A . n 
A 1 63 ASN 63 364 364 ASN ASN A . n 
A 1 64 PHE 64 365 365 PHE PHE A . n 
A 1 65 TYR 65 366 366 TYR TYR A . n 
A 1 66 PHE 66 367 367 PHE PHE A . n 
A 1 67 ARG 67 368 368 ARG ARG A . n 
A 1 68 GLY 68 369 369 GLY GLY A . n 
A 1 69 LYS 69 370 370 LYS LYS A . n 
A 1 70 LYS 70 371 371 LYS LYS A . n 
A 1 71 LEU 71 372 372 LEU LEU A . n 
A 1 72 LEU 72 373 373 LEU LEU A . n 
A 1 73 VAL 73 374 374 VAL VAL A . n 
A 1 74 THR 74 375 375 THR THR A . n 
A 1 75 ARG 75 376 376 ARG ARG A . n 
A 1 76 ALA 76 377 377 ALA ALA A . n 
A 1 77 GLN 77 378 378 GLN GLN A . n 
A 1 78 ASP 78 379 379 ASP ASP A . n 
A 1 79 LYS 79 380 380 LYS LYS A . n 
A 1 80 GLU 80 381 381 GLU GLU A . n 
A 1 81 GLU 81 382 382 GLU GLU A . n 
A 1 82 ARG 82 383 383 ARG ARG A . n 
A 1 83 ALA 83 384 384 ALA ALA A . n 
# 
loop_
_pdbx_nonpoly_scheme.asym_id 
_pdbx_nonpoly_scheme.entity_id 
_pdbx_nonpoly_scheme.mon_id 
_pdbx_nonpoly_scheme.ndb_seq_num 
_pdbx_nonpoly_scheme.pdb_seq_num 
_pdbx_nonpoly_scheme.auth_seq_num 
_pdbx_nonpoly_scheme.pdb_mon_id 
_pdbx_nonpoly_scheme.auth_mon_id 
_pdbx_nonpoly_scheme.pdb_strand_id 
_pdbx_nonpoly_scheme.pdb_ins_code 
B 2 PEG 1  501 1  PEG PEG A . 
C 2 PEG 1  502 2  PEG PEG A . 
D 3 HOH 1  601 1  HOH HOH A . 
D 3 HOH 2  602 5  HOH HOH A . 
D 3 HOH 3  603 8  HOH HOH A . 
D 3 HOH 4  604 9  HOH HOH A . 
D 3 HOH 5  605 4  HOH HOH A . 
D 3 HOH 6  606 13 HOH HOH A . 
D 3 HOH 7  607 32 HOH HOH A . 
D 3 HOH 8  608 40 HOH HOH A . 
D 3 HOH 9  609 6  HOH HOH A . 
D 3 HOH 10 610 18 HOH HOH A . 
D 3 HOH 11 611 34 HOH HOH A . 
D 3 HOH 12 612 26 HOH HOH A . 
D 3 HOH 13 613 21 HOH HOH A . 
D 3 HOH 14 614 12 HOH HOH A . 
D 3 HOH 15 615 43 HOH HOH A . 
D 3 HOH 16 616 14 HOH HOH A . 
D 3 HOH 17 617 45 HOH HOH A . 
D 3 HOH 18 618 10 HOH HOH A . 
D 3 HOH 19 619 7  HOH HOH A . 
D 3 HOH 20 620 2  HOH HOH A . 
D 3 HOH 21 621 3  HOH HOH A . 
D 3 HOH 22 622 36 HOH HOH A . 
D 3 HOH 23 623 24 HOH HOH A . 
D 3 HOH 24 624 15 HOH HOH A . 
D 3 HOH 25 625 25 HOH HOH A . 
D 3 HOH 26 626 11 HOH HOH A . 
D 3 HOH 27 627 44 HOH HOH A . 
D 3 HOH 28 628 20 HOH HOH A . 
D 3 HOH 29 629 28 HOH HOH A . 
D 3 HOH 30 630 16 HOH HOH A . 
D 3 HOH 31 631 19 HOH HOH A . 
D 3 HOH 32 632 27 HOH HOH A . 
D 3 HOH 33 633 37 HOH HOH A . 
D 3 HOH 34 634 22 HOH HOH A . 
D 3 HOH 35 635 30 HOH HOH A . 
D 3 HOH 36 636 29 HOH HOH A . 
D 3 HOH 37 637 46 HOH HOH A . 
D 3 HOH 38 638 33 HOH HOH A . 
D 3 HOH 39 639 31 HOH HOH A . 
D 3 HOH 40 640 17 HOH HOH A . 
D 3 HOH 41 641 23 HOH HOH A . 
D 3 HOH 42 642 42 HOH HOH A . 
D 3 HOH 43 643 38 HOH HOH A . 
D 3 HOH 44 644 41 HOH HOH A . 
D 3 HOH 45 645 39 HOH HOH A . 
D 3 HOH 46 646 35 HOH HOH A . 
# 
loop_
_pdbx_unobs_or_zero_occ_atoms.id 
_pdbx_unobs_or_zero_occ_atoms.PDB_model_num 
_pdbx_unobs_or_zero_occ_atoms.polymer_flag 
_pdbx_unobs_or_zero_occ_atoms.occupancy_flag 
_pdbx_unobs_or_zero_occ_atoms.auth_asym_id 
_pdbx_unobs_or_zero_occ_atoms.auth_comp_id 
_pdbx_unobs_or_zero_occ_atoms.auth_seq_id 
_pdbx_unobs_or_zero_occ_atoms.PDB_ins_code 
_pdbx_unobs_or_zero_occ_atoms.auth_atom_id 
_pdbx_unobs_or_zero_occ_atoms.label_alt_id 
_pdbx_unobs_or_zero_occ_atoms.label_asym_id 
_pdbx_unobs_or_zero_occ_atoms.label_comp_id 
_pdbx_unobs_or_zero_occ_atoms.label_seq_id 
_pdbx_unobs_or_zero_occ_atoms.label_atom_id 
1  1 Y 1 A THR 338 ? OG1 ? A THR 37 OG1 
2  1 Y 1 A THR 338 ? CG2 ? A THR 37 CG2 
3  1 Y 1 A VAL 340 ? CG1 ? A VAL 39 CG1 
4  1 Y 1 A VAL 340 ? CG2 ? A VAL 39 CG2 
5  1 Y 1 A LYS 341 ? CG  ? A LYS 40 CG  
6  1 Y 1 A LYS 341 ? CD  ? A LYS 40 CD  
7  1 Y 1 A LYS 341 ? CE  ? A LYS 40 CE  
8  1 Y 1 A LYS 341 ? NZ  ? A LYS 40 NZ  
9  1 Y 1 A TYR 342 ? CG  ? A TYR 41 CG  
10 1 Y 1 A TYR 342 ? CD1 ? A TYR 41 CD1 
11 1 Y 1 A TYR 342 ? CD2 ? A TYR 41 CD2 
12 1 Y 1 A TYR 342 ? CE1 ? A TYR 41 CE1 
13 1 Y 1 A TYR 342 ? CE2 ? A TYR 41 CE2 
14 1 Y 1 A TYR 342 ? CZ  ? A TYR 41 CZ  
15 1 Y 1 A TYR 342 ? OH  ? A TYR 41 OH  
# 
loop_
_software.citation_id 
_software.classification 
_software.compiler_name 
_software.compiler_version 
_software.contact_author 
_software.contact_author_email 
_software.date 
_software.description 
_software.dependencies 
_software.hardware 
_software.language 
_software.location 
_software.mods 
_software.name 
_software.os 
_software.os_version 
_software.type 
_software.version 
_software.pdbx_ordinal 
? refinement       ? ? ? ? ? ? ? ? ? ? ? PHENIX  ? ? ? 1.9_1692 1 
? 'data reduction' ? ? ? ? ? ? ? ? ? ? ? XDS     ? ? ? .        2 
? 'data scaling'   ? ? ? ? ? ? ? ? ? ? ? Aimless ? ? ? .        3 
? phasing          ? ? ? ? ? ? ? ? ? ? ? PHASER  ? ? ? .        4 
# 
_cell.angle_alpha                  90.00 
_cell.angle_alpha_esd              ? 
_cell.angle_beta                   90.00 
_cell.angle_beta_esd               ? 
_cell.angle_gamma                  120.00 
_cell.angle_gamma_esd              ? 
_cell.entry_id                     6EZ7 
_cell.details                      ? 
_cell.formula_units_Z              ? 
_cell.length_a                     82.826 
_cell.length_a_esd                 ? 
_cell.length_b                     82.826 
_cell.length_b_esd                 ? 
_cell.length_c                     31.985 
_cell.length_c_esd                 ? 
_cell.volume                       ? 
_cell.volume_esd                   ? 
_cell.Z_PDB                        6 
_cell.reciprocal_angle_alpha       ? 
_cell.reciprocal_angle_beta        ? 
_cell.reciprocal_angle_gamma       ? 
_cell.reciprocal_angle_alpha_esd   ? 
_cell.reciprocal_angle_beta_esd    ? 
_cell.reciprocal_angle_gamma_esd   ? 
_cell.reciprocal_length_a          ? 
_cell.reciprocal_length_b          ? 
_cell.reciprocal_length_c          ? 
_cell.reciprocal_length_a_esd      ? 
_cell.reciprocal_length_b_esd      ? 
_cell.reciprocal_length_c_esd      ? 
_cell.pdbx_unique_axis             ? 
# 
_symmetry.entry_id                         6EZ7 
_symmetry.cell_setting                     ? 
_symmetry.Int_Tables_number                154 
_symmetry.space_group_name_Hall            ? 
_symmetry.space_group_name_H-M             'P 32 2 1' 
_symmetry.pdbx_full_space_group_name_H-M   ? 
# 
_exptl.absorpt_coefficient_mu     ? 
_exptl.absorpt_correction_T_max   ? 
_exptl.absorpt_correction_T_min   ? 
_exptl.absorpt_correction_type    ? 
_exptl.absorpt_process_details    ? 
_exptl.entry_id                   6EZ7 
_exptl.crystals_number            1 
_exptl.details                    ? 
_exptl.method                     'X-RAY DIFFRACTION' 
_exptl.method_details             ? 
# 
_exptl_crystal.colour                      ? 
_exptl_crystal.density_diffrn              ? 
_exptl_crystal.density_Matthews            3.24 
_exptl_crystal.density_method              ? 
_exptl_crystal.density_percent_sol         62.08 
_exptl_crystal.description                 ? 
_exptl_crystal.F_000                       ? 
_exptl_crystal.id                          1 
_exptl_crystal.preparation                 ? 
_exptl_crystal.size_max                    ? 
_exptl_crystal.size_mid                    ? 
_exptl_crystal.size_min                    ? 
_exptl_crystal.size_rad                    ? 
_exptl_crystal.colour_lustre               ? 
_exptl_crystal.colour_modifier             ? 
_exptl_crystal.colour_primary              ? 
_exptl_crystal.density_meas                ? 
_exptl_crystal.density_meas_esd            ? 
_exptl_crystal.density_meas_gt             ? 
_exptl_crystal.density_meas_lt             ? 
_exptl_crystal.density_meas_temp           ? 
_exptl_crystal.density_meas_temp_esd       ? 
_exptl_crystal.density_meas_temp_gt        ? 
_exptl_crystal.density_meas_temp_lt        ? 
_exptl_crystal.pdbx_crystal_image_url      ? 
_exptl_crystal.pdbx_crystal_image_format   ? 
_exptl_crystal.pdbx_mosaicity              ? 
_exptl_crystal.pdbx_mosaicity_esd          ? 
# 
_exptl_crystal_grow.apparatus       ? 
_exptl_crystal_grow.atmosphere      ? 
_exptl_crystal_grow.crystal_id      1 
_exptl_crystal_grow.details         ? 
_exptl_crystal_grow.method          'VAPOR DIFFUSION, SITTING DROP' 
_exptl_crystal_grow.method_ref      ? 
_exptl_crystal_grow.pH              7.4 
_exptl_crystal_grow.pressure        ? 
_exptl_crystal_grow.pressure_esd    ? 
_exptl_crystal_grow.seeding         ? 
_exptl_crystal_grow.seeding_ref     ? 
_exptl_crystal_grow.temp            294 
_exptl_crystal_grow.temp_details    ? 
_exptl_crystal_grow.temp_esd        ? 
_exptl_crystal_grow.time            ? 
_exptl_crystal_grow.pdbx_details    '200 mM Ammonium Sulfate, 30% PEG 8000, 1M MES/NaOH pH 7.4 (additive)' 
_exptl_crystal_grow.pdbx_pH_range   ? 
# 
_diffrn.ambient_environment    ? 
_diffrn.ambient_temp           100 
_diffrn.ambient_temp_details   ? 
_diffrn.ambient_temp_esd       ? 
_diffrn.crystal_id             1 
_diffrn.crystal_support        ? 
_diffrn.crystal_treatment      ? 
_diffrn.details                ? 
_diffrn.id                     1 
_diffrn.ambient_pressure       ? 
_diffrn.ambient_pressure_esd   ? 
_diffrn.ambient_pressure_gt    ? 
_diffrn.ambient_pressure_lt    ? 
_diffrn.ambient_temp_gt        ? 
_diffrn.ambient_temp_lt        ? 
# 
_diffrn_detector.details                      ? 
_diffrn_detector.detector                     PIXEL 
_diffrn_detector.diffrn_id                    1 
_diffrn_detector.type                         'DECTRIS PILATUS 6M' 
_diffrn_detector.area_resol_mean              ? 
_diffrn_detector.dtime                        ? 
_diffrn_detector.pdbx_frames_total            ? 
_diffrn_detector.pdbx_collection_time_total   ? 
_diffrn_detector.pdbx_collection_date         2016-09-17 
# 
_diffrn_radiation.collimation                      ? 
_diffrn_radiation.diffrn_id                        1 
_diffrn_radiation.filter_edge                      ? 
_diffrn_radiation.inhomogeneity                    ? 
_diffrn_radiation.monochromator                    ? 
_diffrn_radiation.polarisn_norm                    ? 
_diffrn_radiation.polarisn_ratio                   ? 
_diffrn_radiation.probe                            ? 
_diffrn_radiation.type                             ? 
_diffrn_radiation.xray_symbol                      ? 
_diffrn_radiation.wavelength_id                    1 
_diffrn_radiation.pdbx_monochromatic_or_laue_m_l   M 
_diffrn_radiation.pdbx_wavelength_list             ? 
_diffrn_radiation.pdbx_wavelength                  ? 
_diffrn_radiation.pdbx_diffrn_protocol             'SINGLE WAVELENGTH' 
_diffrn_radiation.pdbx_analyzer                    ? 
_diffrn_radiation.pdbx_scattering_type             x-ray 
# 
_diffrn_radiation_wavelength.id           1 
_diffrn_radiation_wavelength.wavelength   0.97623 
_diffrn_radiation_wavelength.wt           1.0 
# 
_diffrn_source.current                     ? 
_diffrn_source.details                     ? 
_diffrn_source.diffrn_id                   1 
_diffrn_source.power                       ? 
_diffrn_source.size                        ? 
_diffrn_source.source                      SYNCHROTRON 
_diffrn_source.target                      ? 
_diffrn_source.type                        'DIAMOND BEAMLINE I03' 
_diffrn_source.voltage                     ? 
_diffrn_source.take-off_angle              ? 
_diffrn_source.pdbx_wavelength_list        0.97623 
_diffrn_source.pdbx_wavelength             ? 
_diffrn_source.pdbx_synchrotron_beamline   I03 
_diffrn_source.pdbx_synchrotron_site       Diamond 
# 
_reflns.B_iso_Wilson_estimate            ? 
_reflns.entry_id                         6EZ7 
_reflns.data_reduction_details           ? 
_reflns.data_reduction_method            ? 
_reflns.d_resolution_high                1.9 
_reflns.d_resolution_low                 29.212 
_reflns.details                          ? 
_reflns.limit_h_max                      ? 
_reflns.limit_h_min                      ? 
_reflns.limit_k_max                      ? 
_reflns.limit_k_min                      ? 
_reflns.limit_l_max                      ? 
_reflns.limit_l_min                      ? 
_reflns.number_all                       ? 
_reflns.number_obs                       10165 
_reflns.observed_criterion               ? 
_reflns.observed_criterion_F_max         ? 
_reflns.observed_criterion_F_min         ? 
_reflns.observed_criterion_I_max         ? 
_reflns.observed_criterion_I_min         ? 
_reflns.observed_criterion_sigma_F       ? 
_reflns.observed_criterion_sigma_I       ? 
_reflns.percent_possible_obs             99.99 
_reflns.R_free_details                   ? 
_reflns.Rmerge_F_all                     ? 
_reflns.Rmerge_F_obs                     ? 
_reflns.Friedel_coverage                 ? 
_reflns.number_gt                        ? 
_reflns.threshold_expression             ? 
_reflns.pdbx_redundancy                  13.3 
_reflns.pdbx_Rmerge_I_obs                0.2455 
_reflns.pdbx_Rmerge_I_all                ? 
_reflns.pdbx_Rsym_value                  ? 
_reflns.pdbx_netI_over_av_sigmaI         ? 
_reflns.pdbx_netI_over_sigmaI            6.63 
_reflns.pdbx_res_netI_over_av_sigmaI_2   ? 
_reflns.pdbx_res_netI_over_sigmaI_2      ? 
_reflns.pdbx_chi_squared                 ? 
_reflns.pdbx_scaling_rejects             ? 
_reflns.pdbx_d_res_high_opt              ? 
_reflns.pdbx_d_res_low_opt               ? 
_reflns.pdbx_d_res_opt_method            ? 
_reflns.phase_calculation_details        ? 
_reflns.pdbx_Rrim_I_all                  0.2546 
_reflns.pdbx_Rpim_I_all                  ? 
_reflns.pdbx_d_opt                       ? 
_reflns.pdbx_number_measured_all         ? 
_reflns.pdbx_diffrn_id                   1 
_reflns.pdbx_ordinal                     1 
_reflns.pdbx_CC_half                     ? 
_reflns.pdbx_R_split                     ? 
# 
_reflns_shell.d_res_high                  1.9 
_reflns_shell.d_res_low                   1.94 
_reflns_shell.meanI_over_sigI_all         ? 
_reflns_shell.meanI_over_sigI_obs         ? 
_reflns_shell.number_measured_all         ? 
_reflns_shell.number_measured_obs         ? 
_reflns_shell.number_possible             ? 
_reflns_shell.number_unique_all           ? 
_reflns_shell.number_unique_obs           ? 
_reflns_shell.percent_possible_all        100 
_reflns_shell.percent_possible_obs        ? 
_reflns_shell.Rmerge_F_all                ? 
_reflns_shell.Rmerge_F_obs                ? 
_reflns_shell.Rmerge_I_all                ? 
_reflns_shell.Rmerge_I_obs                ? 
_reflns_shell.meanI_over_sigI_gt          ? 
_reflns_shell.meanI_over_uI_all           ? 
_reflns_shell.meanI_over_uI_gt            ? 
_reflns_shell.number_measured_gt          ? 
_reflns_shell.number_unique_gt            ? 
_reflns_shell.percent_possible_gt         ? 
_reflns_shell.Rmerge_F_gt                 ? 
_reflns_shell.Rmerge_I_gt                 ? 
_reflns_shell.pdbx_redundancy             ? 
_reflns_shell.pdbx_Rsym_value             ? 
_reflns_shell.pdbx_chi_squared            ? 
_reflns_shell.pdbx_netI_over_sigmaI_all   ? 
_reflns_shell.pdbx_netI_over_sigmaI_obs   ? 
_reflns_shell.pdbx_Rrim_I_all             ? 
_reflns_shell.pdbx_Rpim_I_all             ? 
_reflns_shell.pdbx_rejects                ? 
_reflns_shell.pdbx_ordinal                1 
_reflns_shell.pdbx_diffrn_id              1 
_reflns_shell.pdbx_CC_half                ? 
_reflns_shell.pdbx_R_split                ? 
# 
_refine.aniso_B[1][1]                            ? 
_refine.aniso_B[1][2]                            ? 
_refine.aniso_B[1][3]                            ? 
_refine.aniso_B[2][2]                            ? 
_refine.aniso_B[2][3]                            ? 
_refine.aniso_B[3][3]                            ? 
_refine.B_iso_max                                ? 
_refine.B_iso_mean                               ? 
_refine.B_iso_min                                ? 
_refine.correlation_coeff_Fo_to_Fc               ? 
_refine.correlation_coeff_Fo_to_Fc_free          ? 
_refine.details                                  ? 
_refine.diff_density_max                         ? 
_refine.diff_density_max_esd                     ? 
_refine.diff_density_min                         ? 
_refine.diff_density_min_esd                     ? 
_refine.diff_density_rms                         ? 
_refine.diff_density_rms_esd                     ? 
_refine.entry_id                                 6EZ7 
_refine.pdbx_refine_id                           'X-RAY DIFFRACTION' 
_refine.ls_abs_structure_details                 ? 
_refine.ls_abs_structure_Flack                   ? 
_refine.ls_abs_structure_Flack_esd               ? 
_refine.ls_abs_structure_Rogers                  ? 
_refine.ls_abs_structure_Rogers_esd              ? 
_refine.ls_d_res_high                            1.900 
_refine.ls_d_res_low                             29.212 
_refine.ls_extinction_coef                       ? 
_refine.ls_extinction_coef_esd                   ? 
_refine.ls_extinction_expression                 ? 
_refine.ls_extinction_method                     ? 
_refine.ls_goodness_of_fit_all                   ? 
_refine.ls_goodness_of_fit_all_esd               ? 
_refine.ls_goodness_of_fit_obs                   ? 
_refine.ls_goodness_of_fit_obs_esd               ? 
_refine.ls_hydrogen_treatment                    ? 
_refine.ls_matrix_type                           ? 
_refine.ls_number_constraints                    ? 
_refine.ls_number_parameters                     ? 
_refine.ls_number_reflns_all                     ? 
_refine.ls_number_reflns_obs                     9907 
_refine.ls_number_reflns_R_free                  486 
_refine.ls_number_reflns_R_work                  ? 
_refine.ls_number_restraints                     ? 
_refine.ls_percent_reflns_obs                    97.47 
_refine.ls_percent_reflns_R_free                 4.91 
_refine.ls_R_factor_all                          ? 
_refine.ls_R_factor_obs                          0.1962 
_refine.ls_R_factor_R_free                       0.2244 
_refine.ls_R_factor_R_free_error                 ? 
_refine.ls_R_factor_R_free_error_details         ? 
_refine.ls_R_factor_R_work                       0.1945 
_refine.ls_R_Fsqd_factor_obs                     ? 
_refine.ls_R_I_factor_obs                        ? 
_refine.ls_redundancy_reflns_all                 ? 
_refine.ls_redundancy_reflns_obs                 ? 
_refine.ls_restrained_S_all                      ? 
_refine.ls_restrained_S_obs                      ? 
_refine.ls_shift_over_esd_max                    ? 
_refine.ls_shift_over_esd_mean                   ? 
_refine.ls_structure_factor_coef                 ? 
_refine.ls_weighting_details                     ? 
_refine.ls_weighting_scheme                      ? 
_refine.ls_wR_factor_all                         ? 
_refine.ls_wR_factor_obs                         ? 
_refine.ls_wR_factor_R_free                      ? 
_refine.ls_wR_factor_R_work                      ? 
_refine.occupancy_max                            ? 
_refine.occupancy_min                            ? 
_refine.solvent_model_details                    ? 
_refine.solvent_model_param_bsol                 ? 
_refine.solvent_model_param_ksol                 ? 
_refine.ls_R_factor_gt                           ? 
_refine.ls_goodness_of_fit_gt                    ? 
_refine.ls_goodness_of_fit_ref                   ? 
_refine.ls_shift_over_su_max                     ? 
_refine.ls_shift_over_su_max_lt                  ? 
_refine.ls_shift_over_su_mean                    ? 
_refine.ls_shift_over_su_mean_lt                 ? 
_refine.pdbx_ls_sigma_I                          ? 
_refine.pdbx_ls_sigma_F                          0.00 
_refine.pdbx_ls_sigma_Fsqd                       ? 
_refine.pdbx_data_cutoff_high_absF               ? 
_refine.pdbx_data_cutoff_high_rms_absF           ? 
_refine.pdbx_data_cutoff_low_absF                ? 
_refine.pdbx_isotropic_thermal_model             ? 
_refine.pdbx_ls_cross_valid_method               'FREE R-VALUE' 
_refine.pdbx_method_to_determine_struct          'MOLECULAR REPLACEMENT' 
_refine.pdbx_starting_model                      5D77 
_refine.pdbx_stereochemistry_target_values       ? 
_refine.pdbx_R_Free_selection_details            ? 
_refine.pdbx_stereochem_target_val_spec_case     ? 
_refine.pdbx_overall_ESU_R                       ? 
_refine.pdbx_overall_ESU_R_Free                  ? 
_refine.pdbx_solvent_vdw_probe_radii             1.11 
_refine.pdbx_solvent_ion_probe_radii             ? 
_refine.pdbx_solvent_shrinkage_radii             0.90 
_refine.pdbx_real_space_R                        ? 
_refine.pdbx_density_correlation                 ? 
_refine.pdbx_pd_number_of_powder_patterns        ? 
_refine.pdbx_pd_number_of_points                 ? 
_refine.pdbx_pd_meas_number_of_points            ? 
_refine.pdbx_pd_proc_ls_prof_R_factor            ? 
_refine.pdbx_pd_proc_ls_prof_wR_factor           ? 
_refine.pdbx_pd_Marquardt_correlation_coeff      ? 
_refine.pdbx_pd_Fsqrd_R_factor                   ? 
_refine.pdbx_pd_ls_matrix_band_width             ? 
_refine.pdbx_overall_phase_error                 29.48 
_refine.pdbx_overall_SU_R_free_Cruickshank_DPI   ? 
_refine.pdbx_overall_SU_R_free_Blow_DPI          ? 
_refine.pdbx_overall_SU_R_Blow_DPI               ? 
_refine.pdbx_TLS_residual_ADP_flag               ? 
_refine.pdbx_diffrn_id                           1 
_refine.overall_SU_B                             ? 
_refine.overall_SU_ML                            0.20 
_refine.overall_SU_R_Cruickshank_DPI             ? 
_refine.overall_SU_R_free                        ? 
_refine.overall_FOM_free_R_set                   ? 
_refine.overall_FOM_work_R_set                   ? 
_refine.pdbx_average_fsc_overall                 ? 
_refine.pdbx_average_fsc_work                    ? 
_refine.pdbx_average_fsc_free                    ? 
# 
_refine_hist.pdbx_refine_id                   'X-RAY DIFFRACTION' 
_refine_hist.cycle_id                         LAST 
_refine_hist.pdbx_number_atoms_protein        665 
_refine_hist.pdbx_number_atoms_nucleic_acid   0 
_refine_hist.pdbx_number_atoms_ligand         14 
_refine_hist.number_atoms_solvent             46 
_refine_hist.number_atoms_total               725 
_refine_hist.d_res_high                       1.900 
_refine_hist.d_res_low                        29.212 
# 
loop_
_refine_ls_restr.pdbx_refine_id 
_refine_ls_restr.criterion 
_refine_ls_restr.dev_ideal 
_refine_ls_restr.dev_ideal_target 
_refine_ls_restr.number 
_refine_ls_restr.rejects 
_refine_ls_restr.type 
_refine_ls_restr.weight 
_refine_ls_restr.pdbx_restraint_function 
'X-RAY DIFFRACTION' ? 0.003  ? 702 ? f_bond_d           ? ? 
'X-RAY DIFFRACTION' ? 0.717  ? 940 ? f_angle_d          ? ? 
'X-RAY DIFFRACTION' ? 13.867 ? 266 ? f_dihedral_angle_d ? ? 
'X-RAY DIFFRACTION' ? 0.032  ? 103 ? f_chiral_restr     ? ? 
'X-RAY DIFFRACTION' ? 0.003  ? 117 ? f_plane_restr      ? ? 
# 
loop_
_refine_ls_shell.pdbx_refine_id 
_refine_ls_shell.d_res_high 
_refine_ls_shell.d_res_low 
_refine_ls_shell.number_reflns_all 
_refine_ls_shell.number_reflns_obs 
_refine_ls_shell.number_reflns_R_free 
_refine_ls_shell.number_reflns_R_work 
_refine_ls_shell.percent_reflns_obs 
_refine_ls_shell.percent_reflns_R_free 
_refine_ls_shell.R_factor_all 
_refine_ls_shell.R_factor_obs 
_refine_ls_shell.R_factor_R_free 
_refine_ls_shell.R_factor_R_free_error 
_refine_ls_shell.R_factor_R_work 
_refine_ls_shell.redundancy_reflns_all 
_refine_ls_shell.redundancy_reflns_obs 
_refine_ls_shell.wR_factor_all 
_refine_ls_shell.wR_factor_obs 
_refine_ls_shell.wR_factor_R_free 
_refine_ls_shell.wR_factor_R_work 
_refine_ls_shell.pdbx_total_number_of_bins_used 
_refine_ls_shell.pdbx_phase_error 
_refine_ls_shell.pdbx_fsc_work 
_refine_ls_shell.pdbx_fsc_free 
'X-RAY DIFFRACTION' 1.9003 2.1752  . . 130 3013 94.00  . . . 0.2855 . 0.2095 . . . . . . . . . . 
'X-RAY DIFFRACTION' 2.1752 2.7403  . . 167 3132 99.00  . . . 0.2246 . 0.2227 . . . . . . . . . . 
'X-RAY DIFFRACTION' 2.7403 29.2158 . . 189 3276 100.00 . . . 0.2152 . 0.1800 . . . . . . . . . . 
# 
_struct.entry_id                     6EZ7 
_struct.title                        'Pes4 RRM3 Structure' 
_struct.pdbx_model_details           ? 
_struct.pdbx_formula_weight          ? 
_struct.pdbx_formula_weight_method   ? 
_struct.pdbx_model_type_details      ? 
_struct.pdbx_CASP_flag               N 
# 
_struct_keywords.entry_id        6EZ7 
_struct_keywords.text            'RNA Recognition Motif (RRM), RNA BINDING PROTEIN' 
_struct_keywords.pdbx_keywords   'RNA BINDING PROTEIN' 
# 
loop_
_struct_asym.id 
_struct_asym.pdbx_blank_PDB_chainid_flag 
_struct_asym.pdbx_modified 
_struct_asym.entity_id 
_struct_asym.details 
A N N 1 ? 
B N N 2 ? 
C N N 2 ? 
D N N 3 ? 
# 
_struct_ref.id                         1 
_struct_ref.db_name                    UNP 
_struct_ref.db_code                    PES4_YEAST 
_struct_ref.pdbx_db_accession          P39684 
_struct_ref.pdbx_db_isoform            ? 
_struct_ref.entity_id                  1 
_struct_ref.pdbx_seq_one_letter_code   
;QNSIFIKNLPTITTRDDILNFFSEVGPIKSIYLSNATKVKYLWAFVTYKNSSDSEKAIKRYNNFYFRGKKLLVTRAQDKE
ERA
;
_struct_ref.pdbx_align_begin           302 
# 
_struct_ref_seq.align_id                      1 
_struct_ref_seq.ref_id                        1 
_struct_ref_seq.pdbx_PDB_id_code              6EZ7 
_struct_ref_seq.pdbx_strand_id                A 
_struct_ref_seq.seq_align_beg                 1 
_struct_ref_seq.pdbx_seq_align_beg_ins_code   ? 
_struct_ref_seq.seq_align_end                 83 
_struct_ref_seq.pdbx_seq_align_end_ins_code   ? 
_struct_ref_seq.pdbx_db_accession             P39684 
_struct_ref_seq.db_align_beg                  302 
_struct_ref_seq.pdbx_db_align_beg_ins_code    ? 
_struct_ref_seq.db_align_end                  384 
_struct_ref_seq.pdbx_db_align_end_ins_code    ? 
_struct_ref_seq.pdbx_auth_seq_align_beg       0 
_struct_ref_seq.pdbx_auth_seq_align_end       384 
# 
_struct_ref_seq_dif.align_id                     1 
_struct_ref_seq_dif.pdbx_pdb_id_code             6EZ7 
_struct_ref_seq_dif.mon_id                       MET 
_struct_ref_seq_dif.pdbx_pdb_strand_id           A 
_struct_ref_seq_dif.seq_num                      1 
_struct_ref_seq_dif.pdbx_pdb_ins_code            ? 
_struct_ref_seq_dif.pdbx_seq_db_name             UNP 
_struct_ref_seq_dif.pdbx_seq_db_accession_code   P39684 
_struct_ref_seq_dif.db_mon_id                    GLN 
_struct_ref_seq_dif.pdbx_seq_db_seq_num          302 
_struct_ref_seq_dif.details                      'cloning artifact' 
_struct_ref_seq_dif.pdbx_auth_seq_num            0 
_struct_ref_seq_dif.pdbx_ordinal                 1 
# 
_pdbx_struct_assembly.id                   1 
_pdbx_struct_assembly.details              software_defined_assembly 
_pdbx_struct_assembly.method_details       PISA 
_pdbx_struct_assembly.oligomeric_details   monomeric 
_pdbx_struct_assembly.oligomeric_count     1 
# 
loop_
_pdbx_struct_assembly_prop.biol_id 
_pdbx_struct_assembly_prop.type 
_pdbx_struct_assembly_prop.value 
_pdbx_struct_assembly_prop.details 
1 'ABSA (A^2)' 410  ? 
1 MORE         5    ? 
1 'SSA (A^2)'  5530 ? 
# 
_pdbx_struct_assembly_gen.assembly_id       1 
_pdbx_struct_assembly_gen.oper_expression   1 
_pdbx_struct_assembly_gen.asym_id_list      A,B,C,D 
# 
_pdbx_struct_assembly_auth_evidence.id                     1 
_pdbx_struct_assembly_auth_evidence.assembly_id            1 
_pdbx_struct_assembly_auth_evidence.experimental_support   none 
_pdbx_struct_assembly_auth_evidence.details                ? 
# 
_pdbx_struct_oper_list.id                   1 
_pdbx_struct_oper_list.type                 'identity operation' 
_pdbx_struct_oper_list.name                 1_555 
_pdbx_struct_oper_list.symmetry_operation   x,y,z 
_pdbx_struct_oper_list.matrix[1][1]         1.0000000000 
_pdbx_struct_oper_list.matrix[1][2]         0.0000000000 
_pdbx_struct_oper_list.matrix[1][3]         0.0000000000 
_pdbx_struct_oper_list.vector[1]            0.0000000000 
_pdbx_struct_oper_list.matrix[2][1]         0.0000000000 
_pdbx_struct_oper_list.matrix[2][2]         1.0000000000 
_pdbx_struct_oper_list.matrix[2][3]         0.0000000000 
_pdbx_struct_oper_list.vector[2]            0.0000000000 
_pdbx_struct_oper_list.matrix[3][1]         0.0000000000 
_pdbx_struct_oper_list.matrix[3][2]         0.0000000000 
_pdbx_struct_oper_list.matrix[3][3]         1.0000000000 
_pdbx_struct_oper_list.vector[3]            0.0000000000 
# 
loop_
_struct_conf.conf_type_id 
_struct_conf.id 
_struct_conf.pdbx_PDB_helix_id 
_struct_conf.beg_label_comp_id 
_struct_conf.beg_label_asym_id 
_struct_conf.beg_label_seq_id 
_struct_conf.pdbx_beg_PDB_ins_code 
_struct_conf.end_label_comp_id 
_struct_conf.end_label_asym_id 
_struct_conf.end_label_seq_id 
_struct_conf.pdbx_end_PDB_ins_code 
_struct_conf.beg_auth_comp_id 
_struct_conf.beg_auth_asym_id 
_struct_conf.beg_auth_seq_id 
_struct_conf.end_auth_comp_id 
_struct_conf.end_auth_asym_id 
_struct_conf.end_auth_seq_id 
_struct_conf.pdbx_PDB_helix_class 
_struct_conf.details 
_struct_conf.pdbx_PDB_helix_length 
HELX_P HELX_P1 AA1 THR A 14 ? SER A 23 ? THR A 315 SER A 324 1 ? 10 
HELX_P HELX_P2 AA2 ASN A 50 ? ASN A 62 ? ASN A 351 ASN A 363 1 ? 13 
# 
_struct_conf_type.id          HELX_P 
_struct_conf_type.criteria    ? 
_struct_conf_type.reference   ? 
# 
loop_
_struct_sheet.id 
_struct_sheet.type 
_struct_sheet.number_strands 
_struct_sheet.details 
AA1 ? 4 ? 
AA2 ? 2 ? 
# 
loop_
_struct_sheet_order.sheet_id 
_struct_sheet_order.range_id_1 
_struct_sheet_order.range_id_2 
_struct_sheet_order.offset 
_struct_sheet_order.sense 
AA1 1 2 ? anti-parallel 
AA1 2 3 ? anti-parallel 
AA1 3 4 ? anti-parallel 
AA2 1 2 ? anti-parallel 
# 
loop_
_struct_sheet_range.sheet_id 
_struct_sheet_range.id 
_struct_sheet_range.beg_label_comp_id 
_struct_sheet_range.beg_label_asym_id 
_struct_sheet_range.beg_label_seq_id 
_struct_sheet_range.pdbx_beg_PDB_ins_code 
_struct_sheet_range.end_label_comp_id 
_struct_sheet_range.end_label_asym_id 
_struct_sheet_range.end_label_seq_id 
_struct_sheet_range.pdbx_end_PDB_ins_code 
_struct_sheet_range.beg_auth_comp_id 
_struct_sheet_range.beg_auth_asym_id 
_struct_sheet_range.beg_auth_seq_id 
_struct_sheet_range.end_auth_comp_id 
_struct_sheet_range.end_auth_asym_id 
_struct_sheet_range.end_auth_seq_id 
AA1 1 ILE A 28 ? LEU A 33 ? ILE A 329 LEU A 334 
AA1 2 LEU A 42 ? TYR A 48 ? LEU A 343 TYR A 349 
AA1 3 SER A 3  ? LEU A 9  ? SER A 304 LEU A 310 
AA1 4 LEU A 72 ? ARG A 75 ? LEU A 373 ARG A 376 
AA2 1 TYR A 65 ? PHE A 66 ? TYR A 366 PHE A 367 
AA2 2 LYS A 69 ? LYS A 70 ? LYS A 370 LYS A 371 
# 
loop_
_pdbx_struct_sheet_hbond.sheet_id 
_pdbx_struct_sheet_hbond.range_id_1 
_pdbx_struct_sheet_hbond.range_id_2 
_pdbx_struct_sheet_hbond.range_1_label_atom_id 
_pdbx_struct_sheet_hbond.range_1_label_comp_id 
_pdbx_struct_sheet_hbond.range_1_label_asym_id 
_pdbx_struct_sheet_hbond.range_1_label_seq_id 
_pdbx_struct_sheet_hbond.range_1_PDB_ins_code 
_pdbx_struct_sheet_hbond.range_1_auth_atom_id 
_pdbx_struct_sheet_hbond.range_1_auth_comp_id 
_pdbx_struct_sheet_hbond.range_1_auth_asym_id 
_pdbx_struct_sheet_hbond.range_1_auth_seq_id 
_pdbx_struct_sheet_hbond.range_2_label_atom_id 
_pdbx_struct_sheet_hbond.range_2_label_comp_id 
_pdbx_struct_sheet_hbond.range_2_label_asym_id 
_pdbx_struct_sheet_hbond.range_2_label_seq_id 
_pdbx_struct_sheet_hbond.range_2_PDB_ins_code 
_pdbx_struct_sheet_hbond.range_2_auth_atom_id 
_pdbx_struct_sheet_hbond.range_2_auth_comp_id 
_pdbx_struct_sheet_hbond.range_2_auth_asym_id 
_pdbx_struct_sheet_hbond.range_2_auth_seq_id 
AA1 1 2 N SER A 30 ? N SER A 331 O THR A 47 ? O THR A 348 
AA1 2 3 O VAL A 46 ? O VAL A 347 N ILE A 4  ? N ILE A 305 
AA1 3 4 N PHE A 5  ? N PHE A 306 O THR A 74 ? O THR A 375 
AA2 1 2 N PHE A 66 ? N PHE A 367 O LYS A 69 ? O LYS A 370 
# 
loop_
_struct_site.id 
_struct_site.pdbx_evidence_code 
_struct_site.pdbx_auth_asym_id 
_struct_site.pdbx_auth_comp_id 
_struct_site.pdbx_auth_seq_id 
_struct_site.pdbx_auth_ins_code 
_struct_site.pdbx_num_residues 
_struct_site.details 
AC1 Software A PEG 501 ? 3 'binding site for residue PEG A 501' 
AC2 Software A PEG 502 ? 1 'binding site for residue PEG A 502' 
# 
loop_
_struct_site_gen.id 
_struct_site_gen.site_id 
_struct_site_gen.pdbx_num_res 
_struct_site_gen.label_comp_id 
_struct_site_gen.label_asym_id 
_struct_site_gen.label_seq_id 
_struct_site_gen.pdbx_auth_ins_code 
_struct_site_gen.auth_comp_id 
_struct_site_gen.auth_asym_id 
_struct_site_gen.auth_seq_id 
_struct_site_gen.label_atom_id 
_struct_site_gen.label_alt_id 
_struct_site_gen.symmetry 
_struct_site_gen.details 
1 AC1 3 PHE A 5  ? PHE A 306 . ? 1_555 ? 
2 AC1 3 LYS A 7  ? LYS A 308 . ? 1_555 ? 
3 AC1 3 HOH D .  ? HOH A 611 . ? 1_555 ? 
4 AC2 1 ASP A 16 ? ASP A 317 . ? 1_555 ? 
# 
_pdbx_validate_torsion.id              1 
_pdbx_validate_torsion.PDB_model_num   1 
_pdbx_validate_torsion.auth_comp_id    ASN 
_pdbx_validate_torsion.auth_asym_id    A 
_pdbx_validate_torsion.auth_seq_id     336 
_pdbx_validate_torsion.PDB_ins_code    ? 
_pdbx_validate_torsion.label_alt_id    ? 
_pdbx_validate_torsion.phi             -91.52 
_pdbx_validate_torsion.psi             50.94 
# 
_pdbx_struct_special_symmetry.id              1 
_pdbx_struct_special_symmetry.PDB_model_num   1 
_pdbx_struct_special_symmetry.auth_asym_id    A 
_pdbx_struct_special_symmetry.auth_comp_id    HOH 
_pdbx_struct_special_symmetry.auth_seq_id     645 
_pdbx_struct_special_symmetry.PDB_ins_code    ? 
_pdbx_struct_special_symmetry.label_asym_id   D 
_pdbx_struct_special_symmetry.label_comp_id   HOH 
_pdbx_struct_special_symmetry.label_seq_id    . 
# 
loop_
_pdbx_refine_tls.pdbx_refine_id 
_pdbx_refine_tls.id 
_pdbx_refine_tls.details 
_pdbx_refine_tls.method 
_pdbx_refine_tls.origin_x 
_pdbx_refine_tls.origin_y 
_pdbx_refine_tls.origin_z 
_pdbx_refine_tls.T[1][1] 
_pdbx_refine_tls.T[2][2] 
_pdbx_refine_tls.T[3][3] 
_pdbx_refine_tls.T[1][2] 
_pdbx_refine_tls.T[1][3] 
_pdbx_refine_tls.T[2][3] 
_pdbx_refine_tls.L[1][1] 
_pdbx_refine_tls.L[2][2] 
_pdbx_refine_tls.L[3][3] 
_pdbx_refine_tls.L[1][2] 
_pdbx_refine_tls.L[1][3] 
_pdbx_refine_tls.L[2][3] 
_pdbx_refine_tls.S[1][1] 
_pdbx_refine_tls.S[1][2] 
_pdbx_refine_tls.S[1][3] 
_pdbx_refine_tls.S[2][1] 
_pdbx_refine_tls.S[2][2] 
_pdbx_refine_tls.S[2][3] 
_pdbx_refine_tls.S[3][1] 
_pdbx_refine_tls.S[3][2] 
_pdbx_refine_tls.S[3][3] 
'X-RAY DIFFRACTION' 1 ? refined 1.1146  -3.6329 -0.9583 0.0991 0.1020 0.2536 -0.0269 0.0135 0.0141 0.8415 0.6858  0.5091 -0.2486 -0.0748 0.1750  -0.0491 0.0565  0.1232 -0.1302 -0.0988 -0.2151 0.1272  -0.0645 0.1139 
'X-RAY DIFFRACTION' 2 ? refined -7.2949 1.9412  1.0358  0.1420 0.1882 0.2757 0.0101  0.0326 0.0062 0.4226 -0.0159 0.0097 0.0140  -0.0660 -0.0899 -0.0349 -0.0896 0.2636 0.1174  -0.0191 0.0314  -0.0606 -0.2621 0.0125 
'X-RAY DIFFRACTION' 3 ? refined 7.9218  13.0730 -0.3867 0.2068 0.0526 0.6533 -0.0291 0.0609 0.0689 0.0174 0.1663  0.2908 0.0654  0.0351  0.0680  -0.0003 0.1317  0.5390 -0.4077 -0.3409 -0.3691 -0.2973 -0.1600 0.1127 
# 
loop_
_pdbx_refine_tls_group.pdbx_refine_id 
_pdbx_refine_tls_group.id 
_pdbx_refine_tls_group.refine_tls_id 
_pdbx_refine_tls_group.beg_auth_asym_id 
_pdbx_refine_tls_group.beg_auth_seq_id 
_pdbx_refine_tls_group.beg_label_asym_id 
_pdbx_refine_tls_group.beg_label_seq_id 
_pdbx_refine_tls_group.end_auth_asym_id 
_pdbx_refine_tls_group.end_auth_seq_id 
_pdbx_refine_tls_group.end_label_asym_id 
_pdbx_refine_tls_group.end_label_seq_id 
_pdbx_refine_tls_group.selection 
_pdbx_refine_tls_group.selection_details 
'X-RAY DIFFRACTION' 1 1 ? ? ? ? ? ? ? ? ? 
;chain 'A' and (resid 302 through 351 )
;
'X-RAY DIFFRACTION' 2 2 ? ? ? ? ? ? ? ? ? 
;chain 'A' and (resid 352 through 372 )
;
'X-RAY DIFFRACTION' 3 3 ? ? ? ? ? ? ? ? ? 
;chain 'A' and (resid 373 through 384 )
;
# 
_pdbx_entry_details.compound_details         ? 
_pdbx_entry_details.entry_id                 6EZ7 
_pdbx_entry_details.nonpolymer_details       ? 
_pdbx_entry_details.sequence_details         
'protein used to set for the crystallization plates was Pes4(303-473) however, the part that crystallized was Pes4(303-384)' 
_pdbx_entry_details.source_details           ? 
_pdbx_entry_details.has_ligand_of_interest   ? 
# 
_pdbx_distant_solvent_atoms.id                                1 
_pdbx_distant_solvent_atoms.PDB_model_num                     1 
_pdbx_distant_solvent_atoms.auth_atom_id                      O 
_pdbx_distant_solvent_atoms.label_alt_id                      ? 
_pdbx_distant_solvent_atoms.auth_asym_id                      A 
_pdbx_distant_solvent_atoms.auth_comp_id                      HOH 
_pdbx_distant_solvent_atoms.auth_seq_id                       646 
_pdbx_distant_solvent_atoms.PDB_ins_code                      ? 
_pdbx_distant_solvent_atoms.neighbor_macromolecule_distance   6.32 
_pdbx_distant_solvent_atoms.neighbor_ligand_distance          . 
# 
_pdbx_unobs_or_zero_occ_residues.id               1 
_pdbx_unobs_or_zero_occ_residues.PDB_model_num    1 
_pdbx_unobs_or_zero_occ_residues.polymer_flag     Y 
_pdbx_unobs_or_zero_occ_residues.occupancy_flag   1 
_pdbx_unobs_or_zero_occ_residues.auth_asym_id     A 
_pdbx_unobs_or_zero_occ_residues.auth_comp_id     LYS 
_pdbx_unobs_or_zero_occ_residues.auth_seq_id      339 
_pdbx_unobs_or_zero_occ_residues.PDB_ins_code     ? 
_pdbx_unobs_or_zero_occ_residues.label_asym_id    A 
_pdbx_unobs_or_zero_occ_residues.label_comp_id    LYS 
_pdbx_unobs_or_zero_occ_residues.label_seq_id     38 
# 
loop_
_chem_comp_atom.comp_id 
_chem_comp_atom.atom_id 
_chem_comp_atom.type_symbol 
_chem_comp_atom.pdbx_aromatic_flag 
_chem_comp_atom.pdbx_stereo_config 
_chem_comp_atom.pdbx_ordinal 
ALA N    N N N 1   
ALA CA   C N S 2   
ALA C    C N N 3   
ALA O    O N N 4   
ALA CB   C N N 5   
ALA OXT  O N N 6   
ALA H    H N N 7   
ALA H2   H N N 8   
ALA HA   H N N 9   
ALA HB1  H N N 10  
ALA HB2  H N N 11  
ALA HB3  H N N 12  
ALA HXT  H N N 13  
ARG N    N N N 14  
ARG CA   C N S 15  
ARG C    C N N 16  
ARG O    O N N 17  
ARG CB   C N N 18  
ARG CG   C N N 19  
ARG CD   C N N 20  
ARG NE   N N N 21  
ARG CZ   C N N 22  
ARG NH1  N N N 23  
ARG NH2  N N N 24  
ARG OXT  O N N 25  
ARG H    H N N 26  
ARG H2   H N N 27  
ARG HA   H N N 28  
ARG HB2  H N N 29  
ARG HB3  H N N 30  
ARG HG2  H N N 31  
ARG HG3  H N N 32  
ARG HD2  H N N 33  
ARG HD3  H N N 34  
ARG HE   H N N 35  
ARG HH11 H N N 36  
ARG HH12 H N N 37  
ARG HH21 H N N 38  
ARG HH22 H N N 39  
ARG HXT  H N N 40  
ASN N    N N N 41  
ASN CA   C N S 42  
ASN C    C N N 43  
ASN O    O N N 44  
ASN CB   C N N 45  
ASN CG   C N N 46  
ASN OD1  O N N 47  
ASN ND2  N N N 48  
ASN OXT  O N N 49  
ASN H    H N N 50  
ASN H2   H N N 51  
ASN HA   H N N 52  
ASN HB2  H N N 53  
ASN HB3  H N N 54  
ASN HD21 H N N 55  
ASN HD22 H N N 56  
ASN HXT  H N N 57  
ASP N    N N N 58  
ASP CA   C N S 59  
ASP C    C N N 60  
ASP O    O N N 61  
ASP CB   C N N 62  
ASP CG   C N N 63  
ASP OD1  O N N 64  
ASP OD2  O N N 65  
ASP OXT  O N N 66  
ASP H    H N N 67  
ASP H2   H N N 68  
ASP HA   H N N 69  
ASP HB2  H N N 70  
ASP HB3  H N N 71  
ASP HD2  H N N 72  
ASP HXT  H N N 73  
GLN N    N N N 74  
GLN CA   C N S 75  
GLN C    C N N 76  
GLN O    O N N 77  
GLN CB   C N N 78  
GLN CG   C N N 79  
GLN CD   C N N 80  
GLN OE1  O N N 81  
GLN NE2  N N N 82  
GLN OXT  O N N 83  
GLN H    H N N 84  
GLN H2   H N N 85  
GLN HA   H N N 86  
GLN HB2  H N N 87  
GLN HB3  H N N 88  
GLN HG2  H N N 89  
GLN HG3  H N N 90  
GLN HE21 H N N 91  
GLN HE22 H N N 92  
GLN HXT  H N N 93  
GLU N    N N N 94  
GLU CA   C N S 95  
GLU C    C N N 96  
GLU O    O N N 97  
GLU CB   C N N 98  
GLU CG   C N N 99  
GLU CD   C N N 100 
GLU OE1  O N N 101 
GLU OE2  O N N 102 
GLU OXT  O N N 103 
GLU H    H N N 104 
GLU H2   H N N 105 
GLU HA   H N N 106 
GLU HB2  H N N 107 
GLU HB3  H N N 108 
GLU HG2  H N N 109 
GLU HG3  H N N 110 
GLU HE2  H N N 111 
GLU HXT  H N N 112 
GLY N    N N N 113 
GLY CA   C N N 114 
GLY C    C N N 115 
GLY O    O N N 116 
GLY OXT  O N N 117 
GLY H    H N N 118 
GLY H2   H N N 119 
GLY HA2  H N N 120 
GLY HA3  H N N 121 
GLY HXT  H N N 122 
HOH O    O N N 123 
HOH H1   H N N 124 
HOH H2   H N N 125 
ILE N    N N N 126 
ILE CA   C N S 127 
ILE C    C N N 128 
ILE O    O N N 129 
ILE CB   C N S 130 
ILE CG1  C N N 131 
ILE CG2  C N N 132 
ILE CD1  C N N 133 
ILE OXT  O N N 134 
ILE H    H N N 135 
ILE H2   H N N 136 
ILE HA   H N N 137 
ILE HB   H N N 138 
ILE HG12 H N N 139 
ILE HG13 H N N 140 
ILE HG21 H N N 141 
ILE HG22 H N N 142 
ILE HG23 H N N 143 
ILE HD11 H N N 144 
ILE HD12 H N N 145 
ILE HD13 H N N 146 
ILE HXT  H N N 147 
LEU N    N N N 148 
LEU CA   C N S 149 
LEU C    C N N 150 
LEU O    O N N 151 
LEU CB   C N N 152 
LEU CG   C N N 153 
LEU CD1  C N N 154 
LEU CD2  C N N 155 
LEU OXT  O N N 156 
LEU H    H N N 157 
LEU H2   H N N 158 
LEU HA   H N N 159 
LEU HB2  H N N 160 
LEU HB3  H N N 161 
LEU HG   H N N 162 
LEU HD11 H N N 163 
LEU HD12 H N N 164 
LEU HD13 H N N 165 
LEU HD21 H N N 166 
LEU HD22 H N N 167 
LEU HD23 H N N 168 
LEU HXT  H N N 169 
LYS N    N N N 170 
LYS CA   C N S 171 
LYS C    C N N 172 
LYS O    O N N 173 
LYS CB   C N N 174 
LYS CG   C N N 175 
LYS CD   C N N 176 
LYS CE   C N N 177 
LYS NZ   N N N 178 
LYS OXT  O N N 179 
LYS H    H N N 180 
LYS H2   H N N 181 
LYS HA   H N N 182 
LYS HB2  H N N 183 
LYS HB3  H N N 184 
LYS HG2  H N N 185 
LYS HG3  H N N 186 
LYS HD2  H N N 187 
LYS HD3  H N N 188 
LYS HE2  H N N 189 
LYS HE3  H N N 190 
LYS HZ1  H N N 191 
LYS HZ2  H N N 192 
LYS HZ3  H N N 193 
LYS HXT  H N N 194 
MET N    N N N 195 
MET CA   C N S 196 
MET C    C N N 197 
MET O    O N N 198 
MET CB   C N N 199 
MET CG   C N N 200 
MET SD   S N N 201 
MET CE   C N N 202 
MET OXT  O N N 203 
MET H    H N N 204 
MET H2   H N N 205 
MET HA   H N N 206 
MET HB2  H N N 207 
MET HB3  H N N 208 
MET HG2  H N N 209 
MET HG3  H N N 210 
MET HE1  H N N 211 
MET HE2  H N N 212 
MET HE3  H N N 213 
MET HXT  H N N 214 
PEG C1   C N N 215 
PEG O1   O N N 216 
PEG C2   C N N 217 
PEG O2   O N N 218 
PEG C3   C N N 219 
PEG C4   C N N 220 
PEG O4   O N N 221 
PEG H11  H N N 222 
PEG H12  H N N 223 
PEG HO1  H N N 224 
PEG H21  H N N 225 
PEG H22  H N N 226 
PEG H31  H N N 227 
PEG H32  H N N 228 
PEG H41  H N N 229 
PEG H42  H N N 230 
PEG HO4  H N N 231 
PHE N    N N N 232 
PHE CA   C N S 233 
PHE C    C N N 234 
PHE O    O N N 235 
PHE CB   C N N 236 
PHE CG   C Y N 237 
PHE CD1  C Y N 238 
PHE CD2  C Y N 239 
PHE CE1  C Y N 240 
PHE CE2  C Y N 241 
PHE CZ   C Y N 242 
PHE OXT  O N N 243 
PHE H    H N N 244 
PHE H2   H N N 245 
PHE HA   H N N 246 
PHE HB2  H N N 247 
PHE HB3  H N N 248 
PHE HD1  H N N 249 
PHE HD2  H N N 250 
PHE HE1  H N N 251 
PHE HE2  H N N 252 
PHE HZ   H N N 253 
PHE HXT  H N N 254 
PRO N    N N N 255 
PRO CA   C N S 256 
PRO C    C N N 257 
PRO O    O N N 258 
PRO CB   C N N 259 
PRO CG   C N N 260 
PRO CD   C N N 261 
PRO OXT  O N N 262 
PRO H    H N N 263 
PRO HA   H N N 264 
PRO HB2  H N N 265 
PRO HB3  H N N 266 
PRO HG2  H N N 267 
PRO HG3  H N N 268 
PRO HD2  H N N 269 
PRO HD3  H N N 270 
PRO HXT  H N N 271 
SER N    N N N 272 
SER CA   C N S 273 
SER C    C N N 274 
SER O    O N N 275 
SER CB   C N N 276 
SER OG   O N N 277 
SER OXT  O N N 278 
SER H    H N N 279 
SER H2   H N N 280 
SER HA   H N N 281 
SER HB2  H N N 282 
SER HB3  H N N 283 
SER HG   H N N 284 
SER HXT  H N N 285 
THR N    N N N 286 
THR CA   C N S 287 
THR C    C N N 288 
THR O    O N N 289 
THR CB   C N R 290 
THR OG1  O N N 291 
THR CG2  C N N 292 
THR OXT  O N N 293 
THR H    H N N 294 
THR H2   H N N 295 
THR HA   H N N 296 
THR HB   H N N 297 
THR HG1  H N N 298 
THR HG21 H N N 299 
THR HG22 H N N 300 
THR HG23 H N N 301 
THR HXT  H N N 302 
TRP N    N N N 303 
TRP CA   C N S 304 
TRP C    C N N 305 
TRP O    O N N 306 
TRP CB   C N N 307 
TRP CG   C Y N 308 
TRP CD1  C Y N 309 
TRP CD2  C Y N 310 
TRP NE1  N Y N 311 
TRP CE2  C Y N 312 
TRP CE3  C Y N 313 
TRP CZ2  C Y N 314 
TRP CZ3  C Y N 315 
TRP CH2  C Y N 316 
TRP OXT  O N N 317 
TRP H    H N N 318 
TRP H2   H N N 319 
TRP HA   H N N 320 
TRP HB2  H N N 321 
TRP HB3  H N N 322 
TRP HD1  H N N 323 
TRP HE1  H N N 324 
TRP HE3  H N N 325 
TRP HZ2  H N N 326 
TRP HZ3  H N N 327 
TRP HH2  H N N 328 
TRP HXT  H N N 329 
TYR N    N N N 330 
TYR CA   C N S 331 
TYR C    C N N 332 
TYR O    O N N 333 
TYR CB   C N N 334 
TYR CG   C Y N 335 
TYR CD1  C Y N 336 
TYR CD2  C Y N 337 
TYR CE1  C Y N 338 
TYR CE2  C Y N 339 
TYR CZ   C Y N 340 
TYR OH   O N N 341 
TYR OXT  O N N 342 
TYR H    H N N 343 
TYR H2   H N N 344 
TYR HA   H N N 345 
TYR HB2  H N N 346 
TYR HB3  H N N 347 
TYR HD1  H N N 348 
TYR HD2  H N N 349 
TYR HE1  H N N 350 
TYR HE2  H N N 351 
TYR HH   H N N 352 
TYR HXT  H N N 353 
VAL N    N N N 354 
VAL CA   C N S 355 
VAL C    C N N 356 
VAL O    O N N 357 
VAL CB   C N N 358 
VAL CG1  C N N 359 
VAL CG2  C N N 360 
VAL OXT  O N N 361 
VAL H    H N N 362 
VAL H2   H N N 363 
VAL HA   H N N 364 
VAL HB   H N N 365 
VAL HG11 H N N 366 
VAL HG12 H N N 367 
VAL HG13 H N N 368 
VAL HG21 H N N 369 
VAL HG22 H N N 370 
VAL HG23 H N N 371 
VAL HXT  H N N 372 
# 
loop_
_chem_comp_bond.comp_id 
_chem_comp_bond.atom_id_1 
_chem_comp_bond.atom_id_2 
_chem_comp_bond.value_order 
_chem_comp_bond.pdbx_aromatic_flag 
_chem_comp_bond.pdbx_stereo_config 
_chem_comp_bond.pdbx_ordinal 
ALA N   CA   sing N N 1   
ALA N   H    sing N N 2   
ALA N   H2   sing N N 3   
ALA CA  C    sing N N 4   
ALA CA  CB   sing N N 5   
ALA CA  HA   sing N N 6   
ALA C   O    doub N N 7   
ALA C   OXT  sing N N 8   
ALA CB  HB1  sing N N 9   
ALA CB  HB2  sing N N 10  
ALA CB  HB3  sing N N 11  
ALA OXT HXT  sing N N 12  
ARG N   CA   sing N N 13  
ARG N   H    sing N N 14  
ARG N   H2   sing N N 15  
ARG CA  C    sing N N 16  
ARG CA  CB   sing N N 17  
ARG CA  HA   sing N N 18  
ARG C   O    doub N N 19  
ARG C   OXT  sing N N 20  
ARG CB  CG   sing N N 21  
ARG CB  HB2  sing N N 22  
ARG CB  HB3  sing N N 23  
ARG CG  CD   sing N N 24  
ARG CG  HG2  sing N N 25  
ARG CG  HG3  sing N N 26  
ARG CD  NE   sing N N 27  
ARG CD  HD2  sing N N 28  
ARG CD  HD3  sing N N 29  
ARG NE  CZ   sing N N 30  
ARG NE  HE   sing N N 31  
ARG CZ  NH1  sing N N 32  
ARG CZ  NH2  doub N N 33  
ARG NH1 HH11 sing N N 34  
ARG NH1 HH12 sing N N 35  
ARG NH2 HH21 sing N N 36  
ARG NH2 HH22 sing N N 37  
ARG OXT HXT  sing N N 38  
ASN N   CA   sing N N 39  
ASN N   H    sing N N 40  
ASN N   H2   sing N N 41  
ASN CA  C    sing N N 42  
ASN CA  CB   sing N N 43  
ASN CA  HA   sing N N 44  
ASN C   O    doub N N 45  
ASN C   OXT  sing N N 46  
ASN CB  CG   sing N N 47  
ASN CB  HB2  sing N N 48  
ASN CB  HB3  sing N N 49  
ASN CG  OD1  doub N N 50  
ASN CG  ND2  sing N N 51  
ASN ND2 HD21 sing N N 52  
ASN ND2 HD22 sing N N 53  
ASN OXT HXT  sing N N 54  
ASP N   CA   sing N N 55  
ASP N   H    sing N N 56  
ASP N   H2   sing N N 57  
ASP CA  C    sing N N 58  
ASP CA  CB   sing N N 59  
ASP CA  HA   sing N N 60  
ASP C   O    doub N N 61  
ASP C   OXT  sing N N 62  
ASP CB  CG   sing N N 63  
ASP CB  HB2  sing N N 64  
ASP CB  HB3  sing N N 65  
ASP CG  OD1  doub N N 66  
ASP CG  OD2  sing N N 67  
ASP OD2 HD2  sing N N 68  
ASP OXT HXT  sing N N 69  
GLN N   CA   sing N N 70  
GLN N   H    sing N N 71  
GLN N   H2   sing N N 72  
GLN CA  C    sing N N 73  
GLN CA  CB   sing N N 74  
GLN CA  HA   sing N N 75  
GLN C   O    doub N N 76  
GLN C   OXT  sing N N 77  
GLN CB  CG   sing N N 78  
GLN CB  HB2  sing N N 79  
GLN CB  HB3  sing N N 80  
GLN CG  CD   sing N N 81  
GLN CG  HG2  sing N N 82  
GLN CG  HG3  sing N N 83  
GLN CD  OE1  doub N N 84  
GLN CD  NE2  sing N N 85  
GLN NE2 HE21 sing N N 86  
GLN NE2 HE22 sing N N 87  
GLN OXT HXT  sing N N 88  
GLU N   CA   sing N N 89  
GLU N   H    sing N N 90  
GLU N   H2   sing N N 91  
GLU CA  C    sing N N 92  
GLU CA  CB   sing N N 93  
GLU CA  HA   sing N N 94  
GLU C   O    doub N N 95  
GLU C   OXT  sing N N 96  
GLU CB  CG   sing N N 97  
GLU CB  HB2  sing N N 98  
GLU CB  HB3  sing N N 99  
GLU CG  CD   sing N N 100 
GLU CG  HG2  sing N N 101 
GLU CG  HG3  sing N N 102 
GLU CD  OE1  doub N N 103 
GLU CD  OE2  sing N N 104 
GLU OE2 HE2  sing N N 105 
GLU OXT HXT  sing N N 106 
GLY N   CA   sing N N 107 
GLY N   H    sing N N 108 
GLY N   H2   sing N N 109 
GLY CA  C    sing N N 110 
GLY CA  HA2  sing N N 111 
GLY CA  HA3  sing N N 112 
GLY C   O    doub N N 113 
GLY C   OXT  sing N N 114 
GLY OXT HXT  sing N N 115 
HOH O   H1   sing N N 116 
HOH O   H2   sing N N 117 
ILE N   CA   sing N N 118 
ILE N   H    sing N N 119 
ILE N   H2   sing N N 120 
ILE CA  C    sing N N 121 
ILE CA  CB   sing N N 122 
ILE CA  HA   sing N N 123 
ILE C   O    doub N N 124 
ILE C   OXT  sing N N 125 
ILE CB  CG1  sing N N 126 
ILE CB  CG2  sing N N 127 
ILE CB  HB   sing N N 128 
ILE CG1 CD1  sing N N 129 
ILE CG1 HG12 sing N N 130 
ILE CG1 HG13 sing N N 131 
ILE CG2 HG21 sing N N 132 
ILE CG2 HG22 sing N N 133 
ILE CG2 HG23 sing N N 134 
ILE CD1 HD11 sing N N 135 
ILE CD1 HD12 sing N N 136 
ILE CD1 HD13 sing N N 137 
ILE OXT HXT  sing N N 138 
LEU N   CA   sing N N 139 
LEU N   H    sing N N 140 
LEU N   H2   sing N N 141 
LEU CA  C    sing N N 142 
LEU CA  CB   sing N N 143 
LEU CA  HA   sing N N 144 
LEU C   O    doub N N 145 
LEU C   OXT  sing N N 146 
LEU CB  CG   sing N N 147 
LEU CB  HB2  sing N N 148 
LEU CB  HB3  sing N N 149 
LEU CG  CD1  sing N N 150 
LEU CG  CD2  sing N N 151 
LEU CG  HG   sing N N 152 
LEU CD1 HD11 sing N N 153 
LEU CD1 HD12 sing N N 154 
LEU CD1 HD13 sing N N 155 
LEU CD2 HD21 sing N N 156 
LEU CD2 HD22 sing N N 157 
LEU CD2 HD23 sing N N 158 
LEU OXT HXT  sing N N 159 
LYS N   CA   sing N N 160 
LYS N   H    sing N N 161 
LYS N   H2   sing N N 162 
LYS CA  C    sing N N 163 
LYS CA  CB   sing N N 164 
LYS CA  HA   sing N N 165 
LYS C   O    doub N N 166 
LYS C   OXT  sing N N 167 
LYS CB  CG   sing N N 168 
LYS CB  HB2  sing N N 169 
LYS CB  HB3  sing N N 170 
LYS CG  CD   sing N N 171 
LYS CG  HG2  sing N N 172 
LYS CG  HG3  sing N N 173 
LYS CD  CE   sing N N 174 
LYS CD  HD2  sing N N 175 
LYS CD  HD3  sing N N 176 
LYS CE  NZ   sing N N 177 
LYS CE  HE2  sing N N 178 
LYS CE  HE3  sing N N 179 
LYS NZ  HZ1  sing N N 180 
LYS NZ  HZ2  sing N N 181 
LYS NZ  HZ3  sing N N 182 
LYS OXT HXT  sing N N 183 
MET N   CA   sing N N 184 
MET N   H    sing N N 185 
MET N   H2   sing N N 186 
MET CA  C    sing N N 187 
MET CA  CB   sing N N 188 
MET CA  HA   sing N N 189 
MET C   O    doub N N 190 
MET C   OXT  sing N N 191 
MET CB  CG   sing N N 192 
MET CB  HB2  sing N N 193 
MET CB  HB3  sing N N 194 
MET CG  SD   sing N N 195 
MET CG  HG2  sing N N 196 
MET CG  HG3  sing N N 197 
MET SD  CE   sing N N 198 
MET CE  HE1  sing N N 199 
MET CE  HE2  sing N N 200 
MET CE  HE3  sing N N 201 
MET OXT HXT  sing N N 202 
PEG C1  O1   sing N N 203 
PEG C1  C2   sing N N 204 
PEG C1  H11  sing N N 205 
PEG C1  H12  sing N N 206 
PEG O1  HO1  sing N N 207 
PEG C2  O2   sing N N 208 
PEG C2  H21  sing N N 209 
PEG C2  H22  sing N N 210 
PEG O2  C3   sing N N 211 
PEG C3  C4   sing N N 212 
PEG C3  H31  sing N N 213 
PEG C3  H32  sing N N 214 
PEG C4  O4   sing N N 215 
PEG C4  H41  sing N N 216 
PEG C4  H42  sing N N 217 
PEG O4  HO4  sing N N 218 
PHE N   CA   sing N N 219 
PHE N   H    sing N N 220 
PHE N   H2   sing N N 221 
PHE CA  C    sing N N 222 
PHE CA  CB   sing N N 223 
PHE CA  HA   sing N N 224 
PHE C   O    doub N N 225 
PHE C   OXT  sing N N 226 
PHE CB  CG   sing N N 227 
PHE CB  HB2  sing N N 228 
PHE CB  HB3  sing N N 229 
PHE CG  CD1  doub Y N 230 
PHE CG  CD2  sing Y N 231 
PHE CD1 CE1  sing Y N 232 
PHE CD1 HD1  sing N N 233 
PHE CD2 CE2  doub Y N 234 
PHE CD2 HD2  sing N N 235 
PHE CE1 CZ   doub Y N 236 
PHE CE1 HE1  sing N N 237 
PHE CE2 CZ   sing Y N 238 
PHE CE2 HE2  sing N N 239 
PHE CZ  HZ   sing N N 240 
PHE OXT HXT  sing N N 241 
PRO N   CA   sing N N 242 
PRO N   CD   sing N N 243 
PRO N   H    sing N N 244 
PRO CA  C    sing N N 245 
PRO CA  CB   sing N N 246 
PRO CA  HA   sing N N 247 
PRO C   O    doub N N 248 
PRO C   OXT  sing N N 249 
PRO CB  CG   sing N N 250 
PRO CB  HB2  sing N N 251 
PRO CB  HB3  sing N N 252 
PRO CG  CD   sing N N 253 
PRO CG  HG2  sing N N 254 
PRO CG  HG3  sing N N 255 
PRO CD  HD2  sing N N 256 
PRO CD  HD3  sing N N 257 
PRO OXT HXT  sing N N 258 
SER N   CA   sing N N 259 
SER N   H    sing N N 260 
SER N   H2   sing N N 261 
SER CA  C    sing N N 262 
SER CA  CB   sing N N 263 
SER CA  HA   sing N N 264 
SER C   O    doub N N 265 
SER C   OXT  sing N N 266 
SER CB  OG   sing N N 267 
SER CB  HB2  sing N N 268 
SER CB  HB3  sing N N 269 
SER OG  HG   sing N N 270 
SER OXT HXT  sing N N 271 
THR N   CA   sing N N 272 
THR N   H    sing N N 273 
THR N   H2   sing N N 274 
THR CA  C    sing N N 275 
THR CA  CB   sing N N 276 
THR CA  HA   sing N N 277 
THR C   O    doub N N 278 
THR C   OXT  sing N N 279 
THR CB  OG1  sing N N 280 
THR CB  CG2  sing N N 281 
THR CB  HB   sing N N 282 
THR OG1 HG1  sing N N 283 
THR CG2 HG21 sing N N 284 
THR CG2 HG22 sing N N 285 
THR CG2 HG23 sing N N 286 
THR OXT HXT  sing N N 287 
TRP N   CA   sing N N 288 
TRP N   H    sing N N 289 
TRP N   H2   sing N N 290 
TRP CA  C    sing N N 291 
TRP CA  CB   sing N N 292 
TRP CA  HA   sing N N 293 
TRP C   O    doub N N 294 
TRP C   OXT  sing N N 295 
TRP CB  CG   sing N N 296 
TRP CB  HB2  sing N N 297 
TRP CB  HB3  sing N N 298 
TRP CG  CD1  doub Y N 299 
TRP CG  CD2  sing Y N 300 
TRP CD1 NE1  sing Y N 301 
TRP CD1 HD1  sing N N 302 
TRP CD2 CE2  doub Y N 303 
TRP CD2 CE3  sing Y N 304 
TRP NE1 CE2  sing Y N 305 
TRP NE1 HE1  sing N N 306 
TRP CE2 CZ2  sing Y N 307 
TRP CE3 CZ3  doub Y N 308 
TRP CE3 HE3  sing N N 309 
TRP CZ2 CH2  doub Y N 310 
TRP CZ2 HZ2  sing N N 311 
TRP CZ3 CH2  sing Y N 312 
TRP CZ3 HZ3  sing N N 313 
TRP CH2 HH2  sing N N 314 
TRP OXT HXT  sing N N 315 
TYR N   CA   sing N N 316 
TYR N   H    sing N N 317 
TYR N   H2   sing N N 318 
TYR CA  C    sing N N 319 
TYR CA  CB   sing N N 320 
TYR CA  HA   sing N N 321 
TYR C   O    doub N N 322 
TYR C   OXT  sing N N 323 
TYR CB  CG   sing N N 324 
TYR CB  HB2  sing N N 325 
TYR CB  HB3  sing N N 326 
TYR CG  CD1  doub Y N 327 
TYR CG  CD2  sing Y N 328 
TYR CD1 CE1  sing Y N 329 
TYR CD1 HD1  sing N N 330 
TYR CD2 CE2  doub Y N 331 
TYR CD2 HD2  sing N N 332 
TYR CE1 CZ   doub Y N 333 
TYR CE1 HE1  sing N N 334 
TYR CE2 CZ   sing Y N 335 
TYR CE2 HE2  sing N N 336 
TYR CZ  OH   sing N N 337 
TYR OH  HH   sing N N 338 
TYR OXT HXT  sing N N 339 
VAL N   CA   sing N N 340 
VAL N   H    sing N N 341 
VAL N   H2   sing N N 342 
VAL CA  C    sing N N 343 
VAL CA  CB   sing N N 344 
VAL CA  HA   sing N N 345 
VAL C   O    doub N N 346 
VAL C   OXT  sing N N 347 
VAL CB  CG1  sing N N 348 
VAL CB  CG2  sing N N 349 
VAL CB  HB   sing N N 350 
VAL CG1 HG11 sing N N 351 
VAL CG1 HG12 sing N N 352 
VAL CG1 HG13 sing N N 353 
VAL CG2 HG21 sing N N 354 
VAL CG2 HG22 sing N N 355 
VAL CG2 HG23 sing N N 356 
VAL OXT HXT  sing N N 357 
# 
_pdbx_audit_support.funding_organization   'Spanish Ministry of Economy and Competitiveness' 
_pdbx_audit_support.country                Spain 
_pdbx_audit_support.grant_number           'SAF 2015-67077-R' 
_pdbx_audit_support.ordinal                1 
# 
_pdbx_initial_refinement_model.id               1 
_pdbx_initial_refinement_model.entity_id_list   ? 
_pdbx_initial_refinement_model.type             'experimental model' 
_pdbx_initial_refinement_model.source_name      PDB 
_pdbx_initial_refinement_model.accession_code   5D77 
_pdbx_initial_refinement_model.details          ? 
# 
_atom_sites.entry_id                    6EZ7 
_atom_sites.fract_transf_matrix[1][1]   -0.00599548 
_atom_sites.fract_transf_matrix[1][2]   -0.00607213 
_atom_sites.fract_transf_matrix[1][3]   -0.01102541 
_atom_sites.fract_transf_matrix[2][1]   0.00532242 
_atom_sites.fract_transf_matrix[2][2]   0.00188434 
_atom_sites.fract_transf_matrix[2][3]   -0.01274648 
_atom_sites.fract_transf_matrix[3][1]   0.01823515 
_atom_sites.fract_transf_matrix[3][2]   -0.02509451 
_atom_sites.fract_transf_matrix[3][3]   0.00390449 
_atom_sites.fract_transf_vector[1]      0.538906 
_atom_sites.fract_transf_vector[2]      0.420935 
_atom_sites.fract_transf_vector[3]      0.331790 
# 
loop_
_atom_type.symbol 
C 
N 
O 
S 
# 
loop_
_atom_site.group_PDB 
_atom_site.id 
_atom_site.type_symbol 
_atom_site.label_atom_id 
_atom_site.label_alt_id 
_atom_site.label_comp_id 
_atom_site.label_asym_id 
_atom_site.label_entity_id 
_atom_site.label_seq_id 
_atom_site.pdbx_PDB_ins_code 
_atom_site.Cartn_x 
_atom_site.Cartn_y 
_atom_site.Cartn_z 
_atom_site.occupancy 
_atom_site.B_iso_or_equiv 
_atom_site.pdbx_formal_charge 
_atom_site.auth_seq_id 
_atom_site.auth_comp_id 
_atom_site.auth_asym_id 
_atom_site.auth_atom_id 
_atom_site.pdbx_PDB_model_num 
ATOM   1   N N   . MET A 1 1  ? 5.473   9.129   -7.785  1.00 56.92  ? 0   MET A N   1 
ATOM   2   C CA  . MET A 1 1  ? 4.178   9.650   -8.199  1.00 47.21  ? 0   MET A CA  1 
ATOM   3   C C   . MET A 1 1  ? 3.261   8.501   -8.608  1.00 34.57  ? 0   MET A C   1 
ATOM   4   O O   . MET A 1 1  ? 2.095   8.700   -8.954  1.00 36.11  ? 0   MET A O   1 
ATOM   5   C CB  . MET A 1 1  ? 4.355   10.649  -9.342  1.00 59.44  ? 0   MET A CB  1 
ATOM   6   C CG  . MET A 1 1  ? 3.920   12.055  -8.983  1.00 66.89  ? 0   MET A CG  1 
ATOM   7   S SD  . MET A 1 1  ? 3.639   13.140  -10.382 1.00 134.78 ? 0   MET A SD  1 
ATOM   8   C CE  . MET A 1 1  ? 1.901   12.838  -10.672 1.00 52.86  ? 0   MET A CE  1 
ATOM   9   N N   . ASN A 1 2  ? 3.808   7.292   -8.569  1.00 30.67  ? 303 ASN A N   1 
ATOM   10  C CA  . ASN A 1 2  ? 3.047   6.085   -8.860  1.00 28.84  ? 303 ASN A CA  1 
ATOM   11  C C   . ASN A 1 2  ? 2.943   5.174   -7.646  1.00 29.20  ? 303 ASN A C   1 
ATOM   12  O O   . ASN A 1 2  ? 2.324   4.114   -7.715  1.00 25.04  ? 303 ASN A O   1 
ATOM   13  C CB  . ASN A 1 2  ? 3.687   5.313   -10.017 1.00 32.55  ? 303 ASN A CB  1 
ATOM   14  C CG  . ASN A 1 2  ? 3.543   6.025   -11.342 1.00 47.75  ? 303 ASN A CG  1 
ATOM   15  O OD1 . ASN A 1 2  ? 3.680   7.244   -11.420 1.00 51.74  ? 303 ASN A OD1 1 
ATOM   16  N ND2 . ASN A 1 2  ? 3.263   5.266   -12.394 1.00 43.98  ? 303 ASN A ND2 1 
ATOM   17  N N   . SER A 1 3  ? 3.548   5.581   -6.535  1.00 31.16  ? 304 SER A N   1 
ATOM   18  C CA  . SER A 1 3  ? 3.719   4.662   -5.412  1.00 29.49  ? 304 SER A CA  1 
ATOM   19  C C   . SER A 1 3  ? 3.004   5.091   -4.140  1.00 29.15  ? 304 SER A C   1 
ATOM   20  O O   . SER A 1 3  ? 2.885   6.281   -3.847  1.00 26.86  ? 304 SER A O   1 
ATOM   21  C CB  . SER A 1 3  ? 5.205   4.474   -5.115  1.00 28.06  ? 304 SER A CB  1 
ATOM   22  O OG  . SER A 1 3  ? 5.882   3.993   -6.261  1.00 27.40  ? 304 SER A OG  1 
ATOM   23  N N   . ILE A 1 4  ? 2.538   4.101   -3.384  1.00 18.83  ? 305 ILE A N   1 
ATOM   24  C CA  . ILE A 1 4  ? 1.884   4.343   -2.106  1.00 17.00  ? 305 ILE A CA  1 
ATOM   25  C C   . ILE A 1 4  ? 2.498   3.498   -1.000  1.00 23.74  ? 305 ILE A C   1 
ATOM   26  O O   . ILE A 1 4  ? 3.148   2.482   -1.259  1.00 21.83  ? 305 ILE A O   1 
ATOM   27  C CB  . ILE A 1 4  ? 0.369   4.046   -2.179  1.00 19.34  ? 305 ILE A CB  1 
ATOM   28  C CG1 . ILE A 1 4  ? 0.130   2.579   -2.547  1.00 18.26  ? 305 ILE A CG1 1 
ATOM   29  C CG2 . ILE A 1 4  ? -0.309  4.980   -3.168  1.00 19.05  ? 305 ILE A CG2 1 
ATOM   30  C CD1 . ILE A 1 4  ? -1.337  2.180   -2.560  1.00 19.80  ? 305 ILE A CD1 1 
ATOM   31  N N   . PHE A 1 5  ? 2.309   3.937   0.236   1.00 25.21  ? 306 PHE A N   1 
ATOM   32  C CA  . PHE A 1 5  ? 2.634   3.112   1.389   1.00 18.38  ? 306 PHE A CA  1 
ATOM   33  C C   . PHE A 1 5  ? 1.344   2.605   2.003   1.00 19.32  ? 306 PHE A C   1 
ATOM   34  O O   . PHE A 1 5  ? 0.355   3.334   2.077   1.00 18.49  ? 306 PHE A O   1 
ATOM   35  C CB  . PHE A 1 5  ? 3.439   3.892   2.432   1.00 22.31  ? 306 PHE A CB  1 
ATOM   36  C CG  . PHE A 1 5  ? 4.892   4.048   2.089   1.00 23.55  ? 306 PHE A CG  1 
ATOM   37  C CD1 . PHE A 1 5  ? 5.713   2.940   1.981   1.00 22.73  ? 306 PHE A CD1 1 
ATOM   38  C CD2 . PHE A 1 5  ? 5.442   5.305   1.898   1.00 33.79  ? 306 PHE A CD2 1 
ATOM   39  C CE1 . PHE A 1 5  ? 7.055   3.081   1.676   1.00 31.03  ? 306 PHE A CE1 1 
ATOM   40  C CE2 . PHE A 1 5  ? 6.783   5.452   1.594   1.00 33.40  ? 306 PHE A CE2 1 
ATOM   41  C CZ  . PHE A 1 5  ? 7.587   4.337   1.480   1.00 32.99  ? 306 PHE A CZ  1 
ATOM   42  N N   . ILE A 1 6  ? 1.350   1.350   2.428   1.00 15.75  ? 307 ILE A N   1 
ATOM   43  C CA  . ILE A 1 6  ? 0.218   0.785   3.146   1.00 16.65  ? 307 ILE A CA  1 
ATOM   44  C C   . ILE A 1 6  ? 0.713   0.319   4.497   1.00 24.08  ? 307 ILE A C   1 
ATOM   45  O O   . ILE A 1 6  ? 1.594   -0.538  4.576   1.00 19.32  ? 307 ILE A O   1 
ATOM   46  C CB  . ILE A 1 6  ? -0.415  -0.385  2.388   1.00 20.51  ? 307 ILE A CB  1 
ATOM   47  C CG1 . ILE A 1 6  ? -0.733  0.032   0.952   1.00 18.83  ? 307 ILE A CG1 1 
ATOM   48  C CG2 . ILE A 1 6  ? -1.658  -0.876  3.110   1.00 17.17  ? 307 ILE A CG2 1 
ATOM   49  C CD1 . ILE A 1 6  ? -0.811  -1.128  0.004   1.00 20.37  ? 307 ILE A CD1 1 
ATOM   50  N N   . LYS A 1 7  ? 0.167   0.893   5.560   1.00 20.42  ? 308 LYS A N   1 
ATOM   51  C CA  . LYS A 1 7  ? 0.630   0.568   6.900   1.00 23.27  ? 308 LYS A CA  1 
ATOM   52  C C   . LYS A 1 7  ? -0.523  0.103   7.771   1.00 20.24  ? 308 LYS A C   1 
ATOM   53  O O   . LYS A 1 7  ? -1.680  0.153   7.357   1.00 22.04  ? 308 LYS A O   1 
ATOM   54  C CB  . LYS A 1 7  ? 1.329   1.774   7.529   1.00 30.30  ? 308 LYS A CB  1 
ATOM   55  C CG  . LYS A 1 7  ? 2.404   2.383   6.639   1.00 41.20  ? 308 LYS A CG  1 
ATOM   56  C CD  . LYS A 1 7  ? 3.226   3.423   7.375   1.00 43.44  ? 308 LYS A CD  1 
ATOM   57  C CE  . LYS A 1 7  ? 4.327   2.779   8.196   1.00 50.55  ? 308 LYS A CE  1 
ATOM   58  N NZ  . LYS A 1 7  ? 5.324   3.788   8.646   1.00 55.14  ? 308 LYS A NZ  1 
ATOM   59  N N   . ASN A 1 8  ? -0.190  -0.348  8.979   1.00 19.15  ? 309 ASN A N   1 
ATOM   60  C CA  . ASN A 1 8  ? -1.153  -0.942  9.902   1.00 18.55  ? 309 ASN A CA  1 
ATOM   61  C C   . ASN A 1 8  ? -1.795  -2.186  9.299   1.00 24.35  ? 309 ASN A C   1 
ATOM   62  O O   . ASN A 1 8  ? -2.991  -2.430  9.459   1.00 28.39  ? 309 ASN A O   1 
ATOM   63  C CB  . ASN A 1 8  ? -2.231  0.067   10.303  1.00 22.79  ? 309 ASN A CB  1 
ATOM   64  C CG  . ASN A 1 8  ? -2.967  -0.342  11.560  1.00 35.94  ? 309 ASN A CG  1 
ATOM   65  O OD1 . ASN A 1 8  ? -2.419  -1.048  12.406  1.00 40.84  ? 309 ASN A OD1 1 
ATOM   66  N ND2 . ASN A 1 8  ? -4.220  0.086   11.684  1.00 33.15  ? 309 ASN A ND2 1 
ATOM   67  N N   . LEU A 1 9  ? -0.985  -2.974  8.602   1.00 25.71  ? 310 LEU A N   1 
ATOM   68  C CA  . LEU A 1 9  ? -1.451  -4.231  8.039   1.00 20.44  ? 310 LEU A CA  1 
ATOM   69  C C   . LEU A 1 9  ? -1.398  -5.332  9.085   1.00 22.66  ? 310 LEU A C   1 
ATOM   70  O O   . LEU A 1 9  ? -0.485  -5.363  9.912   1.00 29.44  ? 310 LEU A O   1 
ATOM   71  C CB  . LEU A 1 9  ? -0.612  -4.623  6.823   1.00 23.00  ? 310 LEU A CB  1 
ATOM   72  C CG  . LEU A 1 9  ? -0.786  -3.800  5.547   1.00 16.52  ? 310 LEU A CG  1 
ATOM   73  C CD1 . LEU A 1 9  ? 0.364   -4.075  4.594   1.00 22.47  ? 310 LEU A CD1 1 
ATOM   74  C CD2 . LEU A 1 9  ? -2.118  -4.114  4.881   1.00 16.74  ? 310 LEU A CD2 1 
ATOM   75  N N   . PRO A 1 10 ? -2.384  -6.238  9.054   1.00 25.38  ? 311 PRO A N   1 
ATOM   76  C CA  . PRO A 1 10 ? -2.391  -7.427  9.910   1.00 24.81  ? 311 PRO A CA  1 
ATOM   77  C C   . PRO A 1 10 ? -1.176  -8.293  9.613   1.00 32.75  ? 311 PRO A C   1 
ATOM   78  O O   . PRO A 1 10 ? -0.747  -8.339  8.462   1.00 24.34  ? 311 PRO A O   1 
ATOM   79  C CB  . PRO A 1 10 ? -3.684  -8.145  9.516   1.00 23.18  ? 311 PRO A CB  1 
ATOM   80  C CG  . PRO A 1 10 ? -4.515  -7.121  8.834   1.00 29.06  ? 311 PRO A CG  1 
ATOM   81  C CD  . PRO A 1 10 ? -3.559  -6.186  8.170   1.00 23.80  ? 311 PRO A CD  1 
ATOM   82  N N   . THR A 1 11 ? -0.633  -8.966  10.621  1.00 29.95  ? 312 THR A N   1 
ATOM   83  C CA  . THR A 1 11 ? 0.592   -9.740  10.441  1.00 34.90  ? 312 THR A CA  1 
ATOM   84  C C   . THR A 1 11 ? 0.415   -10.920 9.485   1.00 30.39  ? 312 THR A C   1 
ATOM   85  O O   . THR A 1 11 ? 1.381   -11.388 8.894   1.00 31.71  ? 312 THR A O   1 
ATOM   86  C CB  . THR A 1 11 ? 1.125   -10.262 11.786  1.00 40.71  ? 312 THR A CB  1 
ATOM   87  O OG1 . THR A 1 11 ? 0.108   -11.028 12.441  1.00 46.05  ? 312 THR A OG1 1 
ATOM   88  C CG2 . THR A 1 11 ? 1.535   -9.100  12.679  1.00 46.53  ? 312 THR A CG2 1 
ATOM   89  N N   . ILE A 1 12 ? -0.815  -11.394 9.322   1.00 24.53  ? 313 ILE A N   1 
ATOM   90  C CA  . ILE A 1 12 ? -1.060  -12.516 8.419   1.00 25.63  ? 313 ILE A CA  1 
ATOM   91  C C   . ILE A 1 12 ? -1.280  -12.077 6.967   1.00 25.95  ? 313 ILE A C   1 
ATOM   92  O O   . ILE A 1 12 ? -1.595  -12.897 6.108   1.00 20.44  ? 313 ILE A O   1 
ATOM   93  C CB  . ILE A 1 12 ? -2.268  -13.363 8.888   1.00 42.80  ? 313 ILE A CB  1 
ATOM   94  C CG1 . ILE A 1 12 ? -3.381  -12.484 9.465   1.00 52.23  ? 313 ILE A CG1 1 
ATOM   95  C CG2 . ILE A 1 12 ? -1.825  -14.368 9.939   1.00 53.27  ? 313 ILE A CG2 1 
ATOM   96  C CD1 . ILE A 1 12 ? -3.997  -11.515 8.496   1.00 56.33  ? 313 ILE A CD1 1 
ATOM   97  N N   . THR A 1 13 ? -1.121  -10.781 6.706   1.00 23.23  ? 314 THR A N   1 
ATOM   98  C CA  . THR A 1 13 ? -1.271  -10.240 5.356   1.00 23.93  ? 314 THR A CA  1 
ATOM   99  C C   . THR A 1 13 ? -0.342  -10.936 4.371   1.00 27.14  ? 314 THR A C   1 
ATOM   100 O O   . THR A 1 13 ? 0.839   -11.143 4.657   1.00 20.12  ? 314 THR A O   1 
ATOM   101 C CB  . THR A 1 13 ? -0.995  -8.728  5.333   1.00 25.97  ? 314 THR A CB  1 
ATOM   102 O OG1 . THR A 1 13 ? -1.871  -8.076  6.261   1.00 24.21  ? 314 THR A OG1 1 
ATOM   103 C CG2 . THR A 1 13 ? -1.212  -8.151  3.942   1.00 19.58  ? 314 THR A CG2 1 
ATOM   104 N N   . THR A 1 14 ? -0.883  -11.313 3.217   1.00 17.48  ? 315 THR A N   1 
ATOM   105 C CA  . THR A 1 14 ? -0.084  -11.958 2.188   1.00 20.25  ? 315 THR A CA  1 
ATOM   106 C C   . THR A 1 14 ? 0.084   -11.046 0.994   1.00 22.58  ? 315 THR A C   1 
ATOM   107 O O   . THR A 1 14 ? -0.651  -10.072 0.836   1.00 17.16  ? 315 THR A O   1 
ATOM   108 C CB  . THR A 1 14 ? -0.717  -13.266 1.701   1.00 26.21  ? 315 THR A CB  1 
ATOM   109 O OG1 . THR A 1 14 ? -1.907  -12.965 0.961   1.00 22.27  ? 315 THR A OG1 1 
ATOM   110 C CG2 . THR A 1 14 ? -1.051  -14.178 2.876   1.00 26.29  ? 315 THR A CG2 1 
ATOM   111 N N   . ARG A 1 15 ? 1.049   -11.366 0.145   1.00 18.29  ? 316 ARG A N   1 
ATOM   112 C CA  A ARG A 1 15 ? 1.252   -10.607 -1.080  0.43 19.00  ? 316 ARG A CA  1 
ATOM   113 C CA  B ARG A 1 15 ? 1.254   -10.612 -1.085  0.57 18.46  ? 316 ARG A CA  1 
ATOM   114 C C   . ARG A 1 15 ? -0.020  -10.629 -1.925  1.00 21.09  ? 316 ARG A C   1 
ATOM   115 O O   . ARG A 1 15 ? -0.364  -9.642  -2.568  1.00 17.30  ? 316 ARG A O   1 
ATOM   116 C CB  A ARG A 1 15 ? 2.438   -11.168 -1.864  0.43 23.62  ? 316 ARG A CB  1 
ATOM   117 C CB  B ARG A 1 15 ? 2.431   -11.187 -1.874  0.57 23.79  ? 316 ARG A CB  1 
ATOM   118 C CG  A ARG A 1 15 ? 2.866   -10.314 -3.039  0.43 27.92  ? 316 ARG A CG  1 
ATOM   119 C CG  B ARG A 1 15 ? 2.806   -10.391 -3.105  0.57 27.16  ? 316 ARG A CG  1 
ATOM   120 C CD  A ARG A 1 15 ? 4.231   -10.738 -3.558  0.43 31.29  ? 316 ARG A CD  1 
ATOM   121 C CD  B ARG A 1 15 ? 4.053   -10.960 -3.764  0.57 31.95  ? 316 ARG A CD  1 
ATOM   122 N NE  A ARG A 1 15 ? 4.656   -9.913  -4.684  0.43 31.94  ? 316 ARG A NE  1 
ATOM   123 N NE  B ARG A 1 15 ? 4.431   -10.200 -4.952  0.57 33.95  ? 316 ARG A NE  1 
ATOM   124 C CZ  A ARG A 1 15 ? 4.339   -10.160 -5.951  0.43 36.55  ? 316 ARG A CZ  1 
ATOM   125 C CZ  B ARG A 1 15 ? 5.293   -9.187  -4.949  0.57 33.31  ? 316 ARG A CZ  1 
ATOM   126 N NH1 A ARG A 1 15 ? 3.593   -11.215 -6.255  0.43 30.50  ? 316 ARG A NH1 1 
ATOM   127 N NH1 B ARG A 1 15 ? 5.877   -8.811  -3.819  0.57 24.16  ? 316 ARG A NH1 1 
ATOM   128 N NH2 A ARG A 1 15 ? 4.766   -9.354  -6.912  0.43 39.51  ? 316 ARG A NH2 1 
ATOM   129 N NH2 B ARG A 1 15 ? 5.573   -8.552  -6.080  0.57 42.22  ? 316 ARG A NH2 1 
ATOM   130 N N   . ASP A 1 16 ? -0.727  -11.759 -1.904  1.00 20.61  ? 317 ASP A N   1 
ATOM   131 C CA  . ASP A 1 16 ? -1.986  -11.888 -2.640  1.00 19.67  ? 317 ASP A CA  1 
ATOM   132 C C   . ASP A 1 16 ? -3.061  -10.940 -2.115  1.00 23.78  ? 317 ASP A C   1 
ATOM   133 O O   . ASP A 1 16 ? -3.851  -10.397 -2.891  1.00 19.38  ? 317 ASP A O   1 
ATOM   134 C CB  . ASP A 1 16 ? -2.504  -13.325 -2.582  1.00 20.77  ? 317 ASP A CB  1 
ATOM   135 C CG  . ASP A 1 16 ? -1.714  -14.267 -3.468  1.00 32.38  ? 317 ASP A CG  1 
ATOM   136 O OD1 . ASP A 1 16 ? -1.021  -13.781 -4.389  1.00 28.85  ? 317 ASP A OD1 1 
ATOM   137 O OD2 . ASP A 1 16 ? -1.799  -15.496 -3.250  1.00 29.21  ? 317 ASP A OD2 1 
ATOM   138 N N   . ASP A 1 17 ? -3.102  -10.756 -0.796  1.00 18.16  ? 318 ASP A N   1 
ATOM   139 C CA  . ASP A 1 17 ? -4.035  -9.804  -0.194  1.00 15.24  ? 318 ASP A CA  1 
ATOM   140 C C   . ASP A 1 17 ? -3.819  -8.409  -0.755  1.00 15.96  ? 318 ASP A C   1 
ATOM   141 O O   . ASP A 1 17 ? -4.776  -7.724  -1.113  1.00 21.99  ? 318 ASP A O   1 
ATOM   142 C CB  . ASP A 1 17 ? -3.887  -9.766  1.327   1.00 18.79  ? 318 ASP A CB  1 
ATOM   143 C CG  . ASP A 1 17 ? -4.298  -11.063 1.987   1.00 29.07  ? 318 ASP A CG  1 
ATOM   144 O OD1 . ASP A 1 17 ? -5.134  -11.786 1.406   1.00 27.42  ? 318 ASP A OD1 1 
ATOM   145 O OD2 . ASP A 1 17 ? -3.787  -11.358 3.090   1.00 26.11  ? 318 ASP A OD2 1 
ATOM   146 N N   . ILE A 1 18 ? -2.562  -7.984  -0.820  1.00 18.84  ? 319 ILE A N   1 
ATOM   147 C CA  . ILE A 1 18 ? -2.254  -6.663  -1.352  1.00 15.82  ? 319 ILE A CA  1 
ATOM   148 C C   . ILE A 1 18 ? -2.655  -6.597  -2.818  1.00 14.12  ? 319 ILE A C   1 
ATOM   149 O O   . ILE A 1 18 ? -3.270  -5.632  -3.261  1.00 22.38  ? 319 ILE A O   1 
ATOM   150 C CB  . ILE A 1 18 ? -0.765  -6.317  -1.213  1.00 22.43  ? 319 ILE A CB  1 
ATOM   151 C CG1 . ILE A 1 18 ? -0.314  -6.480  0.240   1.00 26.13  ? 319 ILE A CG1 1 
ATOM   152 C CG2 . ILE A 1 18 ? -0.510  -4.903  -1.690  1.00 25.49  ? 319 ILE A CG2 1 
ATOM   153 C CD1 . ILE A 1 18 ? -1.084  -5.629  1.205   1.00 27.60  ? 319 ILE A CD1 1 
ATOM   154 N N   . LEU A 1 19 ? -2.305  -7.638  -3.561  1.00 16.05  ? 320 LEU A N   1 
ATOM   155 C CA  . LEU A 1 19 ? -2.648  -7.712  -4.973  1.00 17.11  ? 320 LEU A CA  1 
ATOM   156 C C   . LEU A 1 19 ? -4.151  -7.650  -5.182  1.00 22.62  ? 320 LEU A C   1 
ATOM   157 O O   . LEU A 1 19 ? -4.642  -6.885  -6.005  1.00 17.29  ? 320 LEU A O   1 
ATOM   158 C CB  . LEU A 1 19 ? -2.094  -8.996  -5.585  1.00 18.78  ? 320 LEU A CB  1 
ATOM   159 C CG  . LEU A 1 19 ? -0.656  -8.944  -6.091  1.00 23.46  ? 320 LEU A CG  1 
ATOM   160 C CD1 . LEU A 1 19 ? -0.157  -10.345 -6.414  1.00 15.11  ? 320 LEU A CD1 1 
ATOM   161 C CD2 . LEU A 1 19 ? -0.560  -8.040  -7.316  1.00 31.78  ? 320 LEU A CD2 1 
ATOM   162 N N   . ASN A 1 20 ? -4.888  -8.447  -4.424  1.00 18.42  ? 321 ASN A N   1 
ATOM   163 C CA  . ASN A 1 20 ? -6.319  -8.540  -4.641  1.00 17.57  ? 321 ASN A CA  1 
ATOM   164 C C   . ASN A 1 20 ? -7.057  -7.256  -4.294  1.00 22.92  ? 321 ASN A C   1 
ATOM   165 O O   . ASN A 1 20 ? -7.950  -6.833  -5.024  1.00 25.47  ? 321 ASN A O   1 
ATOM   166 C CB  . ASN A 1 20 ? -6.886  -9.721  -3.863  1.00 19.90  ? 321 ASN A CB  1 
ATOM   167 C CG  . ASN A 1 20 ? -6.641  -11.029 -4.573  1.00 24.95  ? 321 ASN A CG  1 
ATOM   168 O OD1 . ASN A 1 20 ? -6.149  -12.001 -3.993  1.00 24.67  ? 321 ASN A OD1 1 
ATOM   169 N ND2 . ASN A 1 20 ? -6.960  -11.051 -5.859  1.00 19.35  ? 321 ASN A ND2 1 
ATOM   170 N N   . PHE A 1 21 ? -6.672  -6.618  -3.197  1.00 15.69  ? 322 PHE A N   1 
ATOM   171 C CA  . PHE A 1 21 ? -7.305  -5.356  -2.832  1.00 18.20  ? 322 PHE A CA  1 
ATOM   172 C C   . PHE A 1 21 ? -6.898  -4.219  -3.758  1.00 18.78  ? 322 PHE A C   1 
ATOM   173 O O   . PHE A 1 21 ? -7.747  -3.506  -4.287  1.00 24.93  ? 322 PHE A O   1 
ATOM   174 C CB  . PHE A 1 21 ? -6.973  -4.985  -1.390  1.00 26.25  ? 322 PHE A CB  1 
ATOM   175 C CG  . PHE A 1 21 ? -7.802  -5.715  -0.380  1.00 29.88  ? 322 PHE A CG  1 
ATOM   176 C CD1 . PHE A 1 21 ? -9.166  -5.490  -0.295  1.00 28.07  ? 322 PHE A CD1 1 
ATOM   177 C CD2 . PHE A 1 21 ? -7.221  -6.620  0.490   1.00 36.74  ? 322 PHE A CD2 1 
ATOM   178 C CE1 . PHE A 1 21 ? -9.935  -6.161  0.637   1.00 26.82  ? 322 PHE A CE1 1 
ATOM   179 C CE2 . PHE A 1 21 ? -7.987  -7.294  1.424   1.00 36.61  ? 322 PHE A CE2 1 
ATOM   180 C CZ  . PHE A 1 21 ? -9.346  -7.063  1.497   1.00 30.35  ? 322 PHE A CZ  1 
ATOM   181 N N   . PHE A 1 22 ? -5.600  -4.054  -3.966  1.00 16.35  ? 323 PHE A N   1 
ATOM   182 C CA  . PHE A 1 22 ? -5.117  -2.824  -4.581  1.00 17.74  ? 323 PHE A CA  1 
ATOM   183 C C   . PHE A 1 22 ? -5.037  -2.858  -6.103  1.00 23.68  ? 323 PHE A C   1 
ATOM   184 O O   . PHE A 1 22 ? -4.768  -1.834  -6.728  1.00 29.15  ? 323 PHE A O   1 
ATOM   185 C CB  . PHE A 1 22 ? -3.767  -2.454  -3.965  1.00 17.00  ? 323 PHE A CB  1 
ATOM   186 C CG  . PHE A 1 22 ? -3.902  -1.922  -2.571  1.00 19.95  ? 323 PHE A CG  1 
ATOM   187 C CD1 . PHE A 1 22 ? -3.985  -2.787  -1.492  1.00 16.05  ? 323 PHE A CD1 1 
ATOM   188 C CD2 . PHE A 1 22 ? -4.032  -0.563  -2.349  1.00 20.69  ? 323 PHE A CD2 1 
ATOM   189 C CE1 . PHE A 1 22 ? -4.153  -2.303  -0.209  1.00 21.53  ? 323 PHE A CE1 1 
ATOM   190 C CE2 . PHE A 1 22 ? -4.196  -0.069  -1.063  1.00 20.89  ? 323 PHE A CE2 1 
ATOM   191 C CZ  . PHE A 1 22 ? -4.258  -0.940  0.007   1.00 19.11  ? 323 PHE A CZ  1 
ATOM   192 N N   . SER A 1 23 ? -5.303  -4.014  -6.704  1.00 19.25  ? 324 SER A N   1 
ATOM   193 C CA  . SER A 1 23 ? -5.420  -4.088  -8.159  1.00 21.63  ? 324 SER A CA  1 
ATOM   194 C C   . SER A 1 23 ? -6.803  -3.641  -8.618  1.00 28.84  ? 324 SER A C   1 
ATOM   195 O O   . SER A 1 23 ? -7.056  -3.503  -9.816  1.00 34.19  ? 324 SER A O   1 
ATOM   196 C CB  . SER A 1 23 ? -5.144  -5.503  -8.663  1.00 25.58  ? 324 SER A CB  1 
ATOM   197 O OG  . SER A 1 23 ? -3.835  -5.918  -8.321  1.00 37.83  ? 324 SER A OG  1 
ATOM   198 N N   . GLU A 1 24 ? -7.697  -3.415  -7.662  1.00 26.07  ? 325 GLU A N   1 
ATOM   199 C CA  . GLU A 1 24 ? -9.055  -2.990  -7.980  1.00 31.84  ? 325 GLU A CA  1 
ATOM   200 C C   . GLU A 1 24 ? -9.105  -1.571  -8.542  1.00 38.49  ? 325 GLU A C   1 
ATOM   201 O O   . GLU A 1 24 ? -10.078 -1.195  -9.192  1.00 34.59  ? 325 GLU A O   1 
ATOM   202 C CB  . GLU A 1 24 ? -9.949  -3.088  -6.742  1.00 31.94  ? 325 GLU A CB  1 
ATOM   203 C CG  . GLU A 1 24 ? -10.154 -4.511  -6.242  1.00 49.41  ? 325 GLU A CG  1 
ATOM   204 C CD  . GLU A 1 24 ? -10.762 -5.421  -7.297  1.00 71.40  ? 325 GLU A CD  1 
ATOM   205 O OE1 . GLU A 1 24 ? -11.668 -4.967  -8.030  1.00 74.90  ? 325 GLU A OE1 1 
ATOM   206 O OE2 . GLU A 1 24 ? -10.332 -6.590  -7.396  1.00 81.32  ? 325 GLU A OE2 1 
ATOM   207 N N   . VAL A 1 25 ? -8.062  -0.784  -8.292  1.00 26.54  ? 326 VAL A N   1 
ATOM   208 C CA  . VAL A 1 25 ? -8.031  0.593   -8.775  1.00 30.97  ? 326 VAL A CA  1 
ATOM   209 C C   . VAL A 1 25 ? -7.262  0.716   -10.085 1.00 36.19  ? 326 VAL A C   1 
ATOM   210 O O   . VAL A 1 25 ? -7.417  1.696   -10.816 1.00 41.45  ? 326 VAL A O   1 
ATOM   211 C CB  . VAL A 1 25 ? -7.403  1.542   -7.738  1.00 36.37  ? 326 VAL A CB  1 
ATOM   212 C CG1 . VAL A 1 25 ? -8.244  1.576   -6.476  1.00 45.40  ? 326 VAL A CG1 1 
ATOM   213 C CG2 . VAL A 1 25 ? -6.000  1.106   -7.417  1.00 31.27  ? 326 VAL A CG2 1 
ATOM   214 N N   . GLY A 1 26 ? -6.436  -0.280  -10.380 1.00 27.59  ? 327 GLY A N   1 
ATOM   215 C CA  . GLY A 1 26 ? -5.629  -0.264  -11.586 1.00 22.74  ? 327 GLY A CA  1 
ATOM   216 C C   . GLY A 1 26 ? -4.480  -1.246  -11.491 1.00 26.34  ? 327 GLY A C   1 
ATOM   217 O O   . GLY A 1 26 ? -4.202  -1.764  -10.412 1.00 26.89  ? 327 GLY A O   1 
ATOM   218 N N   . PRO A 1 27 ? -3.807  -1.503  -12.623 1.00 28.93  ? 328 PRO A N   1 
ATOM   219 C CA  . PRO A 1 27 ? -2.717  -2.482  -12.713 1.00 30.22  ? 328 PRO A CA  1 
ATOM   220 C C   . PRO A 1 27 ? -1.548  -2.135  -11.799 1.00 32.69  ? 328 PRO A C   1 
ATOM   221 O O   . PRO A 1 27 ? -1.084  -0.997  -11.795 1.00 29.50  ? 328 PRO A O   1 
ATOM   222 C CB  . PRO A 1 27 ? -2.289  -2.407  -14.184 1.00 26.71  ? 328 PRO A CB  1 
ATOM   223 C CG  . PRO A 1 27 ? -3.436  -1.765  -14.897 1.00 39.24  ? 328 PRO A CG  1 
ATOM   224 C CD  . PRO A 1 27 ? -4.042  -0.823  -13.909 1.00 35.27  ? 328 PRO A CD  1 
ATOM   225 N N   . ILE A 1 28 ? -1.072  -3.113  -11.042 1.00 35.44  ? 329 ILE A N   1 
ATOM   226 C CA  . ILE A 1 28 ? 0.054   -2.895  -10.147 1.00 32.46  ? 329 ILE A CA  1 
ATOM   227 C C   . ILE A 1 28 ? 1.373   -3.266  -10.819 1.00 31.84  ? 329 ILE A C   1 
ATOM   228 O O   . ILE A 1 28 ? 1.522   -4.366  -11.354 1.00 31.65  ? 329 ILE A O   1 
ATOM   229 C CB  . ILE A 1 28 ? -0.104  -3.700  -8.848  1.00 27.24  ? 329 ILE A CB  1 
ATOM   230 C CG1 . ILE A 1 28 ? -1.248  -3.122  -8.012  1.00 24.93  ? 329 ILE A CG1 1 
ATOM   231 C CG2 . ILE A 1 28 ? 1.189   -3.677  -8.052  1.00 33.23  ? 329 ILE A CG2 1 
ATOM   232 C CD1 . ILE A 1 28 ? -1.614  -3.963  -6.804  1.00 25.41  ? 329 ILE A CD1 1 
ATOM   233 N N   . LYS A 1 29 ? 2.326   -2.340  -10.788 1.00 30.20  ? 330 LYS A N   1 
ATOM   234 C CA  . LYS A 1 29 ? 3.634   -2.568  -11.388 1.00 30.87  ? 330 LYS A CA  1 
ATOM   235 C C   . LYS A 1 29 ? 4.511   -3.436  -10.491 1.00 35.95  ? 330 LYS A C   1 
ATOM   236 O O   . LYS A 1 29 ? 5.112   -4.410  -10.949 1.00 37.62  ? 330 LYS A O   1 
ATOM   237 C CB  . LYS A 1 29 ? 4.327   -1.234  -11.675 1.00 26.22  ? 330 LYS A CB  1 
ATOM   238 C CG  . LYS A 1 29 ? 5.508   -1.337  -12.624 1.00 42.35  ? 330 LYS A CG  1 
ATOM   239 C CD  . LYS A 1 29 ? 6.084   0.034   -12.944 1.00 49.72  ? 330 LYS A CD  1 
ATOM   240 C CE  . LYS A 1 29 ? 7.400   0.265   -12.216 1.00 59.88  ? 330 LYS A CE  1 
ATOM   241 N NZ  . LYS A 1 29 ? 8.255   1.261   -12.921 1.00 62.62  ? 330 LYS A NZ  1 
ATOM   242 N N   . SER A 1 30 ? 4.580   -3.083  -9.211  1.00 31.88  ? 331 SER A N   1 
ATOM   243 C CA  . SER A 1 30 ? 5.402   -3.828  -8.266  1.00 28.65  ? 331 SER A CA  1 
ATOM   244 C C   . SER A 1 30 ? 4.884   -3.688  -6.841  1.00 30.04  ? 331 SER A C   1 
ATOM   245 O O   . SER A 1 30 ? 4.227   -2.705  -6.498  1.00 26.71  ? 331 SER A O   1 
ATOM   246 C CB  . SER A 1 30 ? 6.860   -3.366  -8.341  1.00 37.91  ? 331 SER A CB  1 
ATOM   247 O OG  . SER A 1 30 ? 6.980   -1.990  -8.021  1.00 45.18  ? 331 SER A OG  1 
ATOM   248 N N   . ILE A 1 31 ? 5.185   -4.692  -6.023  1.00 22.00  ? 332 ILE A N   1 
ATOM   249 C CA  . ILE A 1 31 ? 4.797   -4.718  -4.618  1.00 23.94  ? 332 ILE A CA  1 
ATOM   250 C C   . ILE A 1 31 ? 5.954   -5.145  -3.738  1.00 28.92  ? 332 ILE A C   1 
ATOM   251 O O   . ILE A 1 31 ? 6.652   -6.113  -4.042  1.00 31.81  ? 332 ILE A O   1 
ATOM   252 C CB  . ILE A 1 31 ? 3.631   -5.696  -4.348  1.00 24.66  ? 332 ILE A CB  1 
ATOM   253 C CG1 . ILE A 1 31 ? 2.408   -5.349  -5.184  1.00 33.46  ? 332 ILE A CG1 1 
ATOM   254 C CG2 . ILE A 1 31 ? 3.259   -5.707  -2.869  1.00 23.63  ? 332 ILE A CG2 1 
ATOM   255 C CD1 . ILE A 1 31 ? 1.204   -6.178  -4.824  1.00 36.99  ? 332 ILE A CD1 1 
ATOM   256 N N   . TYR A 1 32 ? 6.159   -4.427  -2.643  1.00 22.87  ? 333 TYR A N   1 
ATOM   257 C CA  . TYR A 1 32 ? 6.986   -4.945  -1.571  1.00 23.19  ? 333 TYR A CA  1 
ATOM   258 C C   . TYR A 1 32 ? 6.118   -5.126  -0.336  1.00 23.72  ? 333 TYR A C   1 
ATOM   259 O O   . TYR A 1 32 ? 5.400   -4.216  0.056   1.00 21.67  ? 333 TYR A O   1 
ATOM   260 C CB  . TYR A 1 32 ? 8.164   -4.022  -1.257  1.00 23.83  ? 333 TYR A CB  1 
ATOM   261 C CG  . TYR A 1 32 ? 8.924   -4.481  -0.034  1.00 23.84  ? 333 TYR A CG  1 
ATOM   262 C CD1 . TYR A 1 32 ? 9.766   -5.584  -0.097  1.00 25.72  ? 333 TYR A CD1 1 
ATOM   263 C CD2 . TYR A 1 32 ? 8.777   -3.839  1.187   1.00 29.23  ? 333 TYR A CD2 1 
ATOM   264 C CE1 . TYR A 1 32 ? 10.450  -6.024  1.012   1.00 26.53  ? 333 TYR A CE1 1 
ATOM   265 C CE2 . TYR A 1 32 ? 9.461   -4.277  2.308   1.00 33.27  ? 333 TYR A CE2 1 
ATOM   266 C CZ  . TYR A 1 32 ? 10.295  -5.371  2.212   1.00 30.55  ? 333 TYR A CZ  1 
ATOM   267 O OH  . TYR A 1 32 ? 10.985  -5.820  3.317   1.00 35.93  ? 333 TYR A OH  1 
ATOM   268 N N   . LEU A 1 33 ? 6.172   -6.306  0.270   1.00 16.05  ? 334 LEU A N   1 
ATOM   269 C CA  . LEU A 1 33 ? 5.496   -6.519  1.542   1.00 13.29  ? 334 LEU A CA  1 
ATOM   270 C C   . LEU A 1 33 ? 6.534   -6.908  2.588   1.00 17.88  ? 334 LEU A C   1 
ATOM   271 O O   . LEU A 1 33 ? 7.234   -7.914  2.440   1.00 20.51  ? 334 LEU A O   1 
ATOM   272 C CB  . LEU A 1 33 ? 4.417   -7.590  1.414   1.00 14.51  ? 334 LEU A CB  1 
ATOM   273 C CG  . LEU A 1 33 ? 3.643   -7.919  2.690   1.00 16.49  ? 334 LEU A CG  1 
ATOM   274 C CD1 . LEU A 1 33 ? 2.866   -6.713  3.202   1.00 15.51  ? 334 LEU A CD1 1 
ATOM   275 C CD2 . LEU A 1 33 ? 2.726   -9.105  2.449   1.00 16.35  ? 334 LEU A CD2 1 
ATOM   276 N N   . SER A 1 34 ? 6.629   -6.097  3.634   1.00 23.90  ? 335 SER A N   1 
ATOM   277 C CA  A SER A 1 34 ? 7.643   -6.267  4.670   0.42 25.41  ? 335 SER A CA  1 
ATOM   278 C CA  B SER A 1 34 ? 7.653   -6.271  4.659   0.58 25.55  ? 335 SER A CA  1 
ATOM   279 C C   . SER A 1 34 ? 7.610   -7.648  5.314   1.00 26.59  ? 335 SER A C   1 
ATOM   280 O O   . SER A 1 34 ? 6.543   -8.186  5.597   1.00 22.09  ? 335 SER A O   1 
ATOM   281 C CB  A SER A 1 34 ? 7.471   -5.194  5.747   0.42 24.65  ? 335 SER A CB  1 
ATOM   282 C CB  B SER A 1 34 ? 7.507   -5.192  5.733   0.58 24.43  ? 335 SER A CB  1 
ATOM   283 O OG  A SER A 1 34 ? 8.336   -5.425  6.845   0.42 30.04  ? 335 SER A OG  1 
ATOM   284 O OG  B SER A 1 34 ? 6.314   -5.375  6.472   0.58 23.51  ? 335 SER A OG  1 
ATOM   285 N N   . ASN A 1 35 ? 8.790   -8.215  5.545   1.00 33.23  ? 336 ASN A N   1 
ATOM   286 C CA  . ASN A 1 35 ? 8.894   -9.468  6.277   1.00 37.36  ? 336 ASN A CA  1 
ATOM   287 C C   . ASN A 1 35 ? 9.077   -9.165  7.755   1.00 50.56  ? 336 ASN A C   1 
ATOM   288 O O   . ASN A 1 35 ? 10.001  -9.669  8.396   1.00 55.18  ? 336 ASN A O   1 
ATOM   289 C CB  . ASN A 1 35 ? 10.057  -10.320 5.766   1.00 39.41  ? 336 ASN A CB  1 
ATOM   290 C CG  . ASN A 1 35 ? 10.022  -11.736 6.317   1.00 51.66  ? 336 ASN A CG  1 
ATOM   291 O OD1 . ASN A 1 35 ? 8.950   -12.291 6.560   1.00 45.75  ? 336 ASN A OD1 1 
ATOM   292 N ND2 . ASN A 1 35 ? 11.196  -12.310 6.553   1.00 61.86  ? 336 ASN A ND2 1 
ATOM   293 N N   . ALA A 1 36 ? 8.201   -8.322  8.289   1.00 52.88  ? 337 ALA A N   1 
ATOM   294 C CA  . ALA A 1 36 ? 8.318   -7.881  9.671   1.00 60.81  ? 337 ALA A CA  1 
ATOM   295 C C   . ALA A 1 36 ? 7.989   -9.015  10.635  1.00 66.22  ? 337 ALA A C   1 
ATOM   296 O O   . ALA A 1 36 ? 6.907   -9.602  10.579  1.00 56.26  ? 337 ALA A O   1 
ATOM   297 C CB  . ALA A 1 36 ? 7.414   -6.683  9.926   1.00 59.94  ? 337 ALA A CB  1 
ATOM   298 N N   . THR A 1 37 ? 8.940   -9.320  11.513  1.00 72.67  ? 338 THR A N   1 
ATOM   299 C CA  . THR A 1 37 ? 8.769   -10.374 12.503  1.00 74.71  ? 338 THR A CA  1 
ATOM   300 C C   . THR A 1 37 ? 8.741   -9.787  13.910  1.00 75.80  ? 338 THR A C   1 
ATOM   301 O O   . THR A 1 37 ? 9.309   -8.724  14.159  1.00 74.37  ? 338 THR A O   1 
ATOM   302 C CB  . THR A 1 37 ? 9.881   -11.406 12.379  1.00 68.05  ? 338 THR A CB  1 
ATOM   303 N N   . VAL A 1 39 ? 6.734   -5.910  13.602  1.00 72.88  ? 340 VAL A N   1 
ATOM   304 C CA  . VAL A 1 39 ? 6.316   -7.049  14.410  1.00 72.98  ? 340 VAL A CA  1 
ATOM   305 C C   . VAL A 1 39 ? 4.810   -7.031  14.645  1.00 77.40  ? 340 VAL A C   1 
ATOM   306 O O   . VAL A 1 39 ? 4.114   -7.996  14.329  1.00 80.31  ? 340 VAL A O   1 
ATOM   307 C CB  . VAL A 1 39 ? 7.058   -7.058  15.738  1.00 70.91  ? 340 VAL A CB  1 
ATOM   308 N N   . LYS A 1 40 ? 4.313   -5.930  15.202  1.00 78.09  ? 341 LYS A N   1 
ATOM   309 C CA  . LYS A 1 40 ? 2.892   -5.791  15.505  1.00 74.63  ? 341 LYS A CA  1 
ATOM   310 C C   . LYS A 1 40 ? 2.081   -5.544  14.238  1.00 67.40  ? 341 LYS A C   1 
ATOM   311 O O   . LYS A 1 40 ? 0.922   -5.948  14.139  1.00 61.36  ? 341 LYS A O   1 
ATOM   312 C CB  . LYS A 1 40 ? 2.670   -4.666  16.505  1.00 74.35  ? 341 LYS A CB  1 
ATOM   313 N N   . TYR A 1 41 ? 2.697   -4.872  13.272  1.00 55.88  ? 342 TYR A N   1 
ATOM   314 C CA  . TYR A 1 41 ? 2.046   -4.600  12.001  1.00 47.26  ? 342 TYR A CA  1 
ATOM   315 C C   . TYR A 1 41 ? 3.068   -4.555  10.872  1.00 52.95  ? 342 TYR A C   1 
ATOM   316 O O   . TYR A 1 41 ? 4.218   -4.163  11.075  1.00 54.86  ? 342 TYR A O   1 
ATOM   317 C CB  . TYR A 1 41 ? 1.266   -3.293  12.068  1.00 43.70  ? 342 TYR A CB  1 
ATOM   318 N N   . LEU A 1 42 ? 2.642   -4.966  9.683   1.00 36.99  ? 343 LEU A N   1 
ATOM   319 C CA  . LEU A 1 42 ? 3.505   -4.938  8.511   1.00 33.98  ? 343 LEU A CA  1 
ATOM   320 C C   . LEU A 1 42 ? 3.294   -3.654  7.729   1.00 33.53  ? 343 LEU A C   1 
ATOM   321 O O   . LEU A 1 42 ? 2.381   -2.885  8.019   1.00 35.82  ? 343 LEU A O   1 
ATOM   322 C CB  . LEU A 1 42 ? 3.231   -6.141  7.613   1.00 26.12  ? 343 LEU A CB  1 
ATOM   323 C CG  . LEU A 1 42 ? 2.883   -7.433  8.346   1.00 37.04  ? 343 LEU A CG  1 
ATOM   324 C CD1 . LEU A 1 42 ? 2.359   -8.462  7.366   1.00 42.59  ? 343 LEU A CD1 1 
ATOM   325 C CD2 . LEU A 1 42 ? 4.102   -7.960  9.085   1.00 42.33  ? 343 LEU A CD2 1 
ATOM   326 N N   . TRP A 1 43 ? 4.145   -3.425  6.736   1.00 30.20  ? 344 TRP A N   1 
ATOM   327 C CA  . TRP A 1 43 ? 3.927   -2.323  5.817   1.00 27.82  ? 344 TRP A CA  1 
ATOM   328 C C   . TRP A 1 43 ? 4.159   -2.794  4.392   1.00 19.72  ? 344 TRP A C   1 
ATOM   329 O O   . TRP A 1 43 ? 4.826   -3.799  4.157   1.00 20.04  ? 344 TRP A O   1 
ATOM   330 C CB  . TRP A 1 43 ? 4.826   -1.130  6.152   1.00 28.00  ? 344 TRP A CB  1 
ATOM   331 C CG  . TRP A 1 43 ? 6.293   -1.379  5.998   1.00 29.64  ? 344 TRP A CG  1 
ATOM   332 C CD1 . TRP A 1 43 ? 7.129   -1.948  6.914   1.00 30.12  ? 344 TRP A CD1 1 
ATOM   333 C CD2 . TRP A 1 43 ? 7.104   -1.041  4.869   1.00 25.19  ? 344 TRP A CD2 1 
ATOM   334 N NE1 . TRP A 1 43 ? 8.409   -1.994  6.417   1.00 29.09  ? 344 TRP A NE1 1 
ATOM   335 C CE2 . TRP A 1 43 ? 8.421   -1.442  5.163   1.00 28.64  ? 344 TRP A CE2 1 
ATOM   336 C CE3 . TRP A 1 43 ? 6.842   -0.441  3.631   1.00 25.95  ? 344 TRP A CE3 1 
ATOM   337 C CZ2 . TRP A 1 43 ? 9.472   -1.266  4.267   1.00 30.07  ? 344 TRP A CZ2 1 
ATOM   338 C CZ3 . TRP A 1 43 ? 7.887   -0.267  2.743   1.00 24.37  ? 344 TRP A CZ3 1 
ATOM   339 C CH2 . TRP A 1 43 ? 9.188   -0.677  3.067   1.00 32.51  ? 344 TRP A CH2 1 
ATOM   340 N N   . ALA A 1 44 ? 3.583   -2.071  3.443   1.00 18.79  ? 345 ALA A N   1 
ATOM   341 C CA  . ALA A 1 44 ? 3.700   -2.437  2.045   1.00 21.68  ? 345 ALA A CA  1 
ATOM   342 C C   . ALA A 1 44 ? 4.016   -1.215  1.203   1.00 19.59  ? 345 ALA A C   1 
ATOM   343 O O   . ALA A 1 44 ? 3.615   -0.098  1.523   1.00 20.62  ? 345 ALA A O   1 
ATOM   344 C CB  . ALA A 1 44 ? 2.423   -3.106  1.555   1.00 21.53  ? 345 ALA A CB  1 
ATOM   345 N N   . PHE A 1 45 ? 4.741   -1.448  0.121   1.00 19.94  ? 346 PHE A N   1 
ATOM   346 C CA  . PHE A 1 45 ? 5.105   -0.403  -0.818  1.00 19.69  ? 346 PHE A CA  1 
ATOM   347 C C   . PHE A 1 45 ? 4.617   -0.840  -2.186  1.00 26.85  ? 346 PHE A C   1 
ATOM   348 O O   . PHE A 1 45 ? 5.105   -1.826  -2.740  1.00 26.99  ? 346 PHE A O   1 
ATOM   349 C CB  . PHE A 1 45 ? 6.618   -0.172  -0.794  1.00 18.62  ? 346 PHE A CB  1 
ATOM   350 C CG  . PHE A 1 45 ? 7.098   0.881   -1.750  1.00 31.38  ? 346 PHE A CG  1 
ATOM   351 C CD1 . PHE A 1 45 ? 6.748   2.209   -1.579  1.00 33.46  ? 346 PHE A CD1 1 
ATOM   352 C CD2 . PHE A 1 45 ? 7.933   0.546   -2.803  1.00 40.28  ? 346 PHE A CD2 1 
ATOM   353 C CE1 . PHE A 1 45 ? 7.205   3.178   -2.455  1.00 34.88  ? 346 PHE A CE1 1 
ATOM   354 C CE2 . PHE A 1 45 ? 8.391   1.509   -3.681  1.00 40.80  ? 346 PHE A CE2 1 
ATOM   355 C CZ  . PHE A 1 45 ? 8.026   2.828   -3.505  1.00 35.48  ? 346 PHE A CZ  1 
ATOM   356 N N   . VAL A 1 46 ? 3.630   -0.125  -2.712  1.00 19.30  ? 347 VAL A N   1 
ATOM   357 C CA  . VAL A 1 46 ? 2.983   -0.514  -3.959  1.00 18.32  ? 347 VAL A CA  1 
ATOM   358 C C   . VAL A 1 46 ? 3.191   0.529   -5.037  1.00 23.76  ? 347 VAL A C   1 
ATOM   359 O O   . VAL A 1 46 ? 2.943   1.718   -4.824  1.00 21.03  ? 347 VAL A O   1 
ATOM   360 C CB  . VAL A 1 46 ? 1.476   -0.741  -3.763  1.00 19.52  ? 347 VAL A CB  1 
ATOM   361 C CG1 . VAL A 1 46 ? 0.802   -1.056  -5.095  1.00 23.35  ? 347 VAL A CG1 1 
ATOM   362 C CG2 . VAL A 1 46 ? 1.248   -1.863  -2.776  1.00 19.80  ? 347 VAL A CG2 1 
ATOM   363 N N   . THR A 1 47 ? 3.647   0.074   -6.197  1.00 24.00  ? 348 THR A N   1 
ATOM   364 C CA  . THR A 1 47 ? 3.844   0.956   -7.334  1.00 23.46  ? 348 THR A CA  1 
ATOM   365 C C   . THR A 1 47 ? 2.872   0.607   -8.456  1.00 20.12  ? 348 THR A C   1 
ATOM   366 O O   . THR A 1 47 ? 2.808   -0.535  -8.907  1.00 21.91  ? 348 THR A O   1 
ATOM   367 C CB  . THR A 1 47 ? 5.283   0.884   -7.854  1.00 28.25  ? 348 THR A CB  1 
ATOM   368 O OG1 . THR A 1 47 ? 6.180   1.299   -6.816  1.00 27.88  ? 348 THR A OG1 1 
ATOM   369 C CG2 . THR A 1 47 ? 5.458   1.804   -9.050  1.00 36.65  ? 348 THR A CG2 1 
ATOM   370 N N   . TYR A 1 48 ? 2.113   1.602   -8.896  1.00 21.16  ? 349 TYR A N   1 
ATOM   371 C CA  . TYR A 1 48 ? 1.151   1.417   -9.970  1.00 19.82  ? 349 TYR A CA  1 
ATOM   372 C C   . TYR A 1 48 ? 1.763   1.715   -11.332 1.00 22.14  ? 349 TYR A C   1 
ATOM   373 O O   . TYR A 1 48 ? 2.671   2.538   -11.445 1.00 27.97  ? 349 TYR A O   1 
ATOM   374 C CB  . TYR A 1 48 ? -0.074  2.303   -9.738  1.00 25.50  ? 349 TYR A CB  1 
ATOM   375 C CG  . TYR A 1 48 ? -0.974  1.766   -8.651  1.00 23.15  ? 349 TYR A CG  1 
ATOM   376 C CD1 . TYR A 1 48 ? -1.941  0.815   -8.940  1.00 22.16  ? 349 TYR A CD1 1 
ATOM   377 C CD2 . TYR A 1 48 ? -0.844  2.194   -7.337  1.00 22.02  ? 349 TYR A CD2 1 
ATOM   378 C CE1 . TYR A 1 48 ? -2.760  0.307   -7.952  1.00 19.95  ? 349 TYR A CE1 1 
ATOM   379 C CE2 . TYR A 1 48 ? -1.663  1.694   -6.338  1.00 17.62  ? 349 TYR A CE2 1 
ATOM   380 C CZ  . TYR A 1 48 ? -2.621  0.753   -6.654  1.00 20.03  ? 349 TYR A CZ  1 
ATOM   381 O OH  . TYR A 1 48 ? -3.439  0.251   -5.669  1.00 20.13  ? 349 TYR A OH  1 
ATOM   382 N N   . LYS A 1 49 ? 1.268   1.040   -12.363 1.00 29.73  ? 350 LYS A N   1 
ATOM   383 C CA  . LYS A 1 49 ? 1.699   1.327   -13.724 1.00 36.94  ? 350 LYS A CA  1 
ATOM   384 C C   . LYS A 1 49 ? 1.242   2.725   -14.121 1.00 38.14  ? 350 LYS A C   1 
ATOM   385 O O   . LYS A 1 49 ? 2.013   3.508   -14.676 1.00 39.71  ? 350 LYS A O   1 
ATOM   386 C CB  . LYS A 1 49 ? 1.157   0.284   -14.703 1.00 39.83  ? 350 LYS A CB  1 
ATOM   387 C CG  . LYS A 1 49 ? 1.658   -1.130  -14.431 1.00 55.16  ? 350 LYS A CG  1 
ATOM   388 C CD  . LYS A 1 49 ? 1.371   -2.065  -15.596 1.00 62.58  ? 350 LYS A CD  1 
ATOM   389 C CE  . LYS A 1 49 ? 1.978   -3.440  -15.360 1.00 66.45  ? 350 LYS A CE  1 
ATOM   390 N NZ  . LYS A 1 49 ? 1.537   -4.428  -16.382 1.00 66.60  ? 350 LYS A NZ  1 
ATOM   391 N N   . ASN A 1 50 ? -0.015  3.034   -13.815 1.00 28.14  ? 351 ASN A N   1 
ATOM   392 C CA  . ASN A 1 50 ? -0.587  4.334   -14.132 1.00 31.45  ? 351 ASN A CA  1 
ATOM   393 C C   . ASN A 1 50 ? -0.641  5.227   -12.901 1.00 32.21  ? 351 ASN A C   1 
ATOM   394 O O   . ASN A 1 50 ? -1.211  4.852   -11.876 1.00 31.94  ? 351 ASN A O   1 
ATOM   395 C CB  . ASN A 1 50 ? -1.986  4.168   -14.728 1.00 36.42  ? 351 ASN A CB  1 
ATOM   396 C CG  . ASN A 1 50 ? -1.986  3.311   -15.979 1.00 49.65  ? 351 ASN A CG  1 
ATOM   397 O OD1 . ASN A 1 50 ? -1.207  3.545   -16.904 1.00 55.67  ? 351 ASN A OD1 1 
ATOM   398 N ND2 . ASN A 1 50 ? -2.853  2.304   -16.008 1.00 55.41  ? 351 ASN A ND2 1 
ATOM   399 N N   . SER A 1 51 ? -0.043  6.409   -13.012 1.00 37.27  ? 352 SER A N   1 
ATOM   400 C CA  . SER A 1 51 ? 0.073   7.338   -11.892 1.00 38.01  ? 352 SER A CA  1 
ATOM   401 C C   . SER A 1 51 ? -1.277  7.673   -11.266 1.00 41.67  ? 352 SER A C   1 
ATOM   402 O O   . SER A 1 51 ? -1.382  7.827   -10.049 1.00 39.77  ? 352 SER A O   1 
ATOM   403 C CB  . SER A 1 51 ? 0.761   8.625   -12.349 1.00 47.18  ? 352 SER A CB  1 
ATOM   404 O OG  . SER A 1 51 ? 1.930   8.337   -13.094 1.00 55.81  ? 352 SER A OG  1 
ATOM   405 N N   . SER A 1 52 ? -2.306  7.773   -12.101 1.00 36.37  ? 353 SER A N   1 
ATOM   406 C CA  . SER A 1 52 ? -3.638  8.152   -11.636 1.00 44.49  ? 353 SER A CA  1 
ATOM   407 C C   . SER A 1 52 ? -4.204  7.140   -10.646 1.00 37.25  ? 353 SER A C   1 
ATOM   408 O O   . SER A 1 52 ? -4.993  7.492   -9.769  1.00 36.96  ? 353 SER A O   1 
ATOM   409 C CB  . SER A 1 52 ? -4.593  8.324   -12.822 1.00 51.30  ? 353 SER A CB  1 
ATOM   410 O OG  . SER A 1 52 ? -4.727  7.122   -13.559 1.00 61.67  ? 353 SER A OG  1 
ATOM   411 N N   . ASP A 1 53 ? -3.786  5.887   -10.781 1.00 33.49  ? 354 ASP A N   1 
ATOM   412 C CA  . ASP A 1 53 ? -4.318  4.814   -9.949  1.00 29.79  ? 354 ASP A CA  1 
ATOM   413 C C   . ASP A 1 53 ? -3.810  4.875   -8.510  1.00 31.10  ? 354 ASP A C   1 
ATOM   414 O O   . ASP A 1 53 ? -4.499  4.435   -7.588  1.00 26.19  ? 354 ASP A O   1 
ATOM   415 C CB  . ASP A 1 53 ? -3.989  3.455   -10.570 1.00 25.16  ? 354 ASP A CB  1 
ATOM   416 C CG  . ASP A 1 53 ? -4.683  3.246   -11.904 1.00 35.26  ? 354 ASP A CG  1 
ATOM   417 O OD1 . ASP A 1 53 ? -5.710  3.917   -12.153 1.00 42.01  ? 354 ASP A OD1 1 
ATOM   418 O OD2 . ASP A 1 53 ? -4.209  2.413   -12.705 1.00 36.25  ? 354 ASP A OD2 1 
ATOM   419 N N   . SER A 1 54 ? -2.615  5.422   -8.313  1.00 32.80  ? 355 SER A N   1 
ATOM   420 C CA  . SER A 1 54 ? -2.063  5.536   -6.967  1.00 31.45  ? 355 SER A CA  1 
ATOM   421 C C   . SER A 1 54 ? -2.892  6.506   -6.129  1.00 26.28  ? 355 SER A C   1 
ATOM   422 O O   . SER A 1 54 ? -3.145  6.258   -4.951  1.00 30.33  ? 355 SER A O   1 
ATOM   423 C CB  . SER A 1 54 ? -0.595  5.973   -7.009  1.00 38.86  ? 355 SER A CB  1 
ATOM   424 O OG  . SER A 1 54 ? -0.459  7.316   -7.431  1.00 34.61  ? 355 SER A OG  1 
ATOM   425 N N   . GLU A 1 55 ? -3.328  7.603   -6.738  1.00 31.88  ? 356 GLU A N   1 
ATOM   426 C CA  . GLU A 1 55 ? -4.205  8.543   -6.048  1.00 32.62  ? 356 GLU A CA  1 
ATOM   427 C C   . GLU A 1 55 ? -5.552  7.895   -5.747  1.00 30.63  ? 356 GLU A C   1 
ATOM   428 O O   . GLU A 1 55 ? -6.129  8.104   -4.679  1.00 26.80  ? 356 GLU A O   1 
ATOM   429 C CB  . GLU A 1 55 ? -4.407  9.809   -6.878  1.00 47.98  ? 356 GLU A CB  1 
ATOM   430 C CG  . GLU A 1 55 ? -5.022  10.963  -6.106  1.00 61.03  ? 356 GLU A CG  1 
ATOM   431 C CD  . GLU A 1 55 ? -4.248  11.296  -4.844  1.00 75.31  ? 356 GLU A CD  1 
ATOM   432 O OE1 . GLU A 1 55 ? -3.006  11.428  -4.920  1.00 72.30  ? 356 GLU A OE1 1 
ATOM   433 O OE2 . GLU A 1 55 ? -4.882  11.424  -3.774  1.00 79.26  ? 356 GLU A OE2 1 
ATOM   434 N N   . LYS A 1 56 ? -6.045  7.106   -6.695  1.00 29.02  ? 357 LYS A N   1 
ATOM   435 C CA  . LYS A 1 56 ? -7.302  6.395   -6.511  1.00 25.32  ? 357 LYS A CA  1 
ATOM   436 C C   . LYS A 1 56 ? -7.203  5.440   -5.331  1.00 22.26  ? 357 LYS A C   1 
ATOM   437 O O   . LYS A 1 56 ? -8.131  5.335   -4.530  1.00 25.80  ? 357 LYS A O   1 
ATOM   438 C CB  . LYS A 1 56 ? -7.683  5.635   -7.782  1.00 37.24  ? 357 LYS A CB  1 
ATOM   439 C CG  . LYS A 1 56 ? -8.140  6.530   -8.923  1.00 50.80  ? 357 LYS A CG  1 
ATOM   440 C CD  . LYS A 1 56 ? -8.167  5.777   -10.244 1.00 64.98  ? 357 LYS A CD  1 
ATOM   441 C CE  . LYS A 1 56 ? -9.097  4.575   -10.180 1.00 75.75  ? 357 LYS A CE  1 
ATOM   442 N NZ  . LYS A 1 56 ? -8.967  3.712   -11.387 1.00 81.86  ? 357 LYS A NZ  1 
ATOM   443 N N   . ALA A 1 57 ? -6.067  4.753   -5.229  1.00 20.88  ? 358 ALA A N   1 
ATOM   444 C CA  . ALA A 1 57 ? -5.838  3.787   -4.157  1.00 22.11  ? 358 ALA A CA  1 
ATOM   445 C C   . ALA A 1 57 ? -5.889  4.451   -2.787  1.00 22.58  ? 358 ALA A C   1 
ATOM   446 O O   . ALA A 1 57 ? -6.478  3.915   -1.851  1.00 23.59  ? 358 ALA A O   1 
ATOM   447 C CB  . ALA A 1 57 ? -4.497  3.082   -4.351  1.00 24.92  ? 358 ALA A CB  1 
ATOM   448 N N   . ILE A 1 58 ? -5.257  5.614   -2.672  1.00 18.69  ? 359 ILE A N   1 
ATOM   449 C CA  . ILE A 1 58 ? -5.302  6.378   -1.433  1.00 19.46  ? 359 ILE A CA  1 
ATOM   450 C C   . ILE A 1 58 ? -6.739  6.776   -1.102  1.00 22.26  ? 359 ILE A C   1 
ATOM   451 O O   . ILE A 1 58 ? -7.209  6.583   0.019   1.00 25.48  ? 359 ILE A O   1 
ATOM   452 C CB  . ILE A 1 58 ? -4.427  7.640   -1.521  1.00 27.54  ? 359 ILE A CB  1 
ATOM   453 C CG1 . ILE A 1 58 ? -2.959  7.255   -1.712  1.00 24.58  ? 359 ILE A CG1 1 
ATOM   454 C CG2 . ILE A 1 58 ? -4.605  8.501   -0.279  1.00 32.13  ? 359 ILE A CG2 1 
ATOM   455 C CD1 . ILE A 1 58 ? -2.061  8.435   -2.014  1.00 30.00  ? 359 ILE A CD1 1 
ATOM   456 N N   . LYS A 1 59 ? -7.441  7.318   -2.091  1.00 25.34  ? 360 LYS A N   1 
ATOM   457 C CA  . LYS A 1 59 ? -8.810  7.774   -1.873  1.00 24.24  ? 360 LYS A CA  1 
ATOM   458 C C   . LYS A 1 59 ? -9.739  6.627   -1.501  1.00 24.65  ? 360 LYS A C   1 
ATOM   459 O O   . LYS A 1 59 ? -10.656 6.794   -0.693  1.00 27.89  ? 360 LYS A O   1 
ATOM   460 C CB  . LYS A 1 59 ? -9.344  8.491   -3.117  1.00 31.52  ? 360 LYS A CB  1 
ATOM   461 C CG  . LYS A 1 59 ? -8.823  9.907   -3.283  1.00 40.91  ? 360 LYS A CG  1 
ATOM   462 C CD  . LYS A 1 59 ? -9.742  10.734  -4.171  1.00 55.43  ? 360 LYS A CD  1 
ATOM   463 C CE  . LYS A 1 59 ? -9.409  10.561  -5.644  1.00 63.54  ? 360 LYS A CE  1 
ATOM   464 N NZ  . LYS A 1 59 ? -8.383  11.542  -6.098  1.00 68.63  ? 360 LYS A NZ  1 
ATOM   465 N N   . ARG A 1 60 ? -9.500  5.459   -2.081  1.00 23.59  ? 361 ARG A N   1 
ATOM   466 C CA  . ARG A 1 60 ? -10.410 4.342   -1.877  1.00 34.62  ? 361 ARG A CA  1 
ATOM   467 C C   . ARG A 1 60 ? -10.054 3.472   -0.677  1.00 29.20  ? 361 ARG A C   1 
ATOM   468 O O   . ARG A 1 60 ? -10.947 2.908   -0.042  1.00 25.58  ? 361 ARG A O   1 
ATOM   469 C CB  . ARG A 1 60 ? -10.481 3.489   -3.147  1.00 29.93  ? 361 ARG A CB  1 
ATOM   470 C CG  . ARG A 1 60 ? -11.040 4.260   -4.340  1.00 39.83  ? 361 ARG A CG  1 
ATOM   471 C CD  . ARG A 1 60 ? -11.129 3.407   -5.588  1.00 51.96  ? 361 ARG A CD  1 
ATOM   472 N NE  . ARG A 1 60 ? -11.799 2.134   -5.338  1.00 69.54  ? 361 ARG A NE  1 
ATOM   473 C CZ  . ARG A 1 60 ? -11.986 1.199   -6.263  1.00 76.34  ? 361 ARG A CZ  1 
ATOM   474 N NH1 . ARG A 1 60 ? -11.553 1.393   -7.502  1.00 75.03  ? 361 ARG A NH1 1 
ATOM   475 N NH2 . ARG A 1 60 ? -12.604 0.069   -5.948  1.00 76.67  ? 361 ARG A NH2 1 
ATOM   476 N N   . TYR A 1 61 ? -8.770  3.376   -0.339  1.00 19.85  ? 362 TYR A N   1 
ATOM   477 C CA  . TYR A 1 61 ? -8.361  2.412   0.681   1.00 19.53  ? 362 TYR A CA  1 
ATOM   478 C C   . TYR A 1 61 ? -7.814  2.995   1.980   1.00 22.36  ? 362 TYR A C   1 
ATOM   479 O O   . TYR A 1 61 ? -7.624  2.257   2.945   1.00 20.77  ? 362 TYR A O   1 
ATOM   480 C CB  . TYR A 1 61 ? -7.330  1.448   0.098   1.00 16.66  ? 362 TYR A CB  1 
ATOM   481 C CG  . TYR A 1 61 ? -7.970  0.362   -0.725  1.00 20.78  ? 362 TYR A CG  1 
ATOM   482 C CD1 . TYR A 1 61 ? -8.816  -0.567  -0.133  1.00 26.45  ? 362 TYR A CD1 1 
ATOM   483 C CD2 . TYR A 1 61 ? -7.741  0.266   -2.090  1.00 21.82  ? 362 TYR A CD2 1 
ATOM   484 C CE1 . TYR A 1 61 ? -9.415  -1.563  -0.874  1.00 25.84  ? 362 TYR A CE1 1 
ATOM   485 C CE2 . TYR A 1 61 ? -8.338  -0.730  -2.844  1.00 25.34  ? 362 TYR A CE2 1 
ATOM   486 C CZ  . TYR A 1 61 ? -9.173  -1.641  -2.228  1.00 30.84  ? 362 TYR A CZ  1 
ATOM   487 O OH  . TYR A 1 61 ? -9.769  -2.638  -2.967  1.00 35.84  ? 362 TYR A OH  1 
ATOM   488 N N   . ASN A 1 62 ? -7.552  4.295   2.034   1.00 19.76  ? 363 ASN A N   1 
ATOM   489 C CA  . ASN A 1 62 ? -7.183  4.859   3.324   1.00 17.68  ? 363 ASN A CA  1 
ATOM   490 C C   . ASN A 1 62 ? -8.366  4.678   4.268   1.00 17.73  ? 363 ASN A C   1 
ATOM   491 O O   . ASN A 1 62 ? -9.514  4.901   3.878   1.00 22.13  ? 363 ASN A O   1 
ATOM   492 C CB  . ASN A 1 62 ? -6.782  6.331   3.220   1.00 22.87  ? 363 ASN A CB  1 
ATOM   493 C CG  . ASN A 1 62 ? -6.061  6.818   4.462   1.00 28.40  ? 363 ASN A CG  1 
ATOM   494 O OD1 . ASN A 1 62 ? -5.386  6.042   5.136   1.00 21.49  ? 363 ASN A OD1 1 
ATOM   495 N ND2 . ASN A 1 62 ? -6.207  8.100   4.775   1.00 28.15  ? 363 ASN A ND2 1 
ATOM   496 N N   . ASN A 1 63 ? -8.074  4.229   5.489   1.00 23.50  ? 364 ASN A N   1 
ATOM   497 C CA  . ASN A 1 63 ? -9.078  3.958   6.523   1.00 18.19  ? 364 ASN A CA  1 
ATOM   498 C C   . ASN A 1 63 ? -9.986  2.775   6.205   1.00 20.81  ? 364 ASN A C   1 
ATOM   499 O O   . ASN A 1 63 ? -11.017 2.578   6.848   1.00 21.05  ? 364 ASN A O   1 
ATOM   500 C CB  . ASN A 1 63 ? -9.916  5.207   6.800   1.00 22.35  ? 364 ASN A CB  1 
ATOM   501 C CG  . ASN A 1 63 ? -9.095  6.318   7.405   1.00 33.24  ? 364 ASN A CG  1 
ATOM   502 O OD1 . ASN A 1 63 ? -8.319  6.087   8.333   1.00 25.29  ? 364 ASN A OD1 1 
ATOM   503 N ND2 . ASN A 1 63 ? -9.240  7.526   6.875   1.00 37.45  ? 364 ASN A ND2 1 
ATOM   504 N N   . PHE A 1 64 ? -9.578  1.972   5.230   1.00 21.64  ? 365 PHE A N   1 
ATOM   505 C CA  . PHE A 1 64 ? -10.253 0.714   4.938   1.00 26.83  ? 365 PHE A CA  1 
ATOM   506 C C   . PHE A 1 64 ? -9.879  -0.334  5.986   1.00 23.53  ? 365 PHE A C   1 
ATOM   507 O O   . PHE A 1 64 ? -8.707  -0.488  6.331   1.00 23.41  ? 365 PHE A O   1 
ATOM   508 C CB  . PHE A 1 64 ? -9.883  0.235   3.531   1.00 20.02  ? 365 PHE A CB  1 
ATOM   509 C CG  . PHE A 1 64 ? -10.412 -1.126  3.184   1.00 21.30  ? 365 PHE A CG  1 
ATOM   510 C CD1 . PHE A 1 64 ? -11.718 -1.285  2.752   1.00 31.28  ? 365 PHE A CD1 1 
ATOM   511 C CD2 . PHE A 1 64 ? -9.590  -2.240  3.253   1.00 25.71  ? 365 PHE A CD2 1 
ATOM   512 C CE1 . PHE A 1 64 ? -12.204 -2.532  2.420   1.00 29.65  ? 365 PHE A CE1 1 
ATOM   513 C CE2 . PHE A 1 64 ? -10.070 -3.491  2.920   1.00 28.34  ? 365 PHE A CE2 1 
ATOM   514 C CZ  . PHE A 1 64 ? -11.378 -3.638  2.504   1.00 22.62  ? 365 PHE A CZ  1 
ATOM   515 N N   . TYR A 1 65 ? -10.879 -1.040  6.503   1.00 17.14  ? 366 TYR A N   1 
ATOM   516 C CA  . TYR A 1 65 ? -10.642 -2.094  7.484   1.00 17.00  ? 366 TYR A CA  1 
ATOM   517 C C   . TYR A 1 65 ? -10.275 -3.405  6.824   1.00 19.43  ? 366 TYR A C   1 
ATOM   518 O O   . TYR A 1 65 ? -11.016 -3.926  5.985   1.00 17.53  ? 366 TYR A O   1 
ATOM   519 C CB  . TYR A 1 65 ? -11.867 -2.304  8.378   1.00 17.46  ? 366 TYR A CB  1 
ATOM   520 C CG  . TYR A 1 65 ? -12.013 -1.262  9.456   1.00 21.81  ? 366 TYR A CG  1 
ATOM   521 C CD1 . TYR A 1 65 ? -11.337 -1.382  10.665  1.00 24.60  ? 366 TYR A CD1 1 
ATOM   522 C CD2 . TYR A 1 65 ? -12.831 -0.157  9.271   1.00 21.76  ? 366 TYR A CD2 1 
ATOM   523 C CE1 . TYR A 1 65 ? -11.473 -0.424  11.657  1.00 22.84  ? 366 TYR A CE1 1 
ATOM   524 C CE2 . TYR A 1 65 ? -12.969 0.800   10.251  1.00 28.02  ? 366 TYR A CE2 1 
ATOM   525 C CZ  . TYR A 1 65 ? -12.289 0.663   11.440  1.00 33.85  ? 366 TYR A CZ  1 
ATOM   526 O OH  . TYR A 1 65 ? -12.432 1.623   12.416  1.00 43.69  ? 366 TYR A OH  1 
ATOM   527 N N   . PHE A 1 66 ? -9.125  -3.938  7.217   1.00 16.04  ? 367 PHE A N   1 
ATOM   528 C CA  . PHE A 1 66 ? -8.695  -5.241  6.755   1.00 21.95  ? 367 PHE A CA  1 
ATOM   529 C C   . PHE A 1 66 ? -8.364  -6.102  7.965   1.00 19.72  ? 367 PHE A C   1 
ATOM   530 O O   . PHE A 1 66 ? -7.448  -5.788  8.726   1.00 18.04  ? 367 PHE A O   1 
ATOM   531 C CB  . PHE A 1 66 ? -7.494  -5.114  5.822   1.00 18.27  ? 367 PHE A CB  1 
ATOM   532 C CG  . PHE A 1 66 ? -6.952  -6.429  5.363   1.00 20.62  ? 367 PHE A CG  1 
ATOM   533 C CD1 . PHE A 1 66 ? -7.809  -7.439  4.962   1.00 20.03  ? 367 PHE A CD1 1 
ATOM   534 C CD2 . PHE A 1 66 ? -5.589  -6.656  5.326   1.00 27.79  ? 367 PHE A CD2 1 
ATOM   535 C CE1 . PHE A 1 66 ? -7.314  -8.660  4.538   1.00 32.99  ? 367 PHE A CE1 1 
ATOM   536 C CE2 . PHE A 1 66 ? -5.090  -7.871  4.902   1.00 24.07  ? 367 PHE A CE2 1 
ATOM   537 C CZ  . PHE A 1 66 ? -5.952  -8.871  4.506   1.00 25.82  ? 367 PHE A CZ  1 
ATOM   538 N N   . ARG A 1 67 ? -9.133  -7.171  8.141   1.00 20.06  ? 368 ARG A N   1 
ATOM   539 C CA  . ARG A 1 67 ? -9.073  -8.003  9.341   1.00 25.79  ? 368 ARG A CA  1 
ATOM   540 C C   . ARG A 1 67 ? -9.049  -7.158  10.610  1.00 29.53  ? 368 ARG A C   1 
ATOM   541 O O   . ARG A 1 67 ? -8.187  -7.334  11.471  1.00 29.26  ? 368 ARG A O   1 
ATOM   542 C CB  . ARG A 1 67 ? -7.860  -8.927  9.291   1.00 29.96  ? 368 ARG A CB  1 
ATOM   543 C CG  . ARG A 1 67 ? -7.797  -9.736  8.015   1.00 33.04  ? 368 ARG A CG  1 
ATOM   544 C CD  . ARG A 1 67 ? -7.378  -11.157 8.288   1.00 53.00  ? 368 ARG A CD  1 
ATOM   545 N NE  . ARG A 1 67 ? -6.936  -11.823 7.067   1.00 69.10  ? 368 ARG A NE  1 
ATOM   546 C CZ  . ARG A 1 67 ? -7.464  -12.949 6.601   1.00 79.63  ? 368 ARG A CZ  1 
ATOM   547 N NH1 . ARG A 1 67 ? -8.453  -13.539 7.258   1.00 83.37  ? 368 ARG A NH1 1 
ATOM   548 N NH2 . ARG A 1 67 ? -6.999  -13.487 5.482   1.00 79.46  ? 368 ARG A NH2 1 
ATOM   549 N N   . GLY A 1 68 ? -9.987  -6.221  10.701  1.00 27.37  ? 369 GLY A N   1 
ATOM   550 C CA  . GLY A 1 68 ? -10.157 -5.420  11.898  1.00 23.57  ? 369 GLY A CA  1 
ATOM   551 C C   . GLY A 1 68 ? -9.169  -4.280  12.044  1.00 26.15  ? 369 GLY A C   1 
ATOM   552 O O   . GLY A 1 68 ? -9.310  -3.453  12.942  1.00 28.33  ? 369 GLY A O   1 
ATOM   553 N N   . LYS A 1 69 ? -8.164  -4.241  11.174  1.00 25.98  ? 370 LYS A N   1 
ATOM   554 C CA  . LYS A 1 69 ? -7.161  -3.181  11.201  1.00 22.65  ? 370 LYS A CA  1 
ATOM   555 C C   . LYS A 1 69 ? -7.526  -2.072  10.227  1.00 26.88  ? 370 LYS A C   1 
ATOM   556 O O   . LYS A 1 69 ? -7.795  -2.335  9.054   1.00 19.83  ? 370 LYS A O   1 
ATOM   557 C CB  . LYS A 1 69 ? -5.773  -3.730  10.850  1.00 23.68  ? 370 LYS A CB  1 
ATOM   558 C CG  . LYS A 1 69 ? -5.236  -4.786  11.804  1.00 32.68  ? 370 LYS A CG  1 
ATOM   559 C CD  . LYS A 1 69 ? -5.062  -4.237  13.206  1.00 51.88  ? 370 LYS A CD  1 
ATOM   560 C CE  . LYS A 1 69 ? -4.153  -5.134  14.033  1.00 64.79  ? 370 LYS A CE  1 
ATOM   561 N NZ  . LYS A 1 69 ? -4.927  -6.109  14.855  1.00 65.33  ? 370 LYS A NZ  1 
ATOM   562 N N   . LYS A 1 70 ? -7.526  -0.834  10.712  1.00 22.28  ? 371 LYS A N   1 
ATOM   563 C CA  . LYS A 1 70 ? -7.783  0.315   9.859   1.00 22.21  ? 371 LYS A CA  1 
ATOM   564 C C   . LYS A 1 70 ? -6.511  0.665   9.095   1.00 28.38  ? 371 LYS A C   1 
ATOM   565 O O   . LYS A 1 70 ? -5.532  1.130   9.678   1.00 18.40  ? 371 LYS A O   1 
ATOM   566 C CB  . LYS A 1 70 ? -8.273  1.508   10.684  1.00 22.54  ? 371 LYS A CB  1 
ATOM   567 C CG  . LYS A 1 70 ? -8.868  2.621   9.849   1.00 32.99  ? 371 LYS A CG  1 
ATOM   568 C CD  . LYS A 1 70 ? -9.573  3.656   10.710  1.00 40.39  ? 371 LYS A CD  1 
ATOM   569 C CE  . LYS A 1 70 ? -8.602  4.334   11.658  1.00 49.80  ? 371 LYS A CE  1 
ATOM   570 N NZ  . LYS A 1 70 ? -9.234  5.484   12.359  1.00 61.13  ? 371 LYS A NZ  1 
ATOM   571 N N   . LEU A 1 71 ? -6.523  0.423   7.790   1.00 21.09  ? 372 LEU A N   1 
ATOM   572 C CA  . LEU A 1 71 ? -5.328  0.609   6.982   1.00 16.39  ? 372 LEU A CA  1 
ATOM   573 C C   . LEU A 1 71 ? -4.960  2.073   6.820   1.00 25.23  ? 372 LEU A C   1 
ATOM   574 O O   . LEU A 1 71 ? -5.827  2.937   6.694   1.00 25.06  ? 372 LEU A O   1 
ATOM   575 C CB  . LEU A 1 71 ? -5.510  -0.026  5.602   1.00 19.59  ? 372 LEU A CB  1 
ATOM   576 C CG  . LEU A 1 71 ? -5.682  -1.541  5.585   1.00 26.98  ? 372 LEU A CG  1 
ATOM   577 C CD1 . LEU A 1 71 ? -5.548  -2.074  4.168   1.00 27.55  ? 372 LEU A CD1 1 
ATOM   578 C CD2 . LEU A 1 71 ? -4.670  -2.199  6.512   1.00 19.27  ? 372 LEU A CD2 1 
ATOM   579 N N   . LEU A 1 72 ? -3.658  2.340   6.830   1.00 18.11  ? 373 LEU A N   1 
ATOM   580 C CA  . LEU A 1 72 ? -3.147  3.660   6.507   1.00 24.92  ? 373 LEU A CA  1 
ATOM   581 C C   . LEU A 1 72 ? -2.549  3.610   5.110   1.00 26.48  ? 373 LEU A C   1 
ATOM   582 O O   . LEU A 1 72 ? -1.576  2.898   4.867   1.00 26.56  ? 373 LEU A O   1 
ATOM   583 C CB  . LEU A 1 72 ? -2.104  4.110   7.533   1.00 26.06  ? 373 LEU A CB  1 
ATOM   584 C CG  . LEU A 1 72 ? -1.356  5.409   7.230   1.00 30.27  ? 373 LEU A CG  1 
ATOM   585 C CD1 . LEU A 1 72 ? -2.303  6.607   7.224   1.00 36.33  ? 373 LEU A CD1 1 
ATOM   586 C CD2 . LEU A 1 72 ? -0.228  5.612   8.232   1.00 34.71  ? 373 LEU A CD2 1 
ATOM   587 N N   . VAL A 1 73 ? -3.150  4.343   4.183   1.00 17.53  ? 374 VAL A N   1 
ATOM   588 C CA  . VAL A 1 73 ? -2.661  4.364   2.815   1.00 14.83  ? 374 VAL A CA  1 
ATOM   589 C C   . VAL A 1 73 ? -2.266  5.782   2.445   1.00 20.18  ? 374 VAL A C   1 
ATOM   590 O O   . VAL A 1 73 ? -3.113  6.671   2.353   1.00 25.66  ? 374 VAL A O   1 
ATOM   591 C CB  . VAL A 1 73 ? -3.712  3.823   1.834   1.00 20.23  ? 374 VAL A CB  1 
ATOM   592 C CG1 . VAL A 1 73 ? -3.160  3.814   0.416   1.00 23.06  ? 374 VAL A CG1 1 
ATOM   593 C CG2 . VAL A 1 73 ? -4.137  2.424   2.252   1.00 25.01  ? 374 VAL A CG2 1 
ATOM   594 N N   . THR A 1 74 ? -0.967  5.997   2.261   1.00 26.30  ? 375 THR A N   1 
ATOM   595 C CA  . THR A 1 74 ? -0.451  7.330   1.977   1.00 27.35  ? 375 THR A CA  1 
ATOM   596 C C   . THR A 1 74 ? 0.445   7.312   0.752   1.00 24.68  ? 375 THR A C   1 
ATOM   597 O O   . THR A 1 74 ? 0.948   6.265   0.362   1.00 19.77  ? 375 THR A O   1 
ATOM   598 C CB  . THR A 1 74 ? 0.343   7.895   3.168   1.00 29.56  ? 375 THR A CB  1 
ATOM   599 O OG1 . THR A 1 74 ? 1.387   6.980   3.523   1.00 32.65  ? 375 THR A OG1 1 
ATOM   600 C CG2 . THR A 1 74 ? -0.563  8.100   4.365   1.00 31.78  ? 375 THR A CG2 1 
ATOM   601 N N   . ARG A 1 75 ? 0.645   8.473   0.143   1.00 22.78  ? 376 ARG A N   1 
ATOM   602 C CA  . ARG A 1 75 ? 1.534   8.562   -1.006  1.00 24.98  ? 376 ARG A CA  1 
ATOM   603 C C   . ARG A 1 75 ? 2.983   8.364   -0.574  1.00 28.31  ? 376 ARG A C   1 
ATOM   604 O O   . ARG A 1 75 ? 3.396   8.836   0.483   1.00 30.18  ? 376 ARG A O   1 
ATOM   605 C CB  . ARG A 1 75 ? 1.362   9.906   -1.720  1.00 30.30  ? 376 ARG A CB  1 
ATOM   606 C CG  . ARG A 1 75 ? 2.277   10.084  -2.922  1.00 41.75  ? 376 ARG A CG  1 
ATOM   607 C CD  . ARG A 1 75 ? 1.716   11.090  -3.913  1.00 51.98  ? 376 ARG A CD  1 
ATOM   608 N NE  . ARG A 1 75 ? 0.412   10.679  -4.423  1.00 55.19  ? 376 ARG A NE  1 
ATOM   609 C CZ  . ARG A 1 75 ? 0.239   9.800   -5.405  1.00 53.81  ? 376 ARG A CZ  1 
ATOM   610 N NH1 . ARG A 1 75 ? 1.288   9.226   -5.979  1.00 46.96  ? 376 ARG A NH1 1 
ATOM   611 N NH2 . ARG A 1 75 ? -0.985  9.485   -5.807  1.00 56.46  ? 376 ARG A NH2 1 
ATOM   612 N N   . ALA A 1 76 ? 3.741   7.637   -1.388  1.00 22.49  ? 377 ALA A N   1 
ATOM   613 C CA  . ALA A 1 76 ? 5.164   7.464   -1.161  1.00 24.99  ? 377 ALA A CA  1 
ATOM   614 C C   . ALA A 1 76 ? 5.912   8.555   -1.905  1.00 32.08  ? 377 ALA A C   1 
ATOM   615 O O   . ALA A 1 76 ? 6.277   8.384   -3.067  1.00 49.46  ? 377 ALA A O   1 
ATOM   616 C CB  . ALA A 1 76 ? 5.616   6.099   -1.620  1.00 31.12  ? 377 ALA A CB  1 
ATOM   617 N N   . GLN A 1 77 ? 6.128   9.684   -1.244  1.00 31.43  ? 378 GLN A N   1 
ATOM   618 C CA  . GLN A 1 77 ? 6.744   10.817  -1.916  1.00 39.95  ? 378 GLN A CA  1 
ATOM   619 C C   . GLN A 1 77 ? 8.251   10.768  -1.714  1.00 44.99  ? 378 GLN A C   1 
ATOM   620 O O   . GLN A 1 77 ? 8.733   10.560  -0.598  1.00 36.60  ? 378 GLN A O   1 
ATOM   621 C CB  . GLN A 1 77 ? 6.157   12.138  -1.413  1.00 48.34  ? 378 GLN A CB  1 
ATOM   622 C CG  . GLN A 1 77 ? 6.965   13.377  -1.777  1.00 64.71  ? 378 GLN A CG  1 
ATOM   623 C CD  . GLN A 1 77 ? 6.475   14.626  -1.061  1.00 71.29  ? 378 GLN A CD  1 
ATOM   624 O OE1 . GLN A 1 77 ? 5.272   14.864  -0.957  1.00 77.41  ? 378 GLN A OE1 1 
ATOM   625 N NE2 . GLN A 1 77 ? 7.407   15.439  -0.585  1.00 63.32  ? 378 GLN A NE2 1 
ATOM   626 N N   . ASP A 1 78 ? 8.985   10.939  -2.810  1.00 42.67  ? 379 ASP A N   1 
ATOM   627 C CA  . ASP A 1 78 ? 10.440  10.885  -2.775  1.00 45.98  ? 379 ASP A CA  1 
ATOM   628 C C   . ASP A 1 78 ? 11.000  12.092  -2.031  1.00 33.23  ? 379 ASP A C   1 
ATOM   629 O O   . ASP A 1 78 ? 10.278  13.045  -1.741  1.00 35.64  ? 379 ASP A O   1 
ATOM   630 C CB  . ASP A 1 78 ? 11.016  10.821  -4.192  1.00 62.75  ? 379 ASP A CB  1 
ATOM   631 C CG  . ASP A 1 78 ? 12.132  9.799   -4.322  1.00 80.25  ? 379 ASP A CG  1 
ATOM   632 O OD1 . ASP A 1 78 ? 12.123  8.804   -3.565  1.00 73.64  ? 379 ASP A OD1 1 
ATOM   633 O OD2 . ASP A 1 78 ? 13.022  9.996   -5.176  1.00 90.95  ? 379 ASP A OD2 1 
ATOM   634 N N   . LYS A 1 79 ? 12.289  12.038  -1.723  1.00 32.70  ? 380 LYS A N   1 
ATOM   635 C CA  . LYS A 1 79 ? 12.947  13.097  -0.972  1.00 28.76  ? 380 LYS A CA  1 
ATOM   636 C C   . LYS A 1 79 ? 12.843  14.445  -1.670  1.00 29.21  ? 380 LYS A C   1 
ATOM   637 O O   . LYS A 1 79 ? 13.036  14.544  -2.882  1.00 37.50  ? 380 LYS A O   1 
ATOM   638 C CB  . LYS A 1 79 ? 14.415  12.742  -0.745  1.00 26.06  ? 380 LYS A CB  1 
ATOM   639 C CG  . LYS A 1 79 ? 15.237  13.865  -0.158  1.00 35.97  ? 380 LYS A CG  1 
ATOM   640 C CD  . LYS A 1 79 ? 16.041  13.397  1.032   1.00 42.01  ? 380 LYS A CD  1 
ATOM   641 C CE  . LYS A 1 79 ? 16.751  14.565  1.692   1.00 45.95  ? 380 LYS A CE  1 
ATOM   642 N NZ  . LYS A 1 79 ? 17.750  15.194  0.781   1.00 42.29  ? 380 LYS A NZ  1 
ATOM   643 N N   . GLU A 1 80 ? 12.532  15.481  -0.898  1.00 27.13  ? 381 GLU A N   1 
ATOM   644 C CA  . GLU A 1 80 ? 12.462  16.835  -1.427  1.00 31.22  ? 381 GLU A CA  1 
ATOM   645 C C   . GLU A 1 80 ? 13.864  17.421  -1.545  1.00 37.84  ? 381 GLU A C   1 
ATOM   646 O O   . GLU A 1 80 ? 14.790  16.968  -0.876  1.00 37.47  ? 381 GLU A O   1 
ATOM   647 C CB  . GLU A 1 80 ? 11.576  17.708  -0.543  1.00 36.50  ? 381 GLU A CB  1 
ATOM   648 C CG  . GLU A 1 80 ? 10.138  17.219  -0.480  1.00 47.99  ? 381 GLU A CG  1 
ATOM   649 C CD  . GLU A 1 80 ? 9.306   17.965  0.543   1.00 64.45  ? 381 GLU A CD  1 
ATOM   650 O OE1 . GLU A 1 80 ? 9.872   18.805  1.275   1.00 68.13  ? 381 GLU A OE1 1 
ATOM   651 O OE2 . GLU A 1 80 ? 8.083   17.709  0.612   1.00 64.79  ? 381 GLU A OE2 1 
ATOM   652 N N   . GLU A 1 81 ? 14.018  18.428  -2.397  1.00 31.01  ? 382 GLU A N   1 
ATOM   653 C CA  . GLU A 1 81 ? 15.344  18.947  -2.711  1.00 46.21  ? 382 GLU A CA  1 
ATOM   654 C C   . GLU A 1 81 ? 15.899  19.868  -1.627  1.00 52.63  ? 382 GLU A C   1 
ATOM   655 O O   . GLU A 1 81 ? 17.110  19.910  -1.402  1.00 48.50  ? 382 GLU A O   1 
ATOM   656 C CB  . GLU A 1 81 ? 15.316  19.678  -4.056  1.00 54.33  ? 382 GLU A CB  1 
ATOM   657 C CG  . GLU A 1 81 ? 14.952  18.777  -5.228  1.00 69.61  ? 382 GLU A CG  1 
ATOM   658 C CD  . GLU A 1 81 ? 15.275  19.402  -6.572  1.00 80.16  ? 382 GLU A CD  1 
ATOM   659 O OE1 . GLU A 1 81 ? 16.223  20.214  -6.641  1.00 80.62  ? 382 GLU A OE1 1 
ATOM   660 O OE2 . GLU A 1 81 ? 14.588  19.070  -7.561  1.00 83.38  ? 382 GLU A OE2 1 
ATOM   661 N N   . ARG A 1 82 ? 15.016  20.598  -0.952  1.00 46.90  ? 383 ARG A N   1 
ATOM   662 C CA  . ARG A 1 82 ? 15.450  21.582  0.034   1.00 53.80  ? 383 ARG A CA  1 
ATOM   663 C C   . ARG A 1 82 ? 15.297  21.077  1.466   1.00 73.49  ? 383 ARG A C   1 
ATOM   664 O O   . ARG A 1 82 ? 14.518  20.162  1.735   1.00 73.11  ? 383 ARG A O   1 
ATOM   665 C CB  . ARG A 1 82 ? 14.675  22.888  -0.155  1.00 44.90  ? 383 ARG A CB  1 
ATOM   666 C CG  . ARG A 1 82 ? 14.846  23.477  -1.543  1.00 38.47  ? 383 ARG A CG  1 
ATOM   667 C CD  . ARG A 1 82 ? 14.068  24.766  -1.731  1.00 40.47  ? 383 ARG A CD  1 
ATOM   668 N NE  . ARG A 1 82 ? 14.095  25.186  -3.128  1.00 44.59  ? 383 ARG A NE  1 
ATOM   669 C CZ  . ARG A 1 82 ? 15.101  25.854  -3.688  1.00 54.84  ? 383 ARG A CZ  1 
ATOM   670 N NH1 . ARG A 1 82 ? 15.042  26.196  -4.969  1.00 58.59  ? 383 ARG A NH1 1 
ATOM   671 N NH2 . ARG A 1 82 ? 16.166  26.179  -2.968  1.00 50.64  ? 383 ARG A NH2 1 
ATOM   672 N N   . ALA A 1 83 ? 16.052  21.680  2.380   1.00 85.72  ? 384 ALA A N   1 
ATOM   673 C CA  . ALA A 1 83 ? 15.993  21.315  3.790   1.00 85.71  ? 384 ALA A CA  1 
ATOM   674 C C   . ALA A 1 83 ? 14.969  22.171  4.529   1.00 81.49  ? 384 ALA A C   1 
ATOM   675 O O   . ALA A 1 83 ? 14.313  21.705  5.460   1.00 80.14  ? 384 ALA A O   1 
ATOM   676 C CB  . ALA A 1 83 ? 17.367  21.454  4.431   1.00 84.74  ? 384 ALA A CB  1 
HETATM 677 C C1  . PEG B 2 .  ? 4.815   6.330   5.736   1.00 49.98  ? 501 PEG A C1  1 
HETATM 678 O O1  . PEG B 2 .  ? 4.620   6.428   7.138   1.00 50.57  ? 501 PEG A O1  1 
HETATM 679 C C2  . PEG B 2 .  ? 6.239   5.811   5.439   1.00 48.16  ? 501 PEG A C2  1 
HETATM 680 O O2  . PEG B 2 .  ? 6.433   4.519   6.053   1.00 49.48  ? 501 PEG A O2  1 
HETATM 681 C C3  . PEG B 2 .  ? 7.614   3.854   5.625   1.00 40.20  ? 501 PEG A C3  1 
HETATM 682 C C4  . PEG B 2 .  ? 7.610   2.423   6.120   1.00 37.98  ? 501 PEG A C4  1 
HETATM 683 O O4  . PEG B 2 .  ? 7.845   2.390   7.508   1.00 41.14  ? 501 PEG A O4  1 
HETATM 684 C C1  . PEG C 2 .  ? 1.458   -15.843 -0.531  1.00 56.30  ? 502 PEG A C1  1 
HETATM 685 O O1  . PEG C 2 .  ? 1.940   -15.041 -1.595  1.00 52.58  ? 502 PEG A O1  1 
HETATM 686 C C2  . PEG C 2 .  ? 0.264   -16.686 -1.030  1.00 58.64  ? 502 PEG A C2  1 
HETATM 687 O O2  . PEG C 2 .  ? -0.682  -16.860 0.046   1.00 62.21  ? 502 PEG A O2  1 
HETATM 688 C C3  . PEG C 2 .  ? -1.219  -18.172 0.135   1.00 61.79  ? 502 PEG A C3  1 
HETATM 689 C C4  . PEG C 2 .  ? -2.725  -18.107 0.012   1.00 60.09  ? 502 PEG A C4  1 
HETATM 690 O O4  . PEG C 2 .  ? -3.261  -19.396 0.196   1.00 60.83  ? 502 PEG A O4  1 
HETATM 691 O O   . HOH D 3 .  ? -1.983  1.373   -12.704 1.00 32.03  ? 601 HOH A O   1 
HETATM 692 O O   . HOH D 3 .  ? -4.374  -12.861 4.956   1.00 34.84  ? 602 HOH A O   1 
HETATM 693 O O   . HOH D 3 .  ? 11.848  20.325  1.796   1.00 38.42  ? 603 HOH A O   1 
HETATM 694 O O   . HOH D 3 .  ? 14.122  12.764  -4.399  1.00 39.97  ? 604 HOH A O   1 
HETATM 695 O O   . HOH D 3 .  ? -4.109  -14.293 1.198   1.00 36.07  ? 605 HOH A O   1 
HETATM 696 O O   . HOH D 3 .  ? -0.592  -15.315 6.102   1.00 43.60  ? 606 HOH A O   1 
HETATM 697 O O   . HOH D 3 .  ? 7.190   -6.777  -7.171  1.00 44.77  ? 607 HOH A O   1 
HETATM 698 O O   . HOH D 3 .  ? -2.525  -10.959 12.153  1.00 50.33  ? 608 HOH A O   1 
HETATM 699 O O   . HOH D 3 .  ? -10.642 6.516   1.962   1.00 27.16  ? 609 HOH A O   1 
HETATM 700 O O   . HOH D 3 .  ? -2.245  -5.519  -10.904 1.00 39.04  ? 610 HOH A O   1 
HETATM 701 O O   . HOH D 3 .  ? 3.390   5.884   9.474   1.00 48.73  ? 611 HOH A O   1 
HETATM 702 O O   . HOH D 3 .  ? 18.771  18.061  -2.508  1.00 44.56  ? 612 HOH A O   1 
HETATM 703 O O   . HOH D 3 .  ? 1.644   -13.195 -4.397  1.00 34.32  ? 613 HOH A O   1 
HETATM 704 O O   . HOH D 3 .  ? 6.620   -1.445  -4.999  1.00 40.06  ? 614 HOH A O   1 
HETATM 705 O O   . HOH D 3 .  ? 10.055  -3.387  8.144   1.00 40.96  ? 615 HOH A O   1 
HETATM 706 O O   . HOH D 3 .  ? 4.636   8.172   -5.324  1.00 38.33  ? 616 HOH A O   1 
HETATM 707 O O   . HOH D 3 .  ? 2.530   -0.548  9.560   1.00 39.51  ? 617 HOH A O   1 
HETATM 708 O O   . HOH D 3 .  ? -6.062  -12.561 -1.112  1.00 29.91  ? 618 HOH A O   1 
HETATM 709 O O   . HOH D 3 .  ? -3.586  9.357   2.991   1.00 30.92  ? 619 HOH A O   1 
HETATM 710 O O   . HOH D 3 .  ? -4.570  -15.899 -3.001  1.00 22.55  ? 620 HOH A O   1 
HETATM 711 O O   . HOH D 3 .  ? 2.945   -13.227 1.099   1.00 23.10  ? 621 HOH A O   1 
HETATM 712 O O   . HOH D 3 .  ? 9.257   -5.745  -5.219  1.00 62.69  ? 622 HOH A O   1 
HETATM 713 O O   . HOH D 3 .  ? -2.262  -8.845  13.046  1.00 41.07  ? 623 HOH A O   1 
HETATM 714 O O   . HOH D 3 .  ? 0.926   7.259   -15.637 1.00 53.32  ? 624 HOH A O   1 
HETATM 715 O O   . HOH D 3 .  ? 17.340  16.002  -2.010  1.00 40.57  ? 625 HOH A O   1 
HETATM 716 O O   . HOH D 3 .  ? -2.103  8.088   -15.046 1.00 43.98  ? 626 HOH A O   1 
HETATM 717 O O   . HOH D 3 .  ? -7.429  1.553   -13.795 1.00 51.13  ? 627 HOH A O   1 
HETATM 718 O O   . HOH D 3 .  ? 18.247  17.808  2.169   1.00 51.99  ? 628 HOH A O   1 
HETATM 719 O O   . HOH D 3 .  ? -1.188  10.766  0.801   1.00 40.44  ? 629 HOH A O   1 
HETATM 720 O O   . HOH D 3 .  ? -13.438 3.996   7.951   1.00 46.01  ? 630 HOH A O   1 
HETATM 721 O O   . HOH D 3 .  ? -7.146  9.661   7.920   1.00 48.43  ? 631 HOH A O   1 
HETATM 722 O O   . HOH D 3 .  ? -6.889  -0.152  13.774  1.00 40.99  ? 632 HOH A O   1 
HETATM 723 O O   . HOH D 3 .  ? 2.249   4.547   -17.708 1.00 60.40  ? 633 HOH A O   1 
HETATM 724 O O   . HOH D 3 .  ? -13.264 4.317   10.798  1.00 40.54  ? 634 HOH A O   1 
HETATM 725 O O   . HOH D 3 .  ? 18.503  28.243  -4.053  1.00 41.07  ? 635 HOH A O   1 
HETATM 726 O O   . HOH D 3 .  ? 3.680   -6.517  -14.951 1.00 59.97  ? 636 HOH A O   1 
HETATM 727 O O   . HOH D 3 .  ? 9.816   -7.636  -3.999  1.00 61.82  ? 637 HOH A O   1 
HETATM 728 O O   . HOH D 3 .  ? 7.615   6.307   9.517   1.00 59.60  ? 638 HOH A O   1 
HETATM 729 O O   . HOH D 3 .  ? 3.050   -7.928  -9.979  1.00 57.59  ? 639 HOH A O   1 
HETATM 730 O O   . HOH D 3 .  ? -4.273  -15.782 3.813   1.00 49.08  ? 640 HOH A O   1 
HETATM 731 O O   . HOH D 3 .  ? -5.665  -15.230 -0.710  1.00 30.36  ? 641 HOH A O   1 
HETATM 732 O O   . HOH D 3 .  ? 18.820  22.483  -4.342  1.00 53.47  ? 642 HOH A O   1 
HETATM 733 O O   . HOH D 3 .  ? 2.103   4.734   11.081  1.00 48.95  ? 643 HOH A O   1 
HETATM 734 O O   . HOH D 3 .  ? -5.621  -10.861 12.057  1.00 46.46  ? 644 HOH A O   1 
HETATM 735 O O   . HOH D 3 .  ? 0.727   13.646  -0.665  0.50 48.63  ? 645 HOH A O   1 
HETATM 736 O O   . HOH D 3 .  ? 4.326   2.824   -20.520 1.00 57.38  ? 646 HOH A O   1 
# 
loop_
_atom_site_anisotrop.id 
_atom_site_anisotrop.type_symbol 
_atom_site_anisotrop.pdbx_label_atom_id 
_atom_site_anisotrop.pdbx_label_alt_id 
_atom_site_anisotrop.pdbx_label_comp_id 
_atom_site_anisotrop.pdbx_label_asym_id 
_atom_site_anisotrop.pdbx_label_seq_id 
_atom_site_anisotrop.pdbx_PDB_ins_code 
_atom_site_anisotrop.U[1][1] 
_atom_site_anisotrop.U[2][2] 
_atom_site_anisotrop.U[3][3] 
_atom_site_anisotrop.U[1][2] 
_atom_site_anisotrop.U[1][3] 
_atom_site_anisotrop.U[2][3] 
_atom_site_anisotrop.pdbx_auth_seq_id 
_atom_site_anisotrop.pdbx_auth_comp_id 
_atom_site_anisotrop.pdbx_auth_asym_id 
_atom_site_anisotrop.pdbx_auth_atom_id 
1   N N   . MET A 1  ? 0.6322 0.6327 0.8980 0.0015  0.0340  0.0700  0   MET A N   
2   C CA  . MET A 1  ? 0.5123 0.5098 0.7717 0.0007  0.0308  0.0722  0   MET A CA  
3   C C   . MET A 1  ? 0.3604 0.3549 0.5980 -0.0008 0.0312  0.0709  0   MET A C   
4   O O   . MET A 1  ? 0.3839 0.3795 0.6086 0.0002  0.0270  0.0692  0   MET A O   
5   C CB  . MET A 1  ? 0.6683 0.6617 0.9283 0.0038  0.0365  0.0809  0   MET A CB  
6   C CG  . MET A 1  ? 0.7572 0.7534 1.0310 0.0043  0.0306  0.0805  0   MET A CG  
7   S SD  . MET A 1  ? 1.6210 1.6106 1.8895 0.0080  0.0358  0.0910  0   MET A SD  
8   C CE  . MET A 1  ? 0.5911 0.5758 0.8416 0.0094  0.0295  0.0910  0   MET A CE  
9   N N   . ASN A 2  ? 0.3137 0.3071 0.5444 -0.0020 0.0353  0.0694  303 ASN A N   
10  C CA  . ASN A 2  ? 0.2984 0.2915 0.5060 -0.0029 0.0350  0.0650  303 ASN A CA  
11  C C   . ASN A 2  ? 0.3013 0.2987 0.5095 -0.0062 0.0300  0.0567  303 ASN A C   
12  O O   . ASN A 2  ? 0.2544 0.2517 0.4454 -0.0076 0.0294  0.0523  303 ASN A O   
13  C CB  . ASN A 2  ? 0.3518 0.3384 0.5467 -0.0010 0.0450  0.0706  303 ASN A CB  
14  C CG  . ASN A 2  ? 0.5484 0.5305 0.7354 0.0027  0.0500  0.0786  303 ASN A CG  
15  O OD1 . ASN A 2  ? 0.5945 0.5764 0.7948 0.0041  0.0495  0.0836  303 ASN A OD1 
16  N ND2 . ASN A 2  ? 0.5090 0.4875 0.6745 0.0043  0.0547  0.0799  303 ASN A ND2 
17  N N   . SER A 3  ? 0.3183 0.3196 0.5462 -0.0073 0.0264  0.0544  304 SER A N   
18  C CA  . SER A 3  ? 0.2959 0.3005 0.5243 -0.0095 0.0230  0.0478  304 SER A CA  
19  C C   . SER A 3  ? 0.2879 0.2994 0.5204 -0.0104 0.0129  0.0399  304 SER A C   
20  O O   . SER A 3  ? 0.2551 0.2684 0.4969 -0.0086 0.0086  0.0394  304 SER A O   
21  C CB  . SER A 3  ? 0.2753 0.2793 0.5117 -0.0063 0.0262  0.0487  304 SER A CB  
22  O OG  . SER A 3  ? 0.2706 0.2690 0.5013 -0.0049 0.0356  0.0549  304 SER A OG  
23  N N   . ILE A 4  ? 0.1594 0.1733 0.3826 -0.0128 0.0097  0.0339  305 ILE A N   
24  C CA  . ILE A 4  ? 0.1354 0.1542 0.3565 -0.0130 0.0010  0.0261  305 ILE A CA  
25  C C   . ILE A 4  ? 0.2218 0.2403 0.4397 -0.0127 -0.0003 0.0223  305 ILE A C   
26  O O   . ILE A 4  ? 0.1994 0.2150 0.4152 -0.0133 0.0048  0.0247  305 ILE A O   
27  C CB  . ILE A 4  ? 0.1667 0.1904 0.3777 -0.0165 -0.0026 0.0219  305 ILE A CB  
28  C CG1 . ILE A 4  ? 0.1591 0.1798 0.3550 -0.0193 0.0016  0.0213  305 ILE A CG1 
29  C CG2 . ILE A 4  ? 0.1624 0.1867 0.3746 -0.0156 -0.0027 0.0252  305 ILE A CG2 
30  C CD1 . ILE A 4  ? 0.1826 0.2066 0.3631 -0.0216 -0.0021 0.0157  305 ILE A CD1 
31  N N   . PHE A 5  ? 0.2400 0.2608 0.4570 -0.0116 -0.0068 0.0168  306 PHE A N   
32  C CA  . PHE A 5  ? 0.1549 0.1763 0.3672 -0.0118 -0.0088 0.0129  306 PHE A CA  
33  C C   . PHE A 5  ? 0.1695 0.1955 0.3690 -0.0146 -0.0126 0.0075  306 PHE A C   
34  O O   . PHE A 5  ? 0.1592 0.1882 0.3551 -0.0149 -0.0161 0.0045  306 PHE A O   
35  C CB  . PHE A 5  ? 0.2028 0.2230 0.4220 -0.0090 -0.0124 0.0109  306 PHE A CB  
36  C CG  . PHE A 5  ? 0.2159 0.2316 0.4472 -0.0067 -0.0088 0.0154  306 PHE A CG  
37  C CD1 . PHE A 5  ? 0.2055 0.2200 0.4381 -0.0064 -0.0048 0.0179  306 PHE A CD1 
38  C CD2 . PHE A 5  ? 0.3431 0.3555 0.5852 -0.0048 -0.0091 0.0171  306 PHE A CD2 
39  C CE1 . PHE A 5  ? 0.3080 0.3189 0.5521 -0.0041 -0.0011 0.0218  306 PHE A CE1 
40  C CE2 . PHE A 5  ? 0.3356 0.3441 0.5891 -0.0029 -0.0054 0.0211  306 PHE A CE2 
41  C CZ  . PHE A 5  ? 0.3304 0.3386 0.5848 -0.0024 -0.0015 0.0234  306 PHE A CZ  
42  N N   . ILE A 6  ? 0.1263 0.1526 0.3194 -0.0167 -0.0114 0.0062  307 ILE A N   
43  C CA  . ILE A 6  ? 0.1403 0.1708 0.3217 -0.0195 -0.0145 0.0011  307 ILE A CA  
44  C C   . ILE A 6  ? 0.2342 0.2659 0.4150 -0.0186 -0.0168 -0.0012 307 ILE A C   
45  O O   . ILE A 6  ? 0.1737 0.2026 0.3579 -0.0184 -0.0142 0.0013  307 ILE A O   
46  C CB  . ILE A 6  ? 0.1922 0.2214 0.3656 -0.0241 -0.0107 0.0016  307 ILE A CB  
47  C CG1 . ILE A 6  ? 0.1707 0.1984 0.3462 -0.0250 -0.0077 0.0047  307 ILE A CG1 
48  C CG2 . ILE A 6  ? 0.1524 0.1859 0.3142 -0.0273 -0.0138 -0.0039 307 ILE A CG2 
49  C CD1 . ILE A 6  ? 0.1947 0.2169 0.3625 -0.0283 -0.0016 0.0068  307 ILE A CD1 
50  N N   . LYS A 7  ? 0.1877 0.2237 0.3642 -0.0178 -0.0215 -0.0056 308 LYS A N   
51  C CA  . LYS A 7  ? 0.2234 0.2611 0.3995 -0.0167 -0.0241 -0.0078 308 LYS A CA  
52  C C   . LYS A 7  ? 0.1869 0.2301 0.3519 -0.0192 -0.0262 -0.0120 308 LYS A C   
53  O O   . LYS A 7  ? 0.2115 0.2569 0.3690 -0.0217 -0.0260 -0.0136 308 LYS A O   
54  C CB  . LYS A 7  ? 0.3104 0.3477 0.4934 -0.0129 -0.0270 -0.0090 308 LYS A CB  
55  C CG  . LYS A 7  ? 0.4464 0.4780 0.6412 -0.0108 -0.0247 -0.0049 308 LYS A CG  
56  C CD  . LYS A 7  ? 0.4728 0.5029 0.6748 -0.0081 -0.0275 -0.0066 308 LYS A CD  
57  C CE  . LYS A 7  ? 0.5614 0.5915 0.7677 -0.0070 -0.0283 -0.0065 308 LYS A CE  
58  N NZ  . LYS A 7  ? 0.6173 0.6450 0.8330 -0.0048 -0.0304 -0.0077 308 LYS A NZ  
59  N N   . ASN A 8  ? 0.1726 0.2183 0.3369 -0.0186 -0.0284 -0.0136 309 ASN A N   
60  C CA  . ASN A 8  ? 0.1663 0.2172 0.3212 -0.0214 -0.0300 -0.0168 309 ASN A CA  
61  C C   . ASN A 8  ? 0.2422 0.2916 0.3913 -0.0263 -0.0266 -0.0159 309 ASN A C   
62  O O   . ASN A 8  ? 0.2953 0.3482 0.4352 -0.0296 -0.0267 -0.0185 309 ASN A O   
63  C CB  . ASN A 8  ? 0.2205 0.2763 0.3689 -0.0210 -0.0322 -0.0204 309 ASN A CB  
64  C CG  . ASN A 8  ? 0.3875 0.4496 0.5285 -0.0227 -0.0342 -0.0236 309 ASN A CG  
65  O OD1 . ASN A 8  ? 0.4484 0.5119 0.5912 -0.0225 -0.0355 -0.0235 309 ASN A OD1 
66  N ND2 . ASN A 8  ? 0.3533 0.4195 0.4868 -0.0242 -0.0347 -0.0259 309 ASN A ND2 
67  N N   . LEU A 9  ? 0.2596 0.3031 0.4140 -0.0270 -0.0232 -0.0121 310 LEU A N   
68  C CA  . LEU A 9  ? 0.1964 0.2356 0.3448 -0.0322 -0.0190 -0.0110 310 LEU A CA  
69  C C   . LEU A 9  ? 0.2249 0.2643 0.3718 -0.0346 -0.0193 -0.0113 310 LEU A C   
70  O O   . LEU A 9  ? 0.3078 0.3486 0.4620 -0.0315 -0.0218 -0.0102 310 LEU A O   
71  C CB  . LEU A 9  ? 0.2297 0.2610 0.3834 -0.0320 -0.0139 -0.0063 310 LEU A CB  
72  C CG  . LEU A 9  ? 0.1475 0.1777 0.3023 -0.0311 -0.0123 -0.0052 310 LEU A CG  
73  C CD1 . LEU A 9  ? 0.2229 0.2460 0.3850 -0.0296 -0.0071 0.0000  310 LEU A CD1 
74  C CD2 . LEU A 9  ? 0.1537 0.1842 0.2981 -0.0358 -0.0110 -0.0079 310 LEU A CD2 
75  N N   . PRO A 10 ? 0.2635 0.3010 0.4000 -0.0399 -0.0168 -0.0129 311 PRO A N   
76  C CA  . PRO A 10 ? 0.2611 0.2943 0.3874 -0.0411 -0.0148 -0.0116 311 PRO A CA  
77  C C   . PRO A 10 ? 0.3653 0.3879 0.4910 -0.0383 -0.0105 -0.0060 311 PRO A C   
78  O O   . PRO A 10 ? 0.2603 0.2767 0.3877 -0.0378 -0.0067 -0.0038 311 PRO A O   
79  C CB  . PRO A 10 ? 0.2456 0.2763 0.3588 -0.0470 -0.0110 -0.0139 311 PRO A CB  
80  C CG  . PRO A 10 ? 0.3163 0.3542 0.4339 -0.0485 -0.0135 -0.0178 311 PRO A CG  
81  C CD  . PRO A 10 ? 0.2463 0.2837 0.3744 -0.0437 -0.0148 -0.0154 311 PRO A CD  
82  N N   . THR A 11 ? 0.3315 0.3519 0.4544 -0.0362 -0.0110 -0.0039 312 THR A N   
83  C CA  . THR A 11 ? 0.3970 0.4082 0.5210 -0.0326 -0.0076 0.0013  312 THR A CA  
84  C C   . THR A 11 ? 0.3478 0.3464 0.4607 -0.0355 -0.0001 0.0036  312 THR A C   
85  O O   . THR A 11 ? 0.3663 0.3571 0.4814 -0.0328 0.0036  0.0074  312 THR A O   
86  C CB  . THR A 11 ? 0.4710 0.4827 0.5930 -0.0293 -0.0101 0.0032  312 THR A CB  
87  O OG1 . THR A 11 ? 0.5438 0.5539 0.6518 -0.0332 -0.0086 0.0024  312 THR A OG1 
88  C CG2 . THR A 11 ? 0.5365 0.5604 0.6710 -0.0254 -0.0179 0.0005  312 THR A CG2 
89  N N   . ILE A 12 ? 0.2778 0.2748 0.3793 -0.0412 0.0023  0.0011  313 ILE A N   
90  C CA  . ILE A 12 ? 0.2992 0.2844 0.3903 -0.0443 0.0091  0.0022  313 ILE A CA  
91  C C   . ILE A 12 ? 0.3031 0.2873 0.3956 -0.0457 0.0113  0.0006  313 ILE A C   
92  O O   . ILE A 12 ? 0.2391 0.2148 0.3229 -0.0485 0.0164  0.0003  313 ILE A O   
93  C CB  . ILE A 12 ? 0.5215 0.5045 0.6002 -0.0503 0.0112  0.0001  313 ILE A CB  
94  C CG1 . ILE A 12 ? 0.6361 0.6321 0.7162 -0.0531 0.0064  -0.0048 313 ILE A CG1 
95  C CG2 . ILE A 12 ? 0.6581 0.6347 0.7310 -0.0488 0.0127  0.0041  313 ILE A CG2 
96  C CD1 . ILE A 12 ? 0.6843 0.6870 0.7690 -0.0547 0.0046  -0.0088 313 ILE A CD1 
97  N N   . THR A 13 ? 0.2621 0.2551 0.3654 -0.0435 0.0073  -0.0004 314 THR A N   
98  C CA  . THR A 13 ? 0.2705 0.2632 0.3754 -0.0438 0.0090  -0.0012 314 THR A CA  
99  C C   . THR A 13 ? 0.3155 0.2973 0.4183 -0.0416 0.0152  0.0026  314 THR A C   
100 O O   . THR A 13 ? 0.2256 0.2041 0.3348 -0.0374 0.0162  0.0065  314 THR A O   
101 C CB  . THR A 13 ? 0.2886 0.2911 0.4072 -0.0407 0.0039  -0.0015 314 THR A CB  
102 O OG1 . THR A 13 ? 0.2623 0.2750 0.3827 -0.0425 -0.0018 -0.0057 314 THR A OG1 
103 C CG2 . THR A 13 ? 0.2077 0.2096 0.3266 -0.0408 0.0059  -0.0015 314 THR A CG2 
104 N N   . THR A 14 ? 0.1977 0.1744 0.2919 -0.0442 0.0192  0.0012  315 THR A N   
105 C CA  . THR A 14 ? 0.2373 0.2038 0.3284 -0.0421 0.0254  0.0040  315 THR A CA  
106 C C   . THR A 14 ? 0.2646 0.2336 0.3596 -0.0401 0.0262  0.0048  315 THR A C   
107 O O   . THR A 14 ? 0.1923 0.1697 0.2898 -0.0412 0.0223  0.0026  315 THR A O   
108 C CB  . THR A 14 ? 0.3207 0.2776 0.3975 -0.0462 0.0302  0.0018  315 THR A CB  
109 O OG1 . THR A 14 ? 0.2717 0.2325 0.3421 -0.0502 0.0293  -0.0028 315 THR A OG1 
110 C CG2 . THR A 14 ? 0.3244 0.2783 0.3962 -0.0489 0.0298  0.0013  315 THR A CG2 
111 N N   . ARG A 15 ? 0.2125 0.1744 0.3081 -0.0369 0.0317  0.0082  316 ARG A N   
112 C CA  A ARG A 15 ? 0.2205 0.1834 0.3181 -0.0347 0.0338  0.0098  316 ARG A CA  
113 C CA  B ARG A 15 ? 0.2136 0.1765 0.3112 -0.0347 0.0338  0.0098  316 ARG A CA  
114 C C   . ARG A 15 ? 0.2507 0.2144 0.3362 -0.0384 0.0336  0.0055  316 ARG A C   
115 O O   . ARG A 15 ? 0.2003 0.1694 0.2877 -0.0376 0.0318  0.0055  316 ARG A O   
116 C CB  A ARG A 15 ? 0.2817 0.2360 0.3796 -0.0309 0.0408  0.0137  316 ARG A CB  
117 C CB  B ARG A 15 ? 0.2840 0.2382 0.3818 -0.0309 0.0409  0.0136  316 ARG A CB  
118 C CG  A ARG A 15 ? 0.3344 0.2902 0.4360 -0.0278 0.0437  0.0166  316 ARG A CG  
119 C CG  B ARG A 15 ? 0.3256 0.2808 0.4258 -0.0281 0.0440  0.0164  316 ARG A CG  
120 C CD  A ARG A 15 ? 0.3778 0.3270 0.4838 -0.0235 0.0505  0.0211  316 ARG A CD  
121 C CD  B ARG A 15 ? 0.3882 0.3357 0.4900 -0.0240 0.0514  0.0203  316 ARG A CD  
122 N NE  A ARG A 15 ? 0.3845 0.3352 0.4939 -0.0205 0.0541  0.0245  316 ARG A NE  
123 N NE  B ARG A 15 ? 0.4126 0.3611 0.5163 -0.0212 0.0552  0.0235  316 ARG A NE  
124 C CZ  A ARG A 15 ? 0.4485 0.3947 0.5456 -0.0204 0.0588  0.0240  316 ARG A CZ  
125 C CZ  B ARG A 15 ? 0.3978 0.3511 0.5166 -0.0179 0.0554  0.0281  316 ARG A CZ  
126 N NH1 A ARG A 15 ? 0.3790 0.3192 0.4605 -0.0233 0.0601  0.0195  316 ARG A NH1 
127 N NH1 B ARG A 15 ? 0.2754 0.2337 0.4091 -0.0170 0.0513  0.0293  316 ARG A NH1 
128 N NH2 A ARG A 15 ? 0.4845 0.4321 0.5846 -0.0173 0.0623  0.0280  316 ARG A NH2 
129 N NH2 B ARG A 15 ? 0.5106 0.4639 0.6296 -0.0156 0.0597  0.0315  316 ARG A NH2 
130 N N   . ASP A 16 ? 0.2504 0.2085 0.3239 -0.0424 0.0354  0.0017  317 ASP A N   
131 C CA  . ASP A 16 ? 0.2419 0.2013 0.3042 -0.0464 0.0346  -0.0034 317 ASP A CA  
132 C C   . ASP A 16 ? 0.2889 0.2598 0.3547 -0.0488 0.0278  -0.0066 317 ASP A C   
133 O O   . ASP A 16 ? 0.2329 0.2085 0.2948 -0.0496 0.0260  -0.0091 317 ASP A O   
134 C CB  . ASP A 16 ? 0.2624 0.2136 0.3134 -0.0508 0.0377  -0.0072 317 ASP A CB  
135 C CG  . ASP A 16 ? 0.4155 0.3548 0.4600 -0.0486 0.0447  -0.0058 317 ASP A CG  
136 O OD1 . ASP A 16 ? 0.3705 0.3091 0.4166 -0.0443 0.0474  -0.0029 317 ASP A OD1 
137 O OD2 . ASP A 16 ? 0.3805 0.3110 0.4184 -0.0512 0.0479  -0.0076 317 ASP A OD2 
138 N N   . ASP A 17 ? 0.2137 0.1896 0.2867 -0.0497 0.0240  -0.0066 318 ASP A N   
139 C CA  . ASP A 17 ? 0.1714 0.1588 0.2490 -0.0514 0.0176  -0.0097 318 ASP A CA  
140 C C   . ASP A 17 ? 0.1755 0.1692 0.2616 -0.0476 0.0149  -0.0077 318 ASP A C   
141 O O   . ASP A 17 ? 0.2499 0.2506 0.3349 -0.0487 0.0113  -0.0107 318 ASP A O   
142 C CB  . ASP A 17 ? 0.2126 0.2043 0.2971 -0.0517 0.0142  -0.0095 318 ASP A CB  
143 C CG  . ASP A 17 ? 0.3476 0.3338 0.4232 -0.0560 0.0166  -0.0113 318 ASP A CG  
144 O OD1 . ASP A 17 ? 0.3312 0.3139 0.3968 -0.0602 0.0189  -0.0148 318 ASP A OD1 
145 O OD2 . ASP A 17 ? 0.3093 0.2946 0.3882 -0.0550 0.0159  -0.0091 318 ASP A OD2 
146 N N   . ILE A 18 ? 0.2096 0.2011 0.3051 -0.0430 0.0166  -0.0024 319 ILE A N   
147 C CA  . ILE A 18 ? 0.1667 0.1630 0.2715 -0.0394 0.0149  0.0004  319 ILE A CA  
148 C C   . ILE A 18 ? 0.1492 0.1427 0.2445 -0.0389 0.0178  0.0006  319 ILE A C   
149 O O   . ILE A 18 ? 0.2515 0.2508 0.3481 -0.0382 0.0145  0.0000  319 ILE A O   
150 C CB  . ILE A 18 ? 0.2471 0.2408 0.3644 -0.0350 0.0171  0.0060  319 ILE A CB  
151 C CG1 . ILE A 18 ? 0.2902 0.2867 0.4158 -0.0349 0.0138  0.0055  319 ILE A CG1 
152 C CG2 . ILE A 18 ? 0.2807 0.2792 0.4087 -0.0318 0.0153  0.0089  319 ILE A CG2 
153 C CD1 . ILE A 18 ? 0.3034 0.3100 0.4351 -0.0363 0.0066  0.0017  319 ILE A CD1 
154 N N   . LEU A 19 ? 0.1801 0.1645 0.2653 -0.0390 0.0238  0.0013  320 LEU A N   
155 C CA  . LEU A 19 ? 0.1980 0.1794 0.2724 -0.0383 0.0268  0.0011  320 LEU A CA  
156 C C   . LEU A 19 ? 0.2688 0.2559 0.3345 -0.0419 0.0224  -0.0050 320 LEU A C   
157 O O   . LEU A 19 ? 0.2009 0.1919 0.2641 -0.0402 0.0206  -0.0049 320 LEU A O   
158 C CB  . LEU A 19 ? 0.2263 0.1968 0.2907 -0.0382 0.0338  0.0014  320 LEU A CB  
159 C CG  . LEU A 19 ? 0.2857 0.2504 0.3554 -0.0333 0.0398  0.0077  320 LEU A CG  
160 C CD1 . LEU A 19 ? 0.1863 0.1405 0.2472 -0.0336 0.0461  0.0069  320 LEU A CD1 
161 C CD2 . LEU A 19 ? 0.3910 0.3573 0.4592 -0.0297 0.0416  0.0110  320 LEU A CD2 
162 N N   . ASN A 20 ? 0.2169 0.2046 0.2785 -0.0467 0.0207  -0.0101 321 ASN A N   
163 C CA  . ASN A 20 ? 0.2067 0.2001 0.2605 -0.0506 0.0170  -0.0166 321 ASN A CA  
164 C C   . ASN A 20 ? 0.2681 0.2731 0.3297 -0.0500 0.0102  -0.0178 321 ASN A C   
165 O O   . ASN A 20 ? 0.3005 0.3103 0.3570 -0.0500 0.0074  -0.0206 321 ASN A O   
166 C CB  . ASN A 20 ? 0.2387 0.2298 0.2877 -0.0563 0.0175  -0.0213 321 ASN A CB  
167 C CG  . ASN A 20 ? 0.3102 0.2901 0.3480 -0.0578 0.0235  -0.0225 321 ASN A CG  
168 O OD1 . ASN A 20 ? 0.3093 0.2818 0.3464 -0.0593 0.0270  -0.0217 321 ASN A OD1 
169 N ND2 . ASN A 20 ? 0.2425 0.2213 0.2715 -0.0568 0.0247  -0.0245 321 ASN A ND2 
170 N N   . PHE A 21 ? 0.1711 0.1804 0.2450 -0.0491 0.0074  -0.0159 322 PHE A N   
171 C CA  . PHE A 21 ? 0.1965 0.2162 0.2787 -0.0480 0.0010  -0.0172 322 PHE A CA  
172 C C   . PHE A 21 ? 0.2022 0.2226 0.2888 -0.0428 0.0007  -0.0125 322 PHE A C   
173 O O   . PHE A 21 ? 0.2788 0.3049 0.3637 -0.0420 -0.0029 -0.0143 322 PHE A O   
174 C CB  . PHE A 21 ? 0.2930 0.3173 0.3870 -0.0480 -0.0021 -0.0170 322 PHE A CB  
175 C CG  . PHE A 21 ? 0.3390 0.3670 0.4295 -0.0531 -0.0037 -0.0224 322 PHE A CG  
176 C CD1 . PHE A 21 ? 0.3140 0.3507 0.4020 -0.0561 -0.0077 -0.0282 322 PHE A CD1 
177 C CD2 . PHE A 21 ? 0.4278 0.4506 0.5177 -0.0546 -0.0010 -0.0213 322 PHE A CD2 
178 C CE1 . PHE A 21 ? 0.2979 0.3381 0.3830 -0.0610 -0.0084 -0.0328 322 PHE A CE1 
179 C CE2 . PHE A 21 ? 0.4263 0.4520 0.5124 -0.0592 -0.0018 -0.0254 322 PHE A CE2 
180 C CZ  . PHE A 21 ? 0.3449 0.3794 0.4288 -0.0626 -0.0053 -0.0312 322 PHE A CZ  
181 N N   . PHE A 22 ? 0.1715 0.1857 0.2638 -0.0393 0.0048  -0.0063 323 PHE A N   
182 C CA  . PHE A 22 ? 0.1862 0.2014 0.2863 -0.0346 0.0045  -0.0011 323 PHE A CA  
183 C C   . PHE A 22 ? 0.2667 0.2766 0.3562 -0.0319 0.0088  0.0021  323 PHE A C   
184 O O   . PHE A 22 ? 0.3343 0.3448 0.4284 -0.0279 0.0090  0.0069  323 PHE A O   
185 C CB  . PHE A 22 ? 0.1729 0.1857 0.2872 -0.0321 0.0064  0.0039  323 PHE A CB  
186 C CG  . PHE A 22 ? 0.2037 0.2238 0.3303 -0.0331 0.0004  0.0011  323 PHE A CG  
187 C CD1 . PHE A 22 ? 0.1546 0.1753 0.2798 -0.0363 -0.0005 -0.0025 323 PHE A CD1 
188 C CD2 . PHE A 22 ? 0.2069 0.2334 0.3457 -0.0309 -0.0043 0.0017  323 PHE A CD2 
189 C CE1 . PHE A 22 ? 0.2184 0.2465 0.3533 -0.0369 -0.0058 -0.0054 323 PHE A CE1 
190 C CE2 . PHE A 22 ? 0.2036 0.2371 0.3530 -0.0317 -0.0099 -0.0019 323 PHE A CE2 
191 C CZ  . PHE A 22 ? 0.1814 0.2161 0.3284 -0.0346 -0.0107 -0.0055 323 PHE A CZ  
192 N N   . SER A 23 ? 0.2170 0.2221 0.2922 -0.0339 0.0123  -0.0005 324 SER A N   
193 C CA  . SER A 23 ? 0.2526 0.2539 0.3155 -0.0314 0.0156  0.0011  324 SER A CA  
194 C C   . SER A 23 ? 0.3438 0.3523 0.3995 -0.0319 0.0099  -0.0034 324 SER A C   
195 O O   . SER A 23 ? 0.4155 0.4228 0.4608 -0.0292 0.0110  -0.0023 324 SER A O   
196 C CB  . SER A 23 ? 0.3096 0.3025 0.3598 -0.0331 0.0214  -0.0009 324 SER A CB  
197 O OG  . SER A 23 ? 0.4649 0.4509 0.5214 -0.0319 0.0269  0.0035  324 SER A OG  
198 N N   . GLU A 24 ? 0.3041 0.3208 0.3656 -0.0351 0.0037  -0.0086 325 GLU A N   
199 C CA  . GLU A 24 ? 0.3761 0.4011 0.4328 -0.0357 -0.0023 -0.0135 325 GLU A CA  
200 C C   . GLU A 24 ? 0.4574 0.4860 0.5191 -0.0303 -0.0051 -0.0088 325 GLU A C   
201 O O   . GLU A 24 ? 0.4084 0.4422 0.4635 -0.0290 -0.0092 -0.0113 325 GLU A O   
202 C CB  . GLU A 24 ? 0.3725 0.4059 0.4353 -0.0404 -0.0076 -0.0201 325 GLU A CB  
203 C CG  . GLU A 24 ? 0.5969 0.6270 0.6533 -0.0462 -0.0050 -0.0252 325 GLU A CG  
204 C CD  . GLU A 24 ? 0.8813 0.9088 0.9228 -0.0481 -0.0033 -0.0295 325 GLU A CD  
205 O OE1 . GLU A 24 ? 0.9252 0.9589 0.9617 -0.0468 -0.0072 -0.0323 325 GLU A OE1 
206 O OE2 . GLU A 24 ? 1.0120 1.0312 1.0467 -0.0505 0.0018  -0.0302 325 GLU A OE2 
207 N N   . VAL A 25 ? 0.3031 0.3287 0.3766 -0.0271 -0.0032 -0.0021 326 VAL A N   
208 C CA  . VAL A 25 ? 0.3565 0.3842 0.4362 -0.0221 -0.0053 0.0032  326 VAL A CA  
209 C C   . VAL A 25 ? 0.4276 0.4475 0.4998 -0.0175 0.0010  0.0108  326 VAL A C   
210 O O   . VAL A 25 ? 0.4942 0.5148 0.5660 -0.0131 -0.0001 0.0153  326 VAL A O   
211 C CB  . VAL A 25 ? 0.4178 0.4474 0.5167 -0.0212 -0.0072 0.0060  326 VAL A CB  
212 C CG1 . VAL A 25 ? 0.5270 0.5654 0.6327 -0.0249 -0.0137 -0.0014 326 VAL A CG1 
213 C CG2 . VAL A 25 ? 0.3535 0.3761 0.4587 -0.0214 -0.0011 0.0103  326 VAL A CG2 
214 N N   . GLY A 26 ? 0.3233 0.3357 0.3893 -0.0184 0.0077  0.0122  327 GLY A N   
215 C CA  . GLY A 26 ? 0.2667 0.2717 0.3253 -0.0142 0.0146  0.0192  327 GLY A CA  
216 C C   . GLY A 26 ? 0.3149 0.3122 0.3735 -0.0154 0.0221  0.0209  327 GLY A C   
217 O O   . GLY A 26 ? 0.3191 0.3167 0.3857 -0.0189 0.0214  0.0179  327 GLY A O   
218 N N   . PRO A 27 ? 0.3532 0.3437 0.4024 -0.0120 0.0292  0.0258  328 PRO A N   
219 C CA  . PRO A 27 ? 0.3725 0.3555 0.4202 -0.0123 0.0369  0.0273  328 PRO A CA  
220 C C   . PRO A 27 ? 0.3977 0.3795 0.4647 -0.0123 0.0392  0.0318  328 PRO A C   
221 O O   . PRO A 27 ? 0.3528 0.3360 0.4320 -0.0096 0.0393  0.0378  328 PRO A O   
222 C CB  . PRO A 27 ? 0.3338 0.3118 0.3695 -0.0074 0.0436  0.0329  328 PRO A CB  
223 C CG  . PRO A 27 ? 0.4943 0.4770 0.5196 -0.0054 0.0385  0.0318  328 PRO A CG  
224 C CD  . PRO A 27 ? 0.4370 0.4270 0.4763 -0.0071 0.0305  0.0305  328 PRO A CD  
225 N N   . ILE A 28 ? 0.4324 0.4115 0.5024 -0.0151 0.0408  0.0287  329 ILE A N   
226 C CA  . ILE A 28 ? 0.3889 0.3675 0.4769 -0.0149 0.0423  0.0322  329 ILE A CA  
227 C C   . ILE A 28 ? 0.3832 0.3548 0.4719 -0.0119 0.0516  0.0380  329 ILE A C   
228 O O   . ILE A 28 ? 0.3867 0.3526 0.4631 -0.0119 0.0565  0.0361  329 ILE A O   
229 C CB  . ILE A 28 ? 0.3211 0.3011 0.4128 -0.0191 0.0387  0.0264  329 ILE A CB  
230 C CG1 . ILE A 28 ? 0.2879 0.2761 0.3831 -0.0219 0.0298  0.0215  329 ILE A CG1 
231 C CG2 . ILE A 28 ? 0.3919 0.3707 0.4998 -0.0182 0.0409  0.0299  329 ILE A CG2 
232 C CD1 . ILE A 28 ? 0.2933 0.2832 0.3890 -0.0262 0.0262  0.0155  329 ILE A CD1 
233 N N   . LYS A 29 ? 0.3570 0.3292 0.4613 -0.0092 0.0542  0.0447  330 LYS A N   
234 C CA  . LYS A 29 ? 0.3660 0.3327 0.4739 -0.0061 0.0634  0.0506  330 LYS A CA  
235 C C   . LYS A 29 ? 0.4281 0.3930 0.5450 -0.0074 0.0649  0.0489  330 LYS A C   
236 O O   . LYS A 29 ? 0.4535 0.4125 0.5634 -0.0063 0.0714  0.0491  330 LYS A O   
237 C CB  . LYS A 29 ? 0.3018 0.2700 0.4246 -0.0032 0.0659  0.0585  330 LYS A CB  
238 C CG  . LYS A 29 ? 0.5074 0.4706 0.6312 0.0004  0.0766  0.0655  330 LYS A CG  
239 C CD  . LYS A 29 ? 0.5953 0.5599 0.7338 0.0028  0.0793  0.0737  330 LYS A CD  
240 C CE  . LYS A 29 ? 0.7158 0.6816 0.8778 0.0027  0.0819  0.0765  330 LYS A CE  
241 N NZ  . LYS A 29 ? 0.7471 0.7132 0.9191 0.0061  0.0877  0.0841  330 LYS A NZ  
242 N N   . SER A 30 ? 0.3699 0.3397 0.5016 -0.0093 0.0588  0.0469  331 SER A N   
243 C CA  . SER A 30 ? 0.3263 0.2952 0.4671 -0.0100 0.0592  0.0454  331 SER A CA  
244 C C   . SER A 30 ? 0.3394 0.3142 0.4879 -0.0130 0.0503  0.0405  331 SER A C   
245 O O   . SER A 30 ? 0.2935 0.2741 0.4472 -0.0140 0.0442  0.0394  331 SER A O   
246 C CB  . SER A 30 ? 0.4377 0.4064 0.5962 -0.0069 0.0647  0.0516  331 SER A CB  
247 O OG  . SER A 30 ? 0.5224 0.4969 0.6975 -0.0065 0.0611  0.0544  331 SER A OG  
248 N N   . ILE A 31 ? 0.2381 0.2111 0.3865 -0.0141 0.0497  0.0375  332 ILE A N   
249 C CA  . ILE A 31 ? 0.2591 0.2371 0.4133 -0.0166 0.0421  0.0330  332 ILE A CA  
250 C C   . ILE A 31 ? 0.3182 0.2960 0.4847 -0.0149 0.0426  0.0342  332 ILE A C   
251 O O   . ILE A 31 ? 0.3582 0.3296 0.5209 -0.0134 0.0484  0.0357  332 ILE A O   
252 C CB  . ILE A 31 ? 0.2745 0.2508 0.4117 -0.0203 0.0394  0.0272  332 ILE A CB  
253 C CG1 . ILE A 31 ? 0.3897 0.3672 0.5144 -0.0219 0.0380  0.0250  332 ILE A CG1 
254 C CG2 . ILE A 31 ? 0.2578 0.2395 0.4007 -0.0226 0.0322  0.0232  332 ILE A CG2 
255 C CD1 . ILE A 31 ? 0.4387 0.4163 0.5501 -0.0262 0.0347  0.0186  332 ILE A CD1 
256 N N   . TYR A 32 ? 0.2342 0.2189 0.4158 -0.0149 0.0364  0.0331  333 TYR A N   
257 C CA  . TYR A 32 ? 0.2352 0.2212 0.4248 -0.0134 0.0344  0.0323  333 TYR A CA  
258 C C   . TYR A 32 ? 0.2416 0.2316 0.4282 -0.0164 0.0269  0.0273  333 TYR A C   
259 O O   . TYR A 32 ? 0.2124 0.2091 0.4019 -0.0177 0.0210  0.0246  333 TYR A O   
260 C CB  . TYR A 32 ? 0.2352 0.2272 0.4431 -0.0091 0.0329  0.0343  333 TYR A CB  
261 C CG  . TYR A 32 ? 0.2314 0.2259 0.4485 -0.0074 0.0294  0.0329  333 TYR A CG  
262 C CD1 . TYR A 32 ? 0.2572 0.2464 0.4736 -0.0057 0.0343  0.0349  333 TYR A CD1 
263 C CD2 . TYR A 32 ? 0.2945 0.2961 0.5199 -0.0072 0.0209  0.0294  333 TYR A CD2 
264 C CE1 . TYR A 32 ? 0.2635 0.2550 0.4893 -0.0041 0.0311  0.0342  333 TYR A CE1 
265 C CE2 . TYR A 32 ? 0.3422 0.3460 0.5758 -0.0058 0.0175  0.0283  333 TYR A CE2 
266 C CZ  . TYR A 32 ? 0.3089 0.3080 0.5440 -0.0045 0.0226  0.0312  333 TYR A CZ  
267 O OH  . TYR A 32 ? 0.3730 0.3745 0.6178 -0.0029 0.0190  0.0306  333 TYR A OH  
268 N N   . LEU A 33 ? 0.1483 0.1344 0.3271 -0.0169 0.0271  0.0258  334 LEU A N   
269 C CA  . LEU A 33 ? 0.1130 0.1033 0.2887 -0.0190 0.0205  0.0216  334 LEU A CA  
270 C C   . LEU A 33 ? 0.1675 0.1588 0.3528 -0.0160 0.0186  0.0225  334 LEU A C   
271 O O   . LEU A 33 ? 0.2043 0.1887 0.3864 -0.0141 0.0233  0.0249  334 LEU A O   
272 C CB  . LEU A 33 ? 0.1367 0.1215 0.2930 -0.0227 0.0221  0.0187  334 LEU A CB  
273 C CG  . LEU A 33 ? 0.1623 0.1507 0.3136 -0.0253 0.0165  0.0147  334 LEU A CG  
274 C CD1 . LEU A 33 ? 0.1444 0.1431 0.3017 -0.0267 0.0096  0.0114  334 LEU A CD1 
275 C CD2 . LEU A 33 ? 0.1689 0.1502 0.3021 -0.0292 0.0196  0.0126  334 LEU A CD2 
276 N N   . SER A 34 ? 0.2368 0.2370 0.4341 -0.0152 0.0116  0.0204  335 SER A N   
277 C CA  A SER A 34 ? 0.2513 0.2545 0.4595 -0.0118 0.0084  0.0208  335 SER A CA  
278 C CA  B SER A 34 ? 0.2530 0.2562 0.4614 -0.0118 0.0084  0.0209  335 SER A CA  
279 C C   . SER A 34 ? 0.2723 0.2697 0.4682 -0.0116 0.0092  0.0209  335 SER A C   
280 O O   . SER A 34 ? 0.2210 0.2162 0.4021 -0.0149 0.0084  0.0186  335 SER A O   
281 C CB  A SER A 34 ? 0.2340 0.2484 0.4541 -0.0116 -0.0003 0.0171  335 SER A CB  
282 C CB  B SER A 34 ? 0.2313 0.2454 0.4516 -0.0115 -0.0002 0.0172  335 SER A CB  
283 O OG  A SER A 34 ? 0.2983 0.3162 0.5267 -0.0081 -0.0044 0.0167  335 SER A OG  
284 O OG  B SER A 34 ? 0.2228 0.2395 0.4309 -0.0144 -0.0045 0.0131  335 SER A OG  
285 N N   . ASN A 35 ? 0.3551 0.3499 0.5575 -0.0075 0.0109  0.0238  336 ASN A N   
286 C CA  . ASN A 35 ? 0.4125 0.4019 0.6051 -0.0062 0.0111  0.0245  336 ASN A CA  
287 C C   . ASN A 35 ? 0.5749 0.5725 0.7738 -0.0041 0.0027  0.0224  336 ASN A C   
288 O O   . ASN A 35 ? 0.6317 0.6291 0.8357 0.0002  0.0014  0.0242  336 ASN A O   
289 C CB  . ASN A 35 ? 0.4401 0.4218 0.6354 -0.0024 0.0171  0.0286  336 ASN A CB  
290 C CG  . ASN A 35 ? 0.6025 0.5756 0.7848 -0.0014 0.0186  0.0298  336 ASN A CG  
291 O OD1 . ASN A 35 ? 0.5342 0.5033 0.7010 -0.0052 0.0184  0.0282  336 ASN A OD1 
292 N ND2 . ASN A 35 ? 0.7302 0.7008 0.9195 0.0037  0.0197  0.0327  336 ASN A ND2 
293 N N   . ALA A 36 ? 0.6014 0.6072 0.8006 -0.0067 -0.0029 0.0184  337 ALA A N   
294 C CA  . ALA A 36 ? 0.6967 0.7117 0.9021 -0.0046 -0.0112 0.0156  337 ALA A CA  
295 C C   . ALA A 36 ? 0.7715 0.7824 0.9620 -0.0041 -0.0122 0.0161  337 ALA A C   
296 O O   . ALA A 36 ? 0.6523 0.6585 0.8268 -0.0082 -0.0097 0.0155  337 ALA A O   
297 C CB  . ALA A 36 ? 0.6815 0.7057 0.8904 -0.0074 -0.0165 0.0108  337 ALA A CB  
298 N N   . THR A 37 ? 0.8505 0.8637 1.0468 0.0009  -0.0157 0.0174  338 THR A N   
299 C CA  . THR A 37 ? 0.8821 0.8915 1.0651 0.0024  -0.0169 0.0189  338 THR A CA  
300 C C   . THR A 37 ? 0.8910 0.9116 1.0775 0.0049  -0.0258 0.0155  338 THR A C   
301 O O   . THR A 37 ? 0.8639 0.8946 1.0670 0.0073  -0.0314 0.0124  338 THR A O   
302 C CB  . THR A 37 ? 0.8003 0.8014 0.9839 0.0071  -0.0132 0.0238  338 THR A CB  
303 N N   . VAL A 39 ? 0.8378 0.8849 1.0464 -0.0038 -0.0368 0.0003  340 VAL A N   
304 C CA  . VAL A 39 ? 0.8462 0.8895 1.0374 -0.0037 -0.0362 0.0018  340 VAL A CA  
305 C C   . VAL A 39 ? 0.9061 0.9511 1.0836 -0.0087 -0.0360 -0.0013 340 VAL A C   
306 O O   . VAL A 39 ? 0.9508 0.9877 1.1132 -0.0121 -0.0304 0.0010  340 VAL A O   
307 C CB  . VAL A 39 ? 0.8162 0.8663 1.0118 0.0018  -0.0432 0.0007  340 VAL A CB  
308 N N   . LYS A 40 ? 0.9090 0.9650 1.0929 -0.0090 -0.0421 -0.0070 341 LYS A N   
309 C CA  . LYS A 40 ? 0.8677 0.9274 1.0406 -0.0133 -0.0425 -0.0107 341 LYS A CA  
310 C C   . LYS A 40 ? 0.7779 0.8338 0.9492 -0.0183 -0.0378 -0.0110 341 LYS A C   
311 O O   . LYS A 40 ? 0.7061 0.7607 0.8647 -0.0227 -0.0351 -0.0121 341 LYS A O   
312 C CB  . LYS A 40 ? 0.8600 0.9299 1.0349 -0.0109 -0.0490 -0.0167 341 LYS A CB  
313 N N   . TYR A 41 ? 0.6301 0.6830 0.8101 -0.0168 -0.0361 -0.0098 342 TYR A N   
314 C CA  . TYR A 41 ? 0.5239 0.5721 0.6995 -0.0199 -0.0313 -0.0092 342 TYR A CA  
315 C C   . TYR A 41 ? 0.5953 0.6370 0.7797 -0.0181 -0.0272 -0.0049 342 TYR A C   
316 O O   . TYR A 41 ? 0.6164 0.6579 0.8101 -0.0138 -0.0287 -0.0037 342 TYR A O   
317 C CB  . TYR A 41 ? 0.4799 0.5315 0.6488 -0.0190 -0.0332 -0.0134 342 TYR A CB  
318 N N   . LEU A 42 ? 0.3962 0.4323 0.5771 -0.0217 -0.0217 -0.0026 343 LEU A N   
319 C CA  . LEU A 42 ? 0.3579 0.3878 0.5456 -0.0203 -0.0168 0.0016  343 LEU A CA  
320 C C   . LEU A 42 ? 0.3519 0.3822 0.5397 -0.0186 -0.0169 0.0008  343 LEU A C   
321 O O   . LEU A 42 ? 0.3817 0.4160 0.5631 -0.0190 -0.0201 -0.0030 343 LEU A O   
322 C CB  . LEU A 42 ? 0.2658 0.2856 0.4409 -0.0232 -0.0095 0.0046  343 LEU A CB  
323 C CG  . LEU A 42 ? 0.4104 0.4256 0.5713 -0.0245 -0.0082 0.0047  343 LEU A CG  
324 C CD1 . LEU A 42 ? 0.4891 0.4939 0.6355 -0.0279 -0.0011 0.0062  343 LEU A CD1 
325 C CD2 . LEU A 42 ? 0.4764 0.4897 0.6424 -0.0200 -0.0089 0.0077  343 LEU A CD2 
326 N N   . TRP A 43 ? 0.3086 0.3346 0.5041 -0.0167 -0.0129 0.0048  344 TRP A N   
327 C CA  . TRP A 43 ? 0.2785 0.3037 0.4748 -0.0158 -0.0119 0.0051  344 TRP A CA  
328 C C   . TRP A 43 ? 0.1777 0.1971 0.3745 -0.0171 -0.0048 0.0098  344 TRP A C   
329 O O   . TRP A 43 ? 0.1827 0.1976 0.3809 -0.0173 -0.0002 0.0129  344 TRP A O   
330 C CB  . TRP A 43 ? 0.2775 0.3029 0.4835 -0.0115 -0.0148 0.0050  344 TRP A CB  
331 C CG  . TRP A 43 ? 0.2956 0.3176 0.5132 -0.0089 -0.0122 0.0088  344 TRP A CG  
332 C CD1 . TRP A 43 ? 0.2996 0.3226 0.5222 -0.0073 -0.0141 0.0085  344 TRP A CD1 
333 C CD2 . TRP A 43 ? 0.2377 0.2556 0.4638 -0.0073 -0.0071 0.0134  344 TRP A CD2 
334 N NE1 . TRP A 43 ? 0.2842 0.3035 0.5176 -0.0051 -0.0105 0.0124  344 TRP A NE1 
335 C CE2 . TRP A 43 ? 0.2788 0.2949 0.5145 -0.0050 -0.0059 0.0154  344 TRP A CE2 
336 C CE3 . TRP A 43 ? 0.2479 0.2637 0.4745 -0.0075 -0.0032 0.0162  344 TRP A CE3 
337 C CZ2 . TRP A 43 ? 0.2950 0.3071 0.5406 -0.0032 -0.0006 0.0201  344 TRP A CZ2 
338 C CZ3 . TRP A 43 ? 0.2258 0.2381 0.4621 -0.0053 0.0022  0.0210  344 TRP A CZ3 
339 C CH2 . TRP A 43 ? 0.3265 0.3368 0.5720 -0.0032 0.0037  0.0228  344 TRP A CH2 
340 N N   . ALA A 44 ? 0.1668 0.1859 0.3613 -0.0177 -0.0035 0.0103  345 ALA A N   
341 C CA  . ALA A 44 ? 0.2058 0.2194 0.3987 -0.0189 0.0035  0.0145  345 ALA A CA  
342 C C   . ALA A 44 ? 0.1766 0.1903 0.3774 -0.0163 0.0046  0.0175  345 ALA A C   
343 O O   . ALA A 44 ? 0.1873 0.2050 0.3910 -0.0151 -0.0004 0.0152  345 ALA A O   
344 C CB  . ALA A 44 ? 0.2091 0.2209 0.3883 -0.0239 0.0050  0.0126  345 ALA A CB  
345 N N   . PHE A 45 ? 0.1818 0.1906 0.3852 -0.0154 0.0117  0.0227  346 PHE A N   
346 C CA  . PHE A 45 ? 0.1764 0.1846 0.3872 -0.0131 0.0143  0.0268  346 PHE A CA  
347 C C   . PHE A 45 ? 0.2722 0.2750 0.4730 -0.0154 0.0212  0.0303  346 PHE A C   
348 O O   . PHE A 45 ? 0.2781 0.2746 0.4729 -0.0154 0.0277  0.0328  346 PHE A O   
349 C CB  . PHE A 45 ? 0.1590 0.1660 0.3827 -0.0088 0.0171  0.0302  346 PHE A CB  
350 C CG  . PHE A 45 ? 0.3180 0.3240 0.5501 -0.0064 0.0207  0.0350  346 PHE A CG  
351 C CD1 . PHE A 45 ? 0.3415 0.3499 0.5800 -0.0056 0.0159  0.0341  346 PHE A CD1 
352 C CD2 . PHE A 45 ? 0.4317 0.4340 0.6648 -0.0047 0.0292  0.0403  346 PHE A CD2 
353 C CE1 . PHE A 45 ? 0.3568 0.3641 0.6041 -0.0033 0.0196  0.0391  346 PHE A CE1 
354 C CE2 . PHE A 45 ? 0.4359 0.4378 0.6766 -0.0025 0.0331  0.0452  346 PHE A CE2 
355 C CZ  . PHE A 45 ? 0.3649 0.3696 0.6134 -0.0019 0.0283  0.0448  346 PHE A CZ  
356 N N   . VAL A 46 ? 0.1767 0.1813 0.3752 -0.0171 0.0194  0.0303  347 VAL A N   
357 C CA  . VAL A 46 ? 0.1719 0.1714 0.3528 -0.0173 0.0239  0.0317  347 VAL A CA  
358 C C   . VAL A 46 ? 0.2398 0.2380 0.4250 -0.0147 0.0273  0.0375  347 VAL A C   
359 O O   . VAL A 46 ? 0.2001 0.2028 0.3963 -0.0140 0.0229  0.0380  347 VAL A O   
360 C CB  . VAL A 46 ? 0.1905 0.1934 0.3576 -0.0202 0.0185  0.0257  347 VAL A CB  
361 C CG1 . VAL A 46 ? 0.2463 0.2449 0.3961 -0.0200 0.0223  0.0267  347 VAL A CG1 
362 C CG2 . VAL A 46 ? 0.1960 0.1991 0.3573 -0.0230 0.0165  0.0207  347 VAL A CG2 
363 N N   . THR A 47 ? 0.2480 0.2397 0.4244 -0.0128 0.0352  0.0421  348 THR A N   
364 C CA  . THR A 47 ? 0.2414 0.2308 0.4190 -0.0100 0.0396  0.0486  348 THR A CA  
365 C C   . THR A 47 ? 0.2074 0.1939 0.3633 -0.0096 0.0413  0.0483  348 THR A C   
366 O O   . THR A 47 ? 0.2364 0.2188 0.3775 -0.0101 0.0451  0.0465  348 THR A O   
367 C CB  . THR A 47 ? 0.3005 0.2857 0.4872 -0.0075 0.0483  0.0552  348 THR A CB  
368 O OG1 . THR A 47 ? 0.2878 0.2774 0.4941 -0.0070 0.0453  0.0542  348 THR A OG1 
369 C CG2 . THR A 47 ? 0.4077 0.3901 0.5946 -0.0047 0.0536  0.0626  348 THR A CG2 
370 N N   . TYR A 48 ? 0.2202 0.2092 0.3746 -0.0085 0.0381  0.0497  349 TYR A N   
371 C CA  . TYR A 48 ? 0.2103 0.1977 0.3449 -0.0075 0.0387  0.0493  349 TYR A CA  
372 C C   . TYR A 48 ? 0.2434 0.2252 0.3727 -0.0035 0.0470  0.0574  349 TYR A C   
373 O O   . TYR A 48 ? 0.3129 0.2933 0.4567 -0.0014 0.0508  0.0641  349 TYR A O   
374 C CB  . TYR A 48 ? 0.2802 0.2736 0.4149 -0.0079 0.0304  0.0463  349 TYR A CB  
375 C CG  . TYR A 48 ? 0.2492 0.2484 0.3821 -0.0119 0.0231  0.0374  349 TYR A CG  
376 C CD1 . TYR A 48 ? 0.2426 0.2421 0.3575 -0.0141 0.0217  0.0317  349 TYR A CD1 
377 C CD2 . TYR A 48 ? 0.2279 0.2321 0.3769 -0.0137 0.0178  0.0343  349 TYR A CD2 
378 C CE1 . TYR A 48 ? 0.2132 0.2178 0.3268 -0.0181 0.0158  0.0239  349 TYR A CE1 
379 C CE2 . TYR A 48 ? 0.1712 0.1807 0.3176 -0.0172 0.0117  0.0265  349 TYR A CE2 
380 C CZ  . TYR A 48 ? 0.2076 0.2172 0.3365 -0.0195 0.0111  0.0217  349 TYR A CZ  
381 O OH  . TYR A 48 ? 0.2078 0.2226 0.3347 -0.0234 0.0059  0.0144  349 TYR A OH  
382 N N   . LYS A 49 ? 0.3474 0.3260 0.4561 -0.0023 0.0500  0.0568  350 LYS A N   
383 C CA  . LYS A 49 ? 0.4433 0.4169 0.5435 0.0020  0.0575  0.0643  350 LYS A CA  
384 C C   . LYS A 49 ? 0.4564 0.4321 0.5605 0.0048  0.0548  0.0695  350 LYS A C   
385 O O   . LYS A 49 ? 0.4749 0.4474 0.5864 0.0078  0.0606  0.0781  350 LYS A O   
386 C CB  . LYS A 49 ? 0.4889 0.4595 0.5649 0.0027  0.0602  0.0611  350 LYS A CB  
387 C CG  . LYS A 49 ? 0.6857 0.6526 0.7573 0.0004  0.0639  0.0564  350 LYS A CG  
388 C CD  . LYS A 49 ? 0.7889 0.7513 0.8377 0.0021  0.0684  0.0543  350 LYS A CD  
389 C CE  . LYS A 49 ? 0.8405 0.7981 0.8863 0.0002  0.0729  0.0504  350 LYS A CE  
390 N NZ  . LYS A 49 ? 0.8512 0.8047 0.8747 0.0011  0.0759  0.0462  350 LYS A NZ  
391 N N   . ASN A 50 ? 0.3295 0.3104 0.4291 0.0037  0.0461  0.0642  351 ASN A N   
392 C CA  . ASN A 50 ? 0.3697 0.3527 0.4725 0.0065  0.0423  0.0683  351 ASN A CA  
393 C C   . ASN A 50 ? 0.3706 0.3584 0.4949 0.0045  0.0357  0.0665  351 ASN A C   
394 O O   . ASN A 50 ? 0.3644 0.3575 0.4917 0.0009  0.0290  0.0583  351 ASN A O   
395 C CB  . ASN A 50 ? 0.4380 0.4242 0.5216 0.0076  0.0368  0.0638  351 ASN A CB  
396 C CG  . ASN A 50 ? 0.6144 0.5963 0.6758 0.0099  0.0426  0.0648  351 ASN A CG  
397 O OD1 . ASN A 50 ? 0.6936 0.6700 0.7515 0.0137  0.0506  0.0730  351 ASN A OD1 
398 N ND2 . ASN A 50 ? 0.6913 0.6759 0.7381 0.0075  0.0389  0.0562  351 ASN A ND2 
399 N N   . SER A 51 ? 0.4069 0.4073 0.6020 0.0129  0.0103  0.0632  352 SER A N   
400 C CA  . SER A 51 ? 0.4178 0.4120 0.6144 0.0165  0.0100  0.0576  352 SER A CA  
401 C C   . SER A 51 ? 0.4598 0.4586 0.6649 0.0214  0.0124  0.0573  352 SER A C   
402 O O   . SER A 51 ? 0.4368 0.4319 0.6424 0.0241  0.0129  0.0524  352 SER A O   
403 C CB  . SER A 51 ? 0.5344 0.5265 0.7316 0.0175  0.0081  0.0557  352 SER A CB  
404 O OG  . SER A 51 ? 0.6465 0.6375 0.8366 0.0140  0.0061  0.0559  352 SER A OG  
405 N N   . SER A 52 ? 0.3873 0.3960 0.5985 0.0226  0.0139  0.0621  353 SER A N   
406 C CA  . SER A 52 ? 0.4847 0.5024 0.7033 0.0275  0.0162  0.0611  353 SER A CA  
407 C C   . SER A 52 ? 0.3923 0.4149 0.6081 0.0269  0.0184  0.0586  353 SER A C   
408 O O   . SER A 52 ? 0.3868 0.4142 0.6034 0.0296  0.0202  0.0537  353 SER A O   
409 C CB  . SER A 52 ? 0.5659 0.5948 0.7884 0.0275  0.0174  0.0667  353 SER A CB  
410 O OG  . SER A 52 ? 0.6960 0.7311 0.9159 0.0235  0.0179  0.0722  353 SER A OG  
411 N N   . ASP A 53 ? 0.3491 0.3698 0.5537 0.0205  0.0182  0.0599  354 ASP A N   
412 C CA  . ASP A 53 ? 0.3048 0.3298 0.4974 0.0160  0.0203  0.0562  354 ASP A CA  
413 C C   . ASP A 53 ? 0.3259 0.3426 0.5132 0.0165  0.0200  0.0490  354 ASP A C   
414 O O   . ASP A 53 ? 0.2640 0.2861 0.4450 0.0153  0.0220  0.0446  354 ASP A O   
415 C CB  . ASP A 53 ? 0.2492 0.2746 0.4323 0.0088  0.0202  0.0599  354 ASP A CB  
416 C CG  . ASP A 53 ? 0.3721 0.4085 0.5590 0.0077  0.0210  0.0664  354 ASP A CG  
417 O OD1 . ASP A 53 ? 0.4519 0.4981 0.6463 0.0115  0.0223  0.0672  354 ASP A OD1 
418 O OD2 . ASP A 53 ? 0.3865 0.4217 0.5689 0.0029  0.0203  0.0704  354 ASP A OD2 
419 N N   . SER A 54 ? 0.3508 0.3546 0.5409 0.0184  0.0175  0.0478  355 SER A N   
420 C CA  . SER A 54 ? 0.3379 0.3337 0.5234 0.0189  0.0172  0.0410  355 SER A CA  
421 C C   . SER A 54 ? 0.2687 0.2694 0.4603 0.0246  0.0186  0.0355  355 SER A C   
422 O O   . SER A 54 ? 0.3217 0.3235 0.5070 0.0240  0.0198  0.0296  355 SER A O   
423 C CB  . SER A 54 ? 0.4358 0.4170 0.6238 0.0199  0.0141  0.0413  355 SER A CB  
424 O OG  . SER A 54 ? 0.3792 0.3593 0.5764 0.0246  0.0127  0.0412  355 SER A OG  
425 N N   . GLU A 55 ? 0.3343 0.3385 0.5386 0.0300  0.0184  0.0375  356 GLU A N   
426 C CA  . GLU A 55 ? 0.3395 0.3493 0.5507 0.0354  0.0201  0.0326  356 GLU A CA  
427 C C   . GLU A 55 ? 0.3117 0.3349 0.5171 0.0336  0.0231  0.0316  356 GLU A C   
428 O O   . GLU A 55 ? 0.2625 0.2893 0.4664 0.0355  0.0246  0.0256  356 GLU A O   
429 C CB  . GLU A 55 ? 0.5284 0.5396 0.7551 0.0413  0.0195  0.0361  356 GLU A CB  
430 C CG  . GLU A 55 ? 0.6912 0.7045 0.9232 0.0464  0.0205  0.0301  356 GLU A CG  
431 C CD  . GLU A 55 ? 0.8763 0.8797 1.1054 0.0476  0.0195  0.0224  356 GLU A CD  
432 O OE1 . GLU A 55 ? 0.8440 0.8362 1.0670 0.0448  0.0166  0.0222  356 GLU A OE1 
433 O OE2 . GLU A 55 ? 0.9244 0.9321 1.1550 0.0504  0.0215  0.0163  356 GLU A OE2 
434 N N   . LYS A 56 ? 0.2897 0.3207 0.4921 0.0298  0.0239  0.0375  357 LYS A N   
435 C CA  . LYS A 56 ? 0.2406 0.2844 0.4372 0.0275  0.0266  0.0372  357 LYS A CA  
436 C C   . LYS A 56 ? 0.2066 0.2490 0.3904 0.0234  0.0275  0.0320  357 LYS A C   
437 O O   . LYS A 56 ? 0.2498 0.3001 0.4306 0.0241  0.0296  0.0281  357 LYS A O   
438 C CB  . LYS A 56 ? 0.3896 0.4409 0.5846 0.0235  0.0271  0.0444  357 LYS A CB  
439 C CG  . LYS A 56 ? 0.5552 0.6121 0.7628 0.0276  0.0270  0.0498  357 LYS A CG  
440 C CD  . LYS A 56 ? 0.7336 0.7956 0.9396 0.0232  0.0267  0.0570  357 LYS A CD  
441 C CE  . LYS A 56 ? 0.8698 0.9424 1.0659 0.0181  0.0291  0.0573  357 LYS A CE  
442 N NZ  . LYS A 56 ? 0.9471 1.0232 1.1402 0.0131  0.0287  0.0635  357 LYS A NZ  
443 N N   . ALA A 57 ? 0.1947 0.2273 0.3712 0.0192  0.0258  0.0323  358 ALA A N   
444 C CA  . ALA A 57 ? 0.2148 0.2456 0.3795 0.0149  0.0265  0.0282  358 ALA A CA  
445 C C   . ALA A 57 ? 0.2213 0.2503 0.3864 0.0187  0.0269  0.0205  358 ALA A C   
446 O O   . ALA A 57 ? 0.2345 0.2694 0.3924 0.0172  0.0286  0.0167  358 ALA A O   
447 C CB  . ALA A 57 ? 0.2563 0.2758 0.4147 0.0103  0.0244  0.0302  358 ALA A CB  
448 N N   . ILE A 58 ? 0.1719 0.1926 0.3456 0.0236  0.0252  0.0183  359 ILE A N   
449 C CA  . ILE A 58 ? 0.1817 0.2006 0.3572 0.0277  0.0255  0.0108  359 ILE A CA  
450 C C   . ILE A 58 ? 0.2117 0.2433 0.3909 0.0311  0.0281  0.0083  359 ILE A C   
451 O O   . ILE A 58 ? 0.2527 0.2887 0.4266 0.0311  0.0297  0.0027  359 ILE A O   
452 C CB  . ILE A 58 ? 0.2839 0.2925 0.4701 0.0328  0.0232  0.0093  359 ILE A CB  
453 C CG1 . ILE A 58 ? 0.2522 0.2477 0.4341 0.0296  0.0206  0.0112  359 ILE A CG1 
454 C CG2 . ILE A 58 ? 0.3413 0.3492 0.5304 0.0374  0.0239  0.0010  359 ILE A CG2 
455 C CD1 . ILE A 58 ? 0.3208 0.3058 0.5133 0.0342  0.0181  0.0111  359 ILE A CD1 
456 N N   . LYS A 59 ? 0.2455 0.2834 0.4339 0.0339  0.0288  0.0127  360 LYS A N   
457 C CA  . LYS A 59 ? 0.2261 0.2758 0.4191 0.0375  0.0313  0.0110  360 LYS A CA  
458 C C   . LYS A 59 ? 0.2312 0.2915 0.4137 0.0331  0.0335  0.0108  360 LYS A C   
459 O O   . LYS A 59 ? 0.2699 0.3381 0.4516 0.0352  0.0356  0.0064  360 LYS A O   
460 C CB  . LYS A 59 ? 0.3129 0.3674 0.5175 0.0408  0.0314  0.0168  360 LYS A CB  
461 C CG  . LYS A 59 ? 0.4297 0.4770 0.6477 0.0469  0.0299  0.0158  360 LYS A CG  
462 C CD  . LYS A 59 ? 0.6066 0.6624 0.8372 0.0513  0.0312  0.0200  360 LYS A CD  
463 C CE  . LYS A 59 ? 0.7082 0.7638 0.9425 0.0496  0.0297  0.0286  360 LYS A CE  
464 N NZ  . LYS A 59 ? 0.7726 0.8175 1.0175 0.0532  0.0273  0.0301  360 LYS A NZ  
465 N N   . ARG A 60 ? 0.2204 0.2811 0.3948 0.0271  0.0333  0.0155  361 ARG A N   
466 C CA  . ARG A 60 ? 0.3597 0.4308 0.5250 0.0228  0.0355  0.0163  361 ARG A CA  
467 C C   . ARG A 60 ? 0.2956 0.3645 0.4494 0.0190  0.0358  0.0116  361 ARG A C   
468 O O   . ARG A 60 ? 0.2486 0.3268 0.3966 0.0176  0.0379  0.0096  361 ARG A O   
469 C CB  . ARG A 60 ? 0.3000 0.3743 0.4630 0.0181  0.0354  0.0237  361 ARG A CB  
470 C CG  . ARG A 60 ? 0.4199 0.4995 0.5939 0.0216  0.0355  0.0287  361 ARG A CG  
471 C CD  . ARG A 60 ? 0.5729 0.6567 0.7446 0.0167  0.0355  0.0357  361 ARG A CD  
472 N NE  . ARG A 60 ? 0.7963 0.8883 0.9578 0.0114  0.0373  0.0359  361 ARG A NE  
473 C CZ  . ARG A 60 ? 0.8821 0.9788 1.0396 0.0064  0.0377  0.0411  361 ARG A CZ  
474 N NH1 . ARG A 60 ? 0.8644 0.9591 1.0273 0.0062  0.0363  0.0466  361 ARG A NH1 
475 N NH2 . ARG A 60 ? 0.8868 0.9908 1.0355 0.0017  0.0395  0.0408  361 ARG A NH2 
476 N N   . TYR A 61 ? 0.1821 0.2392 0.3328 0.0175  0.0337  0.0101  362 TYR A N   
477 C CA  . TYR A 61 ? 0.1824 0.2376 0.3219 0.0132  0.0340  0.0069  362 TYR A CA  
478 C C   . TYR A 61 ? 0.2205 0.2698 0.3592 0.0159  0.0334  -0.0004 362 TYR A C   
479 O O   . TYR A 61 ? 0.2032 0.2531 0.3330 0.0128  0.0339  -0.0035 362 TYR A O   
480 C CB  . TYR A 61 ? 0.1508 0.1981 0.2841 0.0074  0.0325  0.0115  362 TYR A CB  
481 C CG  . TYR A 61 ? 0.2018 0.2571 0.3308 0.0024  0.0339  0.0170  362 TYR A CG  
482 C CD1 . TYR A 61 ? 0.2728 0.3378 0.3942 -0.0008 0.0362  0.0159  362 TYR A CD1 
483 C CD2 . TYR A 61 ? 0.2142 0.2679 0.3469 0.0010  0.0330  0.0232  362 TYR A CD2 
484 C CE1 . TYR A 61 ? 0.2638 0.3363 0.3816 -0.0053 0.0375  0.0207  362 TYR A CE1 
485 C CE2 . TYR A 61 ? 0.2575 0.3188 0.3863 -0.0036 0.0342  0.0279  362 TYR A CE2 
486 C CZ  . TYR A 61 ? 0.3265 0.3972 0.4480 -0.0068 0.0365  0.0265  362 TYR A CZ  
487 O OH  . TYR A 61 ? 0.3885 0.4669 0.5064 -0.0115 0.0379  0.0310  362 TYR A OH  
488 N N   . ASN A 62 ? 0.1861 0.2303 0.3343 0.0217  0.0323  -0.0033 363 ASN A N   
489 C CA  . ASN A 62 ? 0.1611 0.2017 0.3089 0.0245  0.0319  -0.0109 363 ASN A CA  
490 C C   . ASN A 62 ? 0.1589 0.2117 0.3031 0.0254  0.0346  -0.0152 363 ASN A C   
491 O O   . ASN A 62 ? 0.2100 0.2724 0.3583 0.0274  0.0363  -0.0137 363 ASN A O   
492 C CB  . ASN A 62 ? 0.2252 0.2589 0.3848 0.0308  0.0305  -0.0136 363 ASN A CB  
493 C CG  . ASN A 62 ? 0.2979 0.3250 0.4563 0.0327  0.0296  -0.0211 363 ASN A CG  
494 O OD1 . ASN A 62 ? 0.2148 0.2382 0.3636 0.0286  0.0291  -0.0227 363 ASN A OD1 
495 N ND2 . ASN A 62 ? 0.2918 0.3177 0.4602 0.0388  0.0296  -0.0260 363 ASN A ND2 
496 N N   . ASN A 63 ? 0.2347 0.2874 0.3709 0.0235  0.0349  -0.0202 364 ASN A N   
497 C CA  . ASN A 63 ? 0.1652 0.2292 0.2967 0.0239  0.0373  -0.0247 364 ASN A CA  
498 C C   . ASN A 63 ? 0.1973 0.2716 0.3219 0.0194  0.0392  -0.0201 364 ASN A C   
499 O O   . ASN A 63 ? 0.1975 0.2829 0.3195 0.0200  0.0414  -0.0226 364 ASN A O   
500 C CB  . ASN A 63 ? 0.2131 0.2821 0.3538 0.0306  0.0384  -0.0292 364 ASN A CB  
501 C CG  . ASN A 63 ? 0.3521 0.4121 0.4988 0.0349  0.0368  -0.0353 364 ASN A CG  
502 O OD1 . ASN A 63 ? 0.2549 0.3103 0.3956 0.0334  0.0359  -0.0396 364 ASN A OD1 
503 N ND2 . ASN A 63 ? 0.4022 0.4598 0.5609 0.0404  0.0364  -0.0357 364 ASN A ND2 
504 N N   . PHE A 64 ? 0.2098 0.2809 0.3317 0.0148  0.0384  -0.0135 365 PHE A N   
505 C CA  . PHE A 64 ? 0.2751 0.3547 0.3898 0.0096  0.0401  -0.0092 365 PHE A CA  
506 C C   . PHE A 64 ? 0.2367 0.3168 0.3406 0.0050  0.0406  -0.0113 365 PHE A C   
507 O O   . PHE A 64 ? 0.2394 0.3099 0.3401 0.0031  0.0389  -0.0123 365 PHE A O   
508 C CB  . PHE A 64 ? 0.1898 0.2654 0.3056 0.0062  0.0392  -0.0018 365 PHE A CB  
509 C CG  . PHE A 64 ? 0.2060 0.2890 0.3144 0.0003  0.0407  0.0026  365 PHE A CG  
510 C CD1 . PHE A 64 ? 0.3278 0.4228 0.4377 0.0006  0.0427  0.0049  365 PHE A CD1 
511 C CD2 . PHE A 64 ? 0.2662 0.3440 0.3666 -0.0057 0.0401  0.0047  365 PHE A CD2 
512 C CE1 . PHE A 64 ? 0.3072 0.4088 0.4106 -0.0049 0.0440  0.0088  365 PHE A CE1 
513 C CE2 . PHE A 64 ? 0.2993 0.3838 0.3937 -0.0112 0.0416  0.0087  365 PHE A CE2 
514 C CZ  . PHE A 64 ? 0.2224 0.3187 0.3183 -0.0108 0.0435  0.0106  365 PHE A CZ  
515 N N   . TYR A 65 ? 0.1536 0.2455 0.2522 0.0032  0.0428  -0.0118 366 TYR A N   
516 C CA  . TYR A 65 ? 0.1544 0.2484 0.2432 -0.0012 0.0435  -0.0132 366 TYR A CA  
517 C C   . TYR A 65 ? 0.1877 0.2800 0.2706 -0.0080 0.0436  -0.0070 366 TYR A C   
518 O O   . TYR A 65 ? 0.1613 0.2600 0.2446 -0.0101 0.0447  -0.0024 366 TYR A O   
519 C CB  . TYR A 65 ? 0.1567 0.2643 0.2425 -0.0002 0.0460  -0.0163 366 TYR A CB  
520 C CG  . TYR A 65 ? 0.2102 0.3194 0.2991 0.0054  0.0461  -0.0237 366 TYR A CG  
521 C CD1 . TYR A 65 ? 0.2481 0.3549 0.3318 0.0047  0.0456  -0.0286 366 TYR A CD1 
522 C CD2 . TYR A 65 ? 0.2054 0.3188 0.3025 0.0112  0.0467  -0.0261 366 TYR A CD2 
523 C CE1 . TYR A 65 ? 0.2243 0.3329 0.3108 0.0097  0.0457  -0.0359 366 TYR A CE1 
524 C CE2 . TYR A 65 ? 0.2833 0.3980 0.3834 0.0163  0.0469  -0.0332 366 TYR A CE2 
525 C CZ  . TYR A 65 ? 0.3597 0.4721 0.4544 0.0155  0.0464  -0.0382 366 TYR A CZ  
526 O OH  . TYR A 65 ? 0.4826 0.5968 0.5805 0.0205  0.0467  -0.0458 366 TYR A OH  
527 N N   . PHE A 66 ? 0.1493 0.2332 0.2270 -0.0115 0.0423  -0.0070 367 PHE A N   
528 C CA  . PHE A 66 ? 0.2268 0.3088 0.2985 -0.0182 0.0425  -0.0018 367 PHE A CA  
529 C C   . PHE A 66 ? 0.2005 0.2845 0.2641 -0.0217 0.0433  -0.0038 367 PHE A C   
530 O O   . PHE A 66 ? 0.1821 0.2592 0.2442 -0.0209 0.0421  -0.0073 367 PHE A O   
531 C CB  . PHE A 66 ? 0.1837 0.2527 0.2579 -0.0195 0.0402  0.0017  367 PHE A CB  
532 C CG  . PHE A 66 ? 0.2163 0.2822 0.2847 -0.0264 0.0404  0.0068  367 PHE A CG  
533 C CD1 . PHE A 66 ? 0.2068 0.2819 0.2721 -0.0304 0.0424  0.0104  367 PHE A CD1 
534 C CD2 . PHE A 66 ? 0.3119 0.3657 0.3780 -0.0290 0.0386  0.0079  367 PHE A CD2 
535 C CE1 . PHE A 66 ? 0.3735 0.4458 0.4341 -0.0368 0.0427  0.0148  367 PHE A CE1 
536 C CE2 . PHE A 66 ? 0.2674 0.3185 0.3286 -0.0353 0.0389  0.0126  367 PHE A CE2 
537 C CZ  . PHE A 66 ? 0.2874 0.3477 0.3459 -0.0392 0.0410  0.0160  367 PHE A CZ  
538 N N   . ARG A 67 ? 0.2031 0.2971 0.2618 -0.0255 0.0454  -0.0017 368 ARG A N   
539 C CA  . ARG A 67 ? 0.2766 0.3754 0.3280 -0.0285 0.0466  -0.0034 368 ARG A CA  
540 C C   . ARG A 67 ? 0.3232 0.4239 0.3749 -0.0240 0.0463  -0.0103 368 ARG A C   
541 O O   . ARG A 67 ? 0.3225 0.4190 0.3702 -0.0253 0.0457  -0.0125 368 ARG A O   
542 C CB  . ARG A 67 ? 0.3340 0.4239 0.3806 -0.0341 0.0457  -0.0002 368 ARG A CB  
543 C CG  . ARG A 67 ? 0.3738 0.4612 0.4206 -0.0387 0.0459  0.0063  368 ARG A CG  
544 C CD  . ARG A 67 ? 0.6285 0.7164 0.6689 -0.0455 0.0470  0.0096  368 ARG A CD  
545 N NE  . ARG A 67 ? 0.8343 0.9161 0.8751 -0.0498 0.0466  0.0151  368 ARG A NE  
546 C CZ  . ARG A 67 ? 0.9663 1.0542 1.0050 -0.0547 0.0484  0.0192  368 ARG A CZ  
547 N NH1 . ARG A 67 ? 1.0106 1.1105 1.0464 -0.0557 0.0506  0.0187  368 ARG A NH1 
548 N NH2 . ARG A 67 ? 0.9660 1.0478 1.0054 -0.0585 0.0480  0.0238  368 ARG A NH2 
549 N N   . GLY A 68 ? 0.2922 0.3991 0.3487 -0.0185 0.0469  -0.0137 369 GLY A N   
550 C CA  . GLY A 68 ? 0.2427 0.3532 0.2997 -0.0140 0.0471  -0.0207 369 GLY A CA  
551 C C   . GLY A 68 ? 0.2775 0.3771 0.3391 -0.0101 0.0448  -0.0248 369 GLY A C   
552 O O   . GLY A 68 ? 0.3037 0.4055 0.3670 -0.0058 0.0448  -0.0311 369 GLY A O   
553 N N   . LYS A 69 ? 0.2788 0.3662 0.3422 -0.0117 0.0429  -0.0213 370 LYS A N   
554 C CA  . LYS A 69 ? 0.2389 0.3148 0.3070 -0.0083 0.0406  -0.0246 370 LYS A CA  
555 C C   . LYS A 69 ? 0.2902 0.3634 0.3678 -0.0034 0.0399  -0.0243 370 LYS A C   
556 O O   . LYS A 69 ? 0.2001 0.2730 0.2802 -0.0048 0.0400  -0.0187 370 LYS A O   
557 C CB  . LYS A 69 ? 0.2571 0.3208 0.3220 -0.0127 0.0388  -0.0211 370 LYS A CB  
558 C CG  . LYS A 69 ? 0.3735 0.4385 0.4296 -0.0176 0.0393  -0.0211 370 LYS A CG  
559 C CD  . LYS A 69 ? 0.6163 0.6839 0.6709 -0.0147 0.0392  -0.0283 370 LYS A CD  
560 C CE  . LYS A 69 ? 0.7831 0.8485 0.8300 -0.0195 0.0390  -0.0278 370 LYS A CE  
561 N NZ  . LYS A 69 ? 0.7878 0.8662 0.8284 -0.0223 0.0414  -0.0276 370 LYS A NZ  
562 N N   . LYS A 70 ? 0.2305 0.3021 0.3139 0.0024  0.0392  -0.0301 371 LYS A N   
563 C CA  . LYS A 70 ? 0.2273 0.2958 0.3210 0.0074  0.0385  -0.0299 371 LYS A CA  
564 C C   . LYS A 70 ? 0.3090 0.3632 0.4062 0.0071  0.0359  -0.0274 371 LYS A C   
565 O O   . LYS A 70 ? 0.1853 0.2312 0.2827 0.0082  0.0343  -0.0312 371 LYS A O   
566 C CB  . LYS A 70 ? 0.2284 0.3006 0.3275 0.0137  0.0391  -0.0375 371 LYS A CB  
567 C CG  . LYS A 70 ? 0.3570 0.4293 0.4671 0.0191  0.0391  -0.0370 371 LYS A CG  
568 C CD  . LYS A 70 ? 0.4470 0.5255 0.5622 0.0250  0.0403  -0.0443 371 LYS A CD  
569 C CE  . LYS A 70 ? 0.5685 0.6393 0.6844 0.0271  0.0387  -0.0512 371 LYS A CE  
570 N NZ  . LYS A 70 ? 0.7081 0.7837 0.8308 0.0333  0.0398  -0.0584 371 LYS A NZ  
571 N N   . LEU A 71 ? 0.2167 0.2683 0.3165 0.0055  0.0354  -0.0208 372 LEU A N   
572 C CA  . LEU A 71 ? 0.1605 0.1991 0.2630 0.0046  0.0330  -0.0175 372 LEU A CA  
573 C C   . LEU A 71 ? 0.2715 0.3029 0.3842 0.0107  0.0314  -0.0206 372 LEU A C   
574 O O   . LEU A 71 ? 0.2650 0.3020 0.3852 0.0155  0.0323  -0.0226 372 LEU A O   
575 C CB  . LEU A 71 ? 0.2007 0.2397 0.3038 0.0013  0.0331  -0.0098 372 LEU A CB  
576 C CG  . LEU A 71 ? 0.2959 0.3397 0.3895 -0.0055 0.0345  -0.0059 372 LEU A CG  
577 C CD1 . LEU A 71 ? 0.3036 0.3450 0.3983 -0.0087 0.0340  0.0013  372 LEU A CD1 
578 C CD2 . LEU A 71 ? 0.2027 0.2408 0.2885 -0.0091 0.0338  -0.0078 372 LEU A CD2 
579 N N   . LEU A 72 ? 0.1576 0.2167 0.3137 -0.0190 -0.0391 -0.0405 373 LEU A N   
580 C CA  . LEU A 72 ? 0.2396 0.2915 0.4156 -0.0176 -0.0393 -0.0384 373 LEU A CA  
581 C C   . LEU A 72 ? 0.2594 0.3075 0.4392 -0.0208 -0.0355 -0.0291 373 LEU A C   
582 O O   . LEU A 72 ? 0.2617 0.3063 0.4412 -0.0236 -0.0294 -0.0240 373 LEU A O   
583 C CB  . LEU A 72 ? 0.2511 0.2964 0.4427 -0.0160 -0.0363 -0.0406 373 LEU A CB  
584 C CG  . LEU A 72 ? 0.3001 0.3364 0.5139 -0.0145 -0.0348 -0.0372 373 LEU A CG  
585 C CD1 . LEU A 72 ? 0.3747 0.4110 0.5946 -0.0114 -0.0408 -0.0414 373 LEU A CD1 
586 C CD2 . LEU A 72 ? 0.3536 0.3845 0.5806 -0.0130 -0.0313 -0.0387 373 LEU A CD2 
587 N N   . VAL A 73 ? 0.1421 0.1876 0.3363 -0.0182 -0.0405 -0.0287 374 VAL A N   
588 C CA  . VAL A 73 ? 0.1035 0.1398 0.3204 -0.0190 -0.0381 -0.0201 374 VAL A CA  
589 C C   . VAL A 73 ? 0.1639 0.1875 0.4154 -0.0161 -0.0377 -0.0162 374 VAL A C   
590 O O   . VAL A 73 ? 0.2297 0.2542 0.4912 -0.0118 -0.0465 -0.0207 374 VAL A O   
591 C CB  . VAL A 73 ? 0.1722 0.2152 0.3810 -0.0183 -0.0449 -0.0194 374 VAL A CB  
592 C CG1 . VAL A 73 ? 0.2122 0.2365 0.4274 -0.0175 -0.0363 -0.0044 374 VAL A CG1 
593 C CG2 . VAL A 73 ? 0.2407 0.2962 0.4132 -0.0214 -0.0439 -0.0227 374 VAL A CG2 
594 N N   . THR A 74 ? 0.2405 0.2522 0.5065 -0.0173 -0.0269 -0.0077 375 THR A N   
595 C CA  . THR A 74 ? 0.2491 0.2477 0.5423 -0.0145 -0.0232 -0.0023 375 THR A CA  
596 C C   . THR A 74 ? 0.2224 0.2015 0.5138 -0.0149 -0.0090 0.0132  375 THR A C   
597 O O   . THR A 74 ? 0.1657 0.1445 0.4411 -0.0176 -0.0018 0.0186  375 THR A O   
598 C CB  . THR A 74 ? 0.2741 0.2764 0.5724 -0.0120 -0.0220 -0.0076 375 THR A CB  
599 O OG1 . THR A 74 ? 0.3176 0.3221 0.6008 -0.0144 -0.0146 -0.0054 375 THR A OG1 
600 C CG2 . THR A 74 ? 0.3038 0.3151 0.5885 -0.0104 -0.0319 -0.0204 375 THR A CG2 
601 N N   . ARG A 75 ? 0.2023 0.1642 0.4991 -0.0104 -0.0043 0.0200  376 ARG A N   
602 C CA  . ARG A 75 ? 0.2415 0.1853 0.5222 -0.0083 0.0099  0.0334  376 ARG A CA  
603 C C   . ARG A 75 ? 0.2778 0.2317 0.5663 -0.0118 0.0180  0.0339  376 ARG A C   
604 O O   . ARG A 75 ? 0.2905 0.2577 0.5985 -0.0123 0.0142  0.0267  376 ARG A O   
605 C CB  . ARG A 75 ? 0.3164 0.2409 0.5938 -0.0015 0.0120  0.0388  376 ARG A CB  
606 C CG  . ARG A 75 ? 0.4735 0.3803 0.7325 0.0005  0.0255  0.0508  376 ARG A CG  
607 C CD  . ARG A 75 ? 0.6157 0.5001 0.8593 0.0087  0.0260  0.0567  376 ARG A CD  
608 N NE  . ARG A 75 ? 0.6652 0.5421 0.8897 0.0152  0.0196  0.0577  376 ARG A NE  
609 C CZ  . ARG A 75 ? 0.6598 0.5271 0.8576 0.0174  0.0245  0.0653  376 ARG A CZ  
610 N NH1 . ARG A 75 ? 0.5772 0.4421 0.7648 0.0131  0.0354  0.0716  376 ARG A NH1 
611 N NH2 . ARG A 75 ? 0.7008 0.5627 0.8819 0.0244  0.0177  0.0661  376 ARG A NH2 
612 N N   . ALA A 76 ? 0.2125 0.1592 0.4827 -0.0125 0.0279  0.0418  377 ALA A N   
613 C CA  . ALA A 76 ? 0.2411 0.1933 0.5151 -0.0138 0.0351  0.0426  377 ALA A CA  
614 C C   . ALA A 76 ? 0.3351 0.2731 0.6107 -0.0114 0.0431  0.0496  377 ALA A C   
615 O O   . ALA A 76 ? 0.5663 0.4899 0.8230 -0.0100 0.0511  0.0579  377 ALA A O   
616 C CB  . ALA A 76 ? 0.3256 0.2780 0.5789 -0.0156 0.0400  0.0457  377 ALA A CB  
617 N N   . GLN A 77 ? 0.3186 0.2603 0.6152 -0.0108 0.0406  0.0460  378 GLN A N   
618 C CA  . GLN A 77 ? 0.4308 0.3584 0.7286 -0.0088 0.0472  0.0521  378 GLN A CA  
619 C C   . GLN A 77 ? 0.4904 0.4236 0.7954 -0.0102 0.0541  0.0529  378 GLN A C   
620 O O   . GLN A 77 ? 0.3739 0.3230 0.6937 -0.0113 0.0507  0.0463  378 GLN A O   
621 C CB  . GLN A 77 ? 0.5317 0.4583 0.8468 -0.0072 0.0409  0.0483  378 GLN A CB  
622 C CG  . GLN A 77 ? 0.7407 0.6564 1.0616 -0.0059 0.0470  0.0527  378 GLN A CG  
623 C CD  . GLN A 77 ? 0.8169 0.7348 1.1568 -0.0048 0.0399  0.0474  378 GLN A CD  
624 O OE1 . GLN A 77 ? 0.8957 0.8111 1.2343 -0.0026 0.0317  0.0439  378 GLN A OE1 
625 N NE2 . GLN A 77 ? 0.7089 0.6310 1.0659 -0.0059 0.0427  0.0465  378 GLN A NE2 
626 N N   . ASP A 78 ? 0.4700 0.3890 0.7624 -0.0092 0.0630  0.0609  379 ASP A N   
627 C CA  . ASP A 78 ? 0.5090 0.4313 0.8067 -0.0101 0.0696  0.0620  379 ASP A CA  
628 C C   . ASP A 78 ? 0.3383 0.2650 0.6592 -0.0100 0.0689  0.0592  379 ASP A C   
629 O O   . ASP A 78 ? 0.3663 0.2908 0.6971 -0.0092 0.0642  0.0573  379 ASP A O   
630 C CB  . ASP A 78 ? 0.7333 0.6392 1.0120 -0.0088 0.0784  0.0707  379 ASP A CB  
631 C CG  . ASP A 78 ? 0.9517 0.8650 1.2325 -0.0090 0.0853  0.0721  379 ASP A CG  
632 O OD1 . ASP A 78 ? 0.8626 0.7894 1.1462 -0.0101 0.0816  0.0669  379 ASP A OD1 
633 O OD2 . ASP A 78 ? 1.0901 0.9951 1.3704 -0.0075 0.0943  0.0782  379 ASP A OD2 
634 N N   . LYS A 79 ? 0.3250 0.2584 0.6591 -0.0100 0.0741  0.0592  380 LYS A N   
635 C CA  . LYS A 79 ? 0.2651 0.2039 0.6237 -0.0096 0.0743  0.0567  380 LYS A CA  
636 C C   . LYS A 79 ? 0.2765 0.1996 0.6336 -0.0092 0.0769  0.0616  380 LYS A C   
637 O O   . LYS A 79 ? 0.3917 0.2992 0.7340 -0.0084 0.0836  0.0691  380 LYS A O   
638 C CB  . LYS A 79 ? 0.2237 0.1693 0.5970 -0.0084 0.0813  0.0576  380 LYS A CB  
639 C CG  . LYS A 79 ? 0.3401 0.2889 0.7375 -0.0076 0.0833  0.0565  380 LYS A CG  
640 C CD  . LYS A 79 ? 0.4057 0.3691 0.8212 -0.0056 0.0815  0.0507  380 LYS A CD  
641 C CE  . LYS A 79 ? 0.4469 0.4131 0.8860 -0.0046 0.0822  0.0491  380 LYS A CE  
642 N NZ  . LYS A 79 ? 0.4026 0.3588 0.8454 -0.0050 0.0927  0.0563  380 LYS A NZ  
643 N N   . GLU A 80 ? 0.2443 0.1706 0.6158 -0.0094 0.0712  0.0572  381 GLU A N   
644 C CA  . GLU A 80 ? 0.3006 0.2120 0.6735 -0.0086 0.0732  0.0612  381 GLU A CA  
645 C C   . GLU A 80 ? 0.3797 0.2901 0.7677 -0.0086 0.0818  0.0648  381 GLU A C   
646 O O   . GLU A 80 ? 0.3649 0.2893 0.7695 -0.0087 0.0842  0.0623  381 GLU A O   
647 C CB  . GLU A 80 ? 0.3604 0.2772 0.7494 -0.0082 0.0646  0.0552  381 GLU A CB  
648 C CG  . GLU A 80 ? 0.5081 0.4262 0.8892 -0.0073 0.0568  0.0520  381 GLU A CG  
649 C CD  . GLU A 80 ? 0.7075 0.6345 1.1067 -0.0071 0.0470  0.0443  381 GLU A CD  
650 O OE1 . GLU A 80 ? 0.7457 0.6792 1.1639 -0.0076 0.0462  0.0412  381 GLU A OE1 
651 O OE2 . GLU A 80 ? 0.7133 0.6409 1.1076 -0.0061 0.0396  0.0410  381 GLU A OE2 
652 N N   . GLU A 81 ? 0.3009 0.1939 0.6834 -0.0077 0.0863  0.0707  382 GLU A N   
653 C CA  . GLU A 81 ? 0.4902 0.3803 0.8852 -0.0076 0.0956  0.0752  382 GLU A CA  
654 C C   . GLU A 81 ? 0.5592 0.4593 0.9812 -0.0084 0.0937  0.0707  382 GLU A C   
655 O O   . GLU A 81 ? 0.4994 0.4057 0.9377 -0.0084 0.0999  0.0715  382 GLU A O   
656 C CB  . GLU A 81 ? 0.6063 0.4733 0.9846 -0.0059 0.1011  0.0833  382 GLU A CB  
657 C CG  . GLU A 81 ? 0.8122 0.6684 1.1642 -0.0044 0.1042  0.0886  382 GLU A CG  
658 C CD  . GLU A 81 ? 0.9573 0.7927 1.2958 -0.0022 0.1117  0.0970  382 GLU A CD  
659 O OE1 . GLU A 81 ? 0.9595 0.7920 1.3118 -0.0026 0.1176  0.0994  382 GLU A OE1 
660 O OE2 . GLU A 81 ? 1.0106 0.8328 1.3248 0.0001  0.1114  0.1011  382 GLU A OE2 
661 N N   . ARG A 82 ? 0.4847 0.3863 0.9111 -0.0087 0.0850  0.0657  383 ARG A N   
662 C CA  . ARG A 82 ? 0.5611 0.4709 1.0120 -0.0093 0.0827  0.0615  383 ARG A CA  
663 C C   . ARG A 82 ? 0.7974 0.7294 1.2652 -0.0092 0.0752  0.0526  383 ARG A C   
664 O O   . ARG A 82 ? 0.7934 0.7325 1.2520 -0.0090 0.0695  0.0487  383 ARG A O   
665 C CB  . ARG A 82 ? 0.4547 0.3503 0.9009 -0.0087 0.0784  0.0618  383 ARG A CB  
666 C CG  . ARG A 82 ? 0.3870 0.2588 0.8158 -0.0073 0.0852  0.0706  383 ARG A CG  
667 C CD  . ARG A 82 ? 0.4199 0.2757 0.8421 -0.0054 0.0804  0.0707  383 ARG A CD  
668 N NE  . ARG A 82 ? 0.4870 0.3188 0.8885 -0.0029 0.0861  0.0791  383 ARG A NE  
669 C CZ  . ARG A 82 ? 0.6183 0.4408 1.0248 -0.0030 0.0944  0.0847  383 ARG A CZ  
670 N NH1 . ARG A 82 ? 0.6796 0.4805 1.0661 -0.0004 0.0989  0.0921  383 ARG A NH1 
671 N NH2 . ARG A 82 ? 0.5526 0.3874 0.9841 -0.0056 0.0981  0.0830  383 ARG A NH2 
672 N N   . ALA A 83 ? 0.9412 0.8829 1.4328 -0.0088 0.0751  0.0491  384 ALA A N   
673 C CA  . ALA A 83 ? 0.9292 0.8901 1.4373 -0.0071 0.0680  0.0406  384 ALA A CA  
674 C C   . ALA A 83 ? 0.8728 0.8368 1.3867 -0.0071 0.0582  0.0346  384 ALA A C   
675 O O   . ALA A 83 ? 0.8507 0.8269 1.3675 -0.0053 0.0499  0.0274  384 ALA A O   
676 C CB  . ALA A 83 ? 0.9073 0.8758 1.4366 -0.0053 0.0726  0.0398  384 ALA A CB  
# 
